data_6LK2
#
_entry.id   6LK2
#
_cell.length_a   89.639
_cell.length_b   60.825
_cell.length_c   143.069
_cell.angle_alpha   90.000
_cell.angle_beta   93.750
_cell.angle_gamma   90.000
#
_symmetry.space_group_name_H-M   'P 1 21 1'
#
loop_
_entity.id
_entity.type
_entity.pdbx_description
1 polymer '3-dehydroquinate synthase'
2 non-polymer NICOTINAMIDE-ADENINE-DINUCLEOTIDE
3 non-polymer 'MAGNESIUM ION'
4 non-polymer '(1R,3R,4S,5R)-3-[3-[3,4-bis(oxidanyl)phenyl]propanoyloxy]-1,4,5-tris(oxidanyl)cyclohexane-1-carboxylic acid'
5 non-polymer 1,2-ETHANEDIOL
6 non-polymer DI(HYDROXYETHYL)ETHER
7 water water
#
_entity_poly.entity_id   1
_entity_poly.type   'polypeptide(L)'
_entity_poly.pdbx_seq_one_letter_code
;HHHHHHENLYFQGMEKVTVTLDERSYPINIAPSLYQQQDAFWPLTAGQRAMIVTNETLAPLYLHKIQTVLEVSGVKVDSI
ILPDGEQYKSLFIMNDVFTALLEKHHNRDTTLIALGGGVIGDLTGFAAASYQRGVRFIQVPTTLLSQVDSSVGGKTAVNH
PLGKNMIGAFYQPASVVIDLDCLKTLPKRELSSGLAEVIKYGIILDGEFFSWLEENIDALMALDNQAMAYCIRRCCELKA
QVVAADEKETSGLRALLNLGHTFGHAIEAEMGYGVWLHGEAVAAGMVMAAKTAELIGQFTPEQTDRVIALLKRAELPVTG
PAKMQPDDYLPHMMRDKKVMGGKLHLILPTTIGHSEMRSDVDASTVTAAISACIP
;
_entity_poly.pdbx_strand_id   A,B,C,D
#
loop_
_chem_comp.id
_chem_comp.type
_chem_comp.name
_chem_comp.formula
7LH non-polymer '(1R,3R,4S,5R)-3-[3-[3,4-bis(oxidanyl)phenyl]propanoyloxy]-1,4,5-tris(oxidanyl)cyclohexane-1-carboxylic acid' 'C16 H20 O9'
EDO non-polymer 1,2-ETHANEDIOL 'C2 H6 O2'
MG non-polymer 'MAGNESIUM ION' 'Mg 2'
NAD non-polymer NICOTINAMIDE-ADENINE-DINUCLEOTIDE 'C21 H27 N7 O14 P2'
PEG non-polymer DI(HYDROXYETHYL)ETHER 'C4 H10 O3'
#
# COMPACT_ATOMS: atom_id res chain seq x y z
N GLY A 13 -2.41 23.88 20.51
CA GLY A 13 -1.50 24.93 20.05
C GLY A 13 -1.07 24.69 18.61
N MET A 14 -0.94 23.42 18.25
CA MET A 14 -0.46 22.98 16.95
C MET A 14 -1.58 22.22 16.24
N GLU A 15 -1.94 22.68 15.04
CA GLU A 15 -2.92 21.94 14.25
C GLU A 15 -2.17 20.92 13.41
N LYS A 16 -2.82 19.77 13.16
CA LYS A 16 -2.14 18.71 12.45
C LYS A 16 -3.13 17.93 11.60
N VAL A 17 -2.77 17.72 10.34
CA VAL A 17 -3.56 16.95 9.39
C VAL A 17 -2.69 15.83 8.84
N THR A 18 -3.25 14.62 8.80
CA THR A 18 -2.58 13.48 8.20
C THR A 18 -3.23 13.17 6.86
N VAL A 19 -2.43 13.16 5.81
CA VAL A 19 -2.89 12.93 4.45
C VAL A 19 -2.38 11.57 4.00
N THR A 20 -3.30 10.74 3.51
CA THR A 20 -2.93 9.42 2.99
C THR A 20 -3.52 9.32 1.59
N LEU A 21 -2.66 9.40 0.59
CA LEU A 21 -3.05 9.30 -0.81
C LEU A 21 -1.99 8.53 -1.56
N ASP A 22 -2.43 7.84 -2.61
CA ASP A 22 -1.54 7.07 -3.49
C ASP A 22 -0.66 6.12 -2.67
N GLU A 23 -1.28 5.49 -1.68
CA GLU A 23 -0.72 4.49 -0.78
C GLU A 23 0.43 5.01 0.10
N ARG A 24 0.65 6.32 0.20
CA ARG A 24 1.59 6.86 1.17
C ARG A 24 0.89 7.86 2.08
N SER A 25 1.63 8.32 3.09
CA SER A 25 1.05 9.12 4.18
C SER A 25 2.06 10.13 4.68
N TYR A 26 1.60 11.36 4.92
CA TYR A 26 2.46 12.42 5.44
C TYR A 26 1.67 13.37 6.33
N PRO A 27 2.33 14.03 7.27
CA PRO A 27 1.63 15.01 8.12
C PRO A 27 1.75 16.44 7.62
N ILE A 28 0.73 17.22 7.93
CA ILE A 28 0.75 18.67 7.74
C ILE A 28 0.62 19.32 9.12
N ASN A 29 1.69 19.95 9.58
CA ASN A 29 1.72 20.59 10.89
C ASN A 29 1.65 22.10 10.73
N ILE A 30 0.76 22.73 11.49
CA ILE A 30 0.45 24.15 11.36
C ILE A 30 0.49 24.78 12.74
N ALA A 31 1.41 25.74 12.93
CA ALA A 31 1.52 26.46 14.19
C ALA A 31 2.38 27.70 14.03
N PRO A 32 2.17 28.74 14.83
CA PRO A 32 3.09 29.89 14.79
C PRO A 32 4.42 29.53 15.43
N SER A 33 5.49 30.09 14.86
CA SER A 33 6.85 29.79 15.30
C SER A 33 7.16 28.29 15.17
N LEU A 34 6.56 27.63 14.17
CA LEU A 34 6.78 26.20 13.99
C LEU A 34 8.19 25.90 13.51
N TYR A 35 8.85 26.85 12.85
CA TYR A 35 10.21 26.62 12.41
C TYR A 35 11.15 26.30 13.57
N GLN A 36 10.78 26.69 14.78
CA GLN A 36 11.61 26.54 15.95
C GLN A 36 11.25 25.33 16.81
N GLN A 37 10.18 24.61 16.49
CA GLN A 37 9.76 23.52 17.35
C GLN A 37 10.77 22.37 17.25
N GLN A 38 10.73 21.49 18.24
CA GLN A 38 11.69 20.40 18.43
C GLN A 38 12.04 19.63 17.15
N ASP A 39 11.17 18.70 16.74
CA ASP A 39 11.34 17.94 15.50
C ASP A 39 10.47 18.52 14.39
N ALA A 40 10.61 19.82 14.11
CA ALA A 40 9.69 20.47 13.19
C ALA A 40 9.82 19.96 11.75
N PHE A 41 11.02 19.57 11.33
CA PHE A 41 11.26 19.13 9.97
C PHE A 41 11.41 17.61 9.87
N TRP A 42 10.73 16.88 10.75
CA TRP A 42 10.56 15.44 10.58
C TRP A 42 10.06 15.15 9.16
N PRO A 43 10.52 14.05 8.52
CA PRO A 43 11.38 12.98 9.05
C PRO A 43 12.86 13.23 8.89
N LEU A 44 13.29 14.48 8.75
CA LEU A 44 14.71 14.76 8.75
C LEU A 44 15.26 14.52 10.14
N THR A 45 16.36 13.77 10.22
CA THR A 45 16.92 13.37 11.50
C THR A 45 18.42 13.66 11.48
N ALA A 46 19.00 13.70 12.67
CA ALA A 46 20.41 14.03 12.80
C ALA A 46 21.27 13.10 11.95
N GLY A 47 22.24 13.67 11.24
CA GLY A 47 23.12 12.94 10.38
C GLY A 47 22.75 12.98 8.90
N GLN A 48 21.48 13.21 8.58
CA GLN A 48 21.02 13.24 7.20
C GLN A 48 21.35 14.58 6.55
N ARG A 49 21.23 14.64 5.22
CA ARG A 49 21.47 15.86 4.49
C ARG A 49 20.17 16.44 3.94
N ALA A 50 20.19 17.73 3.68
CA ALA A 50 19.04 18.44 3.15
C ALA A 50 19.50 19.52 2.19
N MET A 51 18.74 19.72 1.12
CA MET A 51 18.97 20.80 0.17
C MET A 51 17.73 21.68 0.15
N ILE A 52 17.89 22.94 0.54
CA ILE A 52 16.78 23.88 0.60
C ILE A 52 16.73 24.64 -0.73
N VAL A 53 15.55 24.65 -1.36
CA VAL A 53 15.32 25.42 -2.57
C VAL A 53 14.39 26.58 -2.20
N THR A 54 14.84 27.79 -2.49
CA THR A 54 14.06 28.99 -2.21
C THR A 54 14.37 30.02 -3.29
N ASN A 55 13.66 31.14 -3.26
CA ASN A 55 13.86 32.19 -4.25
C ASN A 55 14.51 33.42 -3.62
N GLU A 56 14.84 34.38 -4.49
CA GLU A 56 15.61 35.55 -4.08
C GLU A 56 14.84 36.42 -3.09
N THR A 57 13.50 36.39 -3.14
CA THR A 57 12.70 37.15 -2.19
C THR A 57 12.71 36.50 -0.81
N LEU A 58 12.54 35.19 -0.74
CA LEU A 58 12.39 34.52 0.56
C LEU A 58 13.72 34.28 1.25
N ALA A 59 14.82 34.18 0.48
CA ALA A 59 16.12 33.86 1.06
C ALA A 59 16.54 34.82 2.18
N PRO A 60 16.56 36.14 2.00
CA PRO A 60 16.93 37.01 3.13
C PRO A 60 15.96 36.94 4.30
N LEU A 61 14.73 36.51 4.06
CA LEU A 61 13.72 36.51 5.13
C LEU A 61 13.78 35.23 5.98
N TYR A 62 13.89 34.06 5.34
CA TYR A 62 13.71 32.80 6.07
C TYR A 62 14.80 31.76 5.87
N LEU A 63 15.67 31.87 4.86
CA LEU A 63 16.66 30.83 4.63
C LEU A 63 17.57 30.64 5.83
N HIS A 64 18.12 31.74 6.38
CA HIS A 64 19.08 31.61 7.47
C HIS A 64 18.47 30.99 8.71
N LYS A 65 17.23 31.34 9.04
CA LYS A 65 16.56 30.75 10.19
C LYS A 65 16.37 29.25 9.98
N ILE A 66 15.86 28.86 8.81
CA ILE A 66 15.63 27.45 8.52
C ILE A 66 16.94 26.69 8.49
N GLN A 67 17.99 27.29 7.93
CA GLN A 67 19.29 26.62 7.88
C GLN A 67 19.85 26.33 9.26
N THR A 68 19.76 27.30 10.18
CA THR A 68 20.38 27.09 11.49
C THR A 68 19.58 26.11 12.33
N VAL A 69 18.25 26.19 12.26
CA VAL A 69 17.40 25.26 13.00
C VAL A 69 17.66 23.83 12.55
N LEU A 70 17.95 23.62 11.27
CA LEU A 70 18.25 22.28 10.78
C LEU A 70 19.63 21.84 11.25
N GLU A 71 20.61 22.74 11.20
CA GLU A 71 21.96 22.43 11.69
C GLU A 71 21.96 22.17 13.19
N VAL A 72 21.10 22.86 13.95
CA VAL A 72 20.97 22.58 15.37
C VAL A 72 20.54 21.13 15.60
N SER A 73 19.72 20.57 14.72
CA SER A 73 19.23 19.21 14.88
C SER A 73 20.14 18.18 14.23
N GLY A 74 21.32 18.58 13.77
CA GLY A 74 22.26 17.64 13.23
C GLY A 74 22.14 17.39 11.74
N VAL A 75 21.45 18.24 11.00
CA VAL A 75 21.28 18.07 9.56
C VAL A 75 22.34 18.88 8.85
N LYS A 76 22.93 18.29 7.80
CA LYS A 76 23.91 18.96 6.97
C LYS A 76 23.14 19.66 5.86
N VAL A 77 23.33 20.96 5.72
CA VAL A 77 22.40 21.77 4.94
C VAL A 77 23.15 22.45 3.80
N ASP A 78 22.65 22.28 2.59
CA ASP A 78 22.99 23.10 1.43
C ASP A 78 21.74 23.85 0.98
N SER A 79 21.93 24.81 0.08
CA SER A 79 20.83 25.61 -0.42
C SER A 79 21.14 26.11 -1.82
N ILE A 80 20.08 26.49 -2.52
CA ILE A 80 20.16 27.12 -3.84
C ILE A 80 19.07 28.17 -3.92
N ILE A 81 19.42 29.36 -4.42
CA ILE A 81 18.51 30.49 -4.47
C ILE A 81 18.15 30.70 -5.92
N LEU A 82 16.88 30.53 -6.25
CA LEU A 82 16.43 30.73 -7.61
C LEU A 82 15.82 32.12 -7.75
N PRO A 83 15.71 32.64 -8.97
CA PRO A 83 15.02 33.92 -9.15
C PRO A 83 13.54 33.80 -8.84
N ASP A 84 12.95 34.93 -8.47
CA ASP A 84 11.53 34.98 -8.11
C ASP A 84 10.71 35.18 -9.38
N GLY A 85 9.81 34.24 -9.66
CA GLY A 85 8.88 34.44 -10.74
C GLY A 85 8.26 33.20 -11.34
N GLU A 86 7.00 33.33 -11.78
CA GLU A 86 6.36 32.25 -12.52
C GLU A 86 7.07 32.00 -13.84
N GLN A 87 7.68 33.05 -14.42
CA GLN A 87 8.42 32.91 -15.67
C GLN A 87 9.68 32.06 -15.50
N TYR A 88 10.14 31.87 -14.27
CA TYR A 88 11.27 31.01 -13.96
C TYR A 88 10.85 29.59 -13.55
N LYS A 89 9.56 29.28 -13.59
CA LYS A 89 9.11 27.91 -13.34
C LYS A 89 9.34 27.08 -14.61
N SER A 90 10.62 26.85 -14.89
CA SER A 90 11.05 26.28 -16.15
C SER A 90 11.88 25.02 -15.92
N LEU A 91 11.93 24.18 -16.95
CA LEU A 91 12.79 23.00 -16.92
C LEU A 91 14.27 23.39 -16.79
N PHE A 92 14.66 24.53 -17.38
CA PHE A 92 16.05 24.96 -17.31
C PHE A 92 16.44 25.51 -15.95
N ILE A 93 15.50 26.12 -15.22
CA ILE A 93 15.80 26.54 -13.85
C ILE A 93 15.91 25.32 -12.94
N MET A 94 15.02 24.34 -13.13
CA MET A 94 15.08 23.10 -12.36
C MET A 94 16.38 22.37 -12.60
N ASN A 95 16.95 22.49 -13.80
CA ASN A 95 18.27 21.91 -14.07
C ASN A 95 19.31 22.42 -13.07
N ASP A 96 19.23 23.70 -12.70
CA ASP A 96 20.19 24.27 -11.76
C ASP A 96 20.16 23.57 -10.41
N VAL A 97 18.97 23.12 -9.98
CA VAL A 97 18.89 22.35 -8.74
C VAL A 97 19.64 21.03 -8.86
N PHE A 98 19.50 20.34 -9.99
CA PHE A 98 20.24 19.10 -10.20
C PHE A 98 21.74 19.36 -10.11
N THR A 99 22.20 20.48 -10.69
CA THR A 99 23.63 20.81 -10.62
C THR A 99 24.07 21.06 -9.19
N ALA A 100 23.28 21.82 -8.43
CA ALA A 100 23.60 22.08 -7.03
C ALA A 100 23.66 20.79 -6.23
N LEU A 101 22.72 19.88 -6.45
CA LEU A 101 22.71 18.61 -5.74
C LEU A 101 23.94 17.78 -6.08
N LEU A 102 24.34 17.79 -7.35
CA LEU A 102 25.45 16.95 -7.80
C LEU A 102 26.80 17.53 -7.41
N GLU A 103 26.96 18.85 -7.52
CA GLU A 103 28.18 19.50 -7.07
C GLU A 103 28.47 19.23 -5.60
N LYS A 104 27.44 19.06 -4.80
CA LYS A 104 27.59 18.78 -3.38
C LYS A 104 27.43 17.30 -3.05
N HIS A 105 27.43 16.43 -4.06
CA HIS A 105 27.41 14.97 -3.89
C HIS A 105 26.22 14.51 -3.06
N HIS A 106 25.05 15.08 -3.32
CA HIS A 106 23.83 14.61 -2.69
C HIS A 106 23.40 13.30 -3.35
N ASN A 107 23.23 12.26 -2.54
CA ASN A 107 22.85 10.95 -3.07
C ASN A 107 21.34 10.76 -2.92
N ARG A 108 20.88 9.51 -3.07
CA ARG A 108 19.45 9.24 -3.06
C ARG A 108 18.79 9.43 -1.70
N ASP A 109 19.57 9.52 -0.63
CA ASP A 109 19.05 9.67 0.72
C ASP A 109 18.81 11.13 1.11
N THR A 110 19.15 12.09 0.25
CA THR A 110 19.00 13.49 0.59
C THR A 110 17.51 13.85 0.67
N THR A 111 17.25 15.05 1.18
CA THR A 111 15.90 15.59 1.25
C THR A 111 15.87 16.96 0.60
N LEU A 112 14.94 17.17 -0.32
CA LEU A 112 14.75 18.46 -0.94
C LEU A 112 13.69 19.23 -0.15
N ILE A 113 14.00 20.48 0.18
CA ILE A 113 13.12 21.33 0.98
C ILE A 113 12.66 22.51 0.13
N ALA A 114 11.36 22.59 -0.14
CA ALA A 114 10.76 23.68 -0.90
C ALA A 114 10.37 24.79 0.07
N LEU A 115 11.25 25.77 0.22
CA LEU A 115 10.99 26.94 1.05
C LEU A 115 10.53 28.06 0.13
N GLY A 116 9.23 28.26 0.04
CA GLY A 116 8.68 29.25 -0.87
C GLY A 116 7.19 29.04 -1.06
N GLY A 117 6.67 29.71 -2.09
CA GLY A 117 5.28 29.60 -2.45
C GLY A 117 5.00 28.44 -3.38
N GLY A 118 3.88 28.53 -4.10
CA GLY A 118 3.50 27.46 -5.00
C GLY A 118 4.49 27.23 -6.13
N VAL A 119 5.16 28.30 -6.58
CA VAL A 119 6.14 28.20 -7.66
C VAL A 119 7.32 27.35 -7.22
N ILE A 120 7.96 27.74 -6.10
CA ILE A 120 9.03 26.94 -5.55
C ILE A 120 8.52 25.53 -5.22
N GLY A 121 7.28 25.45 -4.73
CA GLY A 121 6.72 24.15 -4.37
C GLY A 121 6.64 23.20 -5.56
N ASP A 122 6.10 23.69 -6.67
CA ASP A 122 5.95 22.85 -7.86
C ASP A 122 7.31 22.44 -8.42
N LEU A 123 8.22 23.41 -8.57
CA LEU A 123 9.51 23.13 -9.17
C LEU A 123 10.34 22.19 -8.29
N THR A 124 10.37 22.44 -6.98
CA THR A 124 11.14 21.58 -6.09
C THR A 124 10.53 20.19 -6.03
N GLY A 125 9.20 20.09 -6.09
CA GLY A 125 8.55 18.79 -6.07
C GLY A 125 8.94 17.93 -7.26
N PHE A 126 8.93 18.53 -8.45
CA PHE A 126 9.32 17.81 -9.65
C PHE A 126 10.82 17.48 -9.65
N ALA A 127 11.63 18.34 -9.03
CA ALA A 127 13.05 18.04 -8.87
C ALA A 127 13.26 16.84 -7.96
N ALA A 128 12.47 16.76 -6.88
CA ALA A 128 12.59 15.62 -5.99
C ALA A 128 12.09 14.33 -6.64
N ALA A 129 11.05 14.43 -7.47
CA ALA A 129 10.58 13.28 -8.22
C ALA A 129 11.64 12.77 -9.20
N SER A 130 12.40 13.69 -9.82
CA SER A 130 13.25 13.35 -10.94
C SER A 130 14.69 13.03 -10.55
N TYR A 131 15.20 13.62 -9.46
CA TYR A 131 16.59 13.43 -9.08
C TYR A 131 16.80 11.98 -8.65
N GLN A 132 17.61 11.26 -9.42
CA GLN A 132 17.86 9.83 -9.21
C GLN A 132 16.55 9.04 -9.17
N ARG A 133 15.58 9.50 -9.96
CA ARG A 133 14.26 8.90 -10.07
C ARG A 133 13.47 8.96 -8.76
N GLY A 134 13.84 9.85 -7.84
CA GLY A 134 13.04 10.06 -6.65
C GLY A 134 13.80 10.13 -5.33
N VAL A 135 13.75 11.29 -4.66
CA VAL A 135 14.34 11.48 -3.34
C VAL A 135 13.27 12.08 -2.43
N ARG A 136 13.58 12.11 -1.13
CA ARG A 136 12.62 12.63 -0.18
C ARG A 136 12.44 14.13 -0.35
N PHE A 137 11.29 14.63 0.09
CA PHE A 137 10.81 15.95 -0.31
C PHE A 137 9.91 16.52 0.77
N ILE A 138 10.31 17.64 1.36
CA ILE A 138 9.55 18.30 2.42
C ILE A 138 9.12 19.68 1.94
N GLN A 139 7.83 20.00 2.13
CA GLN A 139 7.26 21.27 1.73
C GLN A 139 7.28 22.27 2.89
N VAL A 140 7.75 23.48 2.62
CA VAL A 140 7.64 24.58 3.57
C VAL A 140 6.94 25.75 2.88
N PRO A 141 5.61 25.70 2.73
CA PRO A 141 4.92 26.74 1.96
C PRO A 141 4.83 28.05 2.71
N THR A 142 5.03 29.15 1.99
CA THR A 142 5.06 30.48 2.58
C THR A 142 3.98 31.42 2.04
N THR A 143 3.12 30.95 1.14
CA THR A 143 1.94 31.70 0.76
C THR A 143 0.71 30.96 1.27
N LEU A 144 -0.34 31.72 1.57
CA LEU A 144 -1.59 31.09 1.96
C LEU A 144 -2.11 30.18 0.85
N LEU A 145 -1.96 30.61 -0.41
CA LEU A 145 -2.36 29.79 -1.55
C LEU A 145 -1.71 28.42 -1.48
N SER A 146 -0.38 28.38 -1.37
CA SER A 146 0.31 27.10 -1.39
C SER A 146 0.06 26.30 -0.12
N GLN A 147 -0.28 26.98 0.99
CA GLN A 147 -0.54 26.26 2.23
C GLN A 147 -1.84 25.44 2.15
N VAL A 148 -2.88 25.98 1.51
CA VAL A 148 -4.18 25.35 1.43
C VAL A 148 -4.44 24.65 0.11
N ASP A 149 -3.52 24.77 -0.84
CA ASP A 149 -3.71 24.20 -2.17
C ASP A 149 -2.56 23.28 -2.54
N SER A 150 -1.34 23.82 -2.59
CA SER A 150 -0.19 23.04 -3.04
C SER A 150 0.18 21.92 -2.08
N SER A 151 -0.30 21.96 -0.84
CA SER A 151 0.10 20.98 0.16
C SER A 151 -0.59 19.63 0.02
N VAL A 152 -1.56 19.49 -0.87
CA VAL A 152 -2.32 18.25 -1.03
C VAL A 152 -2.58 18.02 -2.52
N GLY A 153 -2.41 16.79 -2.96
CA GLY A 153 -2.73 16.38 -4.32
C GLY A 153 -1.57 15.82 -5.12
N GLY A 154 -0.33 16.09 -4.71
CA GLY A 154 0.83 15.49 -5.33
C GLY A 154 1.22 16.04 -6.69
N LYS A 155 0.45 16.99 -7.24
CA LYS A 155 0.78 17.55 -8.54
C LYS A 155 2.05 18.39 -8.44
N THR A 156 3.07 18.04 -9.21
CA THR A 156 4.24 18.87 -9.40
C THR A 156 4.42 19.09 -10.89
N ALA A 157 5.04 20.21 -11.24
CA ALA A 157 5.17 20.56 -12.66
C ALA A 157 6.05 21.79 -12.79
N VAL A 158 6.59 21.96 -14.00
CA VAL A 158 7.13 23.22 -14.46
C VAL A 158 6.35 23.62 -15.72
N ASN A 159 6.59 24.83 -16.18
CA ASN A 159 5.91 25.30 -17.37
C ASN A 159 6.73 24.99 -18.62
N HIS A 160 6.03 24.96 -19.74
CA HIS A 160 6.60 24.95 -21.08
C HIS A 160 6.16 26.23 -21.79
N PRO A 161 6.99 26.77 -22.68
CA PRO A 161 6.58 27.98 -23.40
C PRO A 161 5.24 27.85 -24.09
N LEU A 162 4.84 26.63 -24.43
CA LEU A 162 3.56 26.37 -25.11
C LEU A 162 2.49 25.86 -24.16
N GLY A 163 2.67 26.02 -22.85
CA GLY A 163 1.66 25.51 -21.93
C GLY A 163 2.12 25.41 -20.48
N LYS A 164 1.29 25.91 -19.56
CA LYS A 164 1.65 25.90 -18.16
C LYS A 164 1.43 24.52 -17.54
N ASN A 165 2.39 24.09 -16.72
CA ASN A 165 2.28 22.86 -15.96
C ASN A 165 2.13 21.64 -16.86
N MET A 166 2.82 21.63 -18.00
CA MET A 166 2.74 20.54 -18.94
C MET A 166 3.88 19.54 -18.80
N ILE A 167 4.82 19.78 -17.89
CA ILE A 167 5.90 18.86 -17.59
C ILE A 167 5.97 18.70 -16.09
N GLY A 168 5.66 17.51 -15.59
CA GLY A 168 5.73 17.29 -14.17
C GLY A 168 5.55 15.84 -13.80
N ALA A 169 5.24 15.63 -12.52
CA ALA A 169 5.10 14.29 -11.98
C ALA A 169 4.16 14.35 -10.80
N PHE A 170 3.47 13.24 -10.56
CA PHE A 170 2.74 13.05 -9.31
C PHE A 170 3.70 12.56 -8.24
N TYR A 171 3.80 13.31 -7.14
CA TYR A 171 4.84 13.05 -6.15
C TYR A 171 4.42 13.67 -4.82
N GLN A 172 4.32 12.85 -3.77
CA GLN A 172 3.85 13.30 -2.47
C GLN A 172 5.03 13.72 -1.59
N PRO A 173 4.84 14.73 -0.75
CA PRO A 173 5.91 15.10 0.20
C PRO A 173 5.95 14.16 1.39
N ALA A 174 7.08 14.20 2.09
CA ALA A 174 7.21 13.44 3.33
C ALA A 174 6.55 14.15 4.51
N SER A 175 6.40 15.46 4.44
CA SER A 175 5.73 16.26 5.46
C SER A 175 5.57 17.67 4.93
N VAL A 176 4.69 18.44 5.58
CA VAL A 176 4.43 19.83 5.23
C VAL A 176 4.57 20.66 6.50
N VAL A 177 5.42 21.67 6.46
CA VAL A 177 5.75 22.49 7.62
C VAL A 177 5.20 23.89 7.38
N ILE A 178 4.10 24.22 8.06
CA ILE A 178 3.44 25.51 7.91
C ILE A 178 3.62 26.31 9.20
N ASP A 179 4.61 27.20 9.21
CA ASP A 179 4.79 28.19 10.27
C ASP A 179 3.97 29.43 9.90
N LEU A 180 2.99 29.78 10.74
CA LEU A 180 2.11 30.90 10.42
C LEU A 180 2.84 32.24 10.41
N ASP A 181 4.01 32.32 11.07
CA ASP A 181 4.74 33.58 11.13
C ASP A 181 5.13 34.10 9.75
N CYS A 182 5.41 33.18 8.81
CA CYS A 182 5.82 33.58 7.48
C CYS A 182 4.75 34.38 6.75
N LEU A 183 3.49 34.29 7.17
CA LEU A 183 2.44 35.11 6.57
C LEU A 183 2.59 36.59 6.90
N LYS A 184 3.33 36.93 7.96
CA LYS A 184 3.46 38.34 8.35
C LYS A 184 4.10 39.16 7.25
N THR A 185 5.01 38.56 6.50
CA THR A 185 5.72 39.25 5.42
C THR A 185 5.01 39.12 4.06
N LEU A 186 3.95 38.33 3.98
CA LEU A 186 3.34 38.08 2.67
C LEU A 186 2.53 39.32 2.24
N PRO A 187 2.77 39.83 1.03
CA PRO A 187 1.96 40.95 0.55
C PRO A 187 0.48 40.69 0.76
N LYS A 188 -0.23 41.72 1.23
CA LYS A 188 -1.62 41.54 1.61
C LYS A 188 -2.48 41.18 0.41
N ARG A 189 -2.05 41.58 -0.80
CA ARG A 189 -2.77 41.18 -2.00
C ARG A 189 -2.66 39.67 -2.23
N GLU A 190 -1.50 39.09 -1.91
CA GLU A 190 -1.34 37.64 -2.03
C GLU A 190 -2.20 36.90 -1.00
N LEU A 191 -2.30 37.44 0.21
CA LEU A 191 -3.09 36.78 1.26
C LEU A 191 -4.57 36.71 0.89
N SER A 192 -5.10 37.76 0.29
CA SER A 192 -6.48 37.71 -0.20
C SER A 192 -6.60 36.76 -1.38
N SER A 193 -5.57 36.71 -2.23
CA SER A 193 -5.58 35.76 -3.34
C SER A 193 -5.71 34.33 -2.82
N GLY A 194 -4.94 33.99 -1.78
CA GLY A 194 -5.07 32.68 -1.16
C GLY A 194 -6.45 32.47 -0.55
N LEU A 195 -7.04 33.52 0.01
CA LEU A 195 -8.34 33.39 0.66
C LEU A 195 -9.45 33.07 -0.31
N ALA A 196 -9.27 33.38 -1.60
CA ALA A 196 -10.24 32.97 -2.61
C ALA A 196 -10.40 31.45 -2.67
N GLU A 197 -9.27 30.74 -2.57
CA GLU A 197 -9.30 29.28 -2.57
C GLU A 197 -9.83 28.74 -1.25
N VAL A 198 -9.58 29.45 -0.14
CA VAL A 198 -10.16 29.08 1.14
C VAL A 198 -11.68 29.14 1.06
N ILE A 199 -12.21 30.22 0.47
CA ILE A 199 -13.66 30.36 0.34
C ILE A 199 -14.20 29.36 -0.67
N LYS A 200 -13.40 28.98 -1.68
CA LYS A 200 -13.86 27.99 -2.65
C LYS A 200 -14.17 26.67 -1.97
N TYR A 201 -13.35 26.25 -1.00
CA TYR A 201 -13.60 25.01 -0.29
C TYR A 201 -14.94 25.04 0.43
N GLY A 202 -15.29 26.20 1.02
CA GLY A 202 -16.58 26.32 1.68
C GLY A 202 -17.75 26.14 0.73
N ILE A 203 -17.64 26.69 -0.48
CA ILE A 203 -18.75 26.64 -1.43
C ILE A 203 -18.93 25.25 -2.02
N ILE A 204 -17.83 24.54 -2.30
CA ILE A 204 -17.98 23.27 -3.00
C ILE A 204 -18.13 22.06 -2.07
N LEU A 205 -17.72 22.16 -0.80
CA LEU A 205 -17.64 20.94 0.00
C LEU A 205 -18.09 21.06 1.44
N ASP A 206 -18.04 22.23 2.08
CA ASP A 206 -18.38 22.33 3.50
C ASP A 206 -19.14 23.63 3.74
N GLY A 207 -20.47 23.55 3.81
CA GLY A 207 -21.25 24.74 4.10
C GLY A 207 -20.94 25.34 5.47
N GLU A 208 -20.73 24.48 6.47
CA GLU A 208 -20.43 24.98 7.81
C GLU A 208 -19.10 25.74 7.85
N PHE A 209 -18.10 25.28 7.09
CA PHE A 209 -16.84 26.02 6.98
C PHE A 209 -17.07 27.39 6.36
N PHE A 210 -17.92 27.45 5.33
CA PHE A 210 -18.30 28.76 4.78
C PHE A 210 -18.90 29.64 5.86
N SER A 211 -19.86 29.11 6.62
CA SER A 211 -20.43 29.88 7.73
C SER A 211 -19.36 30.28 8.73
N TRP A 212 -18.45 29.34 9.06
CA TRP A 212 -17.34 29.70 9.91
C TRP A 212 -16.53 30.84 9.32
N LEU A 213 -16.39 30.86 7.99
CA LEU A 213 -15.61 31.89 7.33
C LEU A 213 -16.33 33.23 7.37
N GLU A 214 -17.67 33.19 7.29
CA GLU A 214 -18.47 34.40 7.40
C GLU A 214 -18.26 35.09 8.75
N GLU A 215 -17.91 34.31 9.78
CA GLU A 215 -17.77 34.85 11.13
C GLU A 215 -16.33 35.03 11.58
N ASN A 216 -15.34 34.61 10.76
CA ASN A 216 -13.93 34.76 11.11
C ASN A 216 -13.08 35.38 10.02
N ILE A 217 -13.66 35.76 8.88
CA ILE A 217 -12.88 36.37 7.80
C ILE A 217 -12.07 37.56 8.31
N ASP A 218 -12.64 38.36 9.22
CA ASP A 218 -11.93 39.53 9.72
C ASP A 218 -10.72 39.12 10.55
N ALA A 219 -10.84 38.02 11.30
CA ALA A 219 -9.69 37.51 12.05
C ALA A 219 -8.62 36.97 11.13
N LEU A 220 -9.01 36.29 10.05
CA LEU A 220 -8.04 35.79 9.09
C LEU A 220 -7.33 36.93 8.37
N MET A 221 -8.09 37.98 7.99
CA MET A 221 -7.48 39.14 7.36
C MET A 221 -6.50 39.84 8.29
N ALA A 222 -6.68 39.69 9.60
CA ALA A 222 -5.76 40.23 10.60
C ALA A 222 -4.66 39.24 10.96
N LEU A 223 -4.62 38.07 10.33
CA LEU A 223 -3.60 37.05 10.59
C LEU A 223 -3.67 36.53 12.03
N ASP A 224 -4.89 36.28 12.51
CA ASP A 224 -5.08 35.69 13.82
C ASP A 224 -4.57 34.26 13.84
N ASN A 225 -3.61 33.97 14.72
CA ASN A 225 -2.98 32.65 14.78
C ASN A 225 -4.00 31.52 14.91
N GLN A 226 -4.98 31.69 15.79
CA GLN A 226 -5.90 30.58 16.07
C GLN A 226 -6.89 30.38 14.93
N ALA A 227 -7.35 31.48 14.32
CA ALA A 227 -8.25 31.37 13.19
C ALA A 227 -7.52 30.87 11.94
N MET A 228 -6.32 31.40 11.69
CA MET A 228 -5.56 30.98 10.53
C MET A 228 -5.16 29.51 10.63
N ALA A 229 -4.80 29.06 11.84
CA ALA A 229 -4.41 27.66 12.02
C ALA A 229 -5.56 26.72 11.68
N TYR A 230 -6.77 27.02 12.17
CA TYR A 230 -7.90 26.15 11.87
C TYR A 230 -8.29 26.24 10.39
N CYS A 231 -8.22 27.45 9.81
CA CYS A 231 -8.52 27.64 8.40
C CYS A 231 -7.67 26.75 7.51
N ILE A 232 -6.34 26.83 7.68
CA ILE A 232 -5.43 26.00 6.88
C ILE A 232 -5.66 24.51 7.15
N ARG A 233 -5.88 24.16 8.41
CA ARG A 233 -6.13 22.76 8.79
C ARG A 233 -7.34 22.22 8.05
N ARG A 234 -8.42 22.98 8.02
CA ARG A 234 -9.69 22.50 7.46
C ARG A 234 -9.63 22.42 5.94
N CYS A 235 -8.97 23.39 5.29
CA CYS A 235 -8.83 23.39 3.84
C CYS A 235 -8.01 22.19 3.36
N CYS A 236 -6.92 21.88 4.08
CA CYS A 236 -6.14 20.68 3.78
C CYS A 236 -6.98 19.42 3.93
N GLU A 237 -7.78 19.33 5.00
CA GLU A 237 -8.68 18.18 5.15
C GLU A 237 -9.65 18.08 3.98
N LEU A 238 -10.20 19.23 3.55
CA LEU A 238 -11.23 19.20 2.51
C LEU A 238 -10.65 18.81 1.16
N LYS A 239 -9.44 19.28 0.83
CA LYS A 239 -8.83 18.88 -0.44
C LYS A 239 -8.42 17.42 -0.39
N ALA A 240 -7.84 16.98 0.73
CA ALA A 240 -7.47 15.58 0.90
C ALA A 240 -8.67 14.66 0.71
N GLN A 241 -9.83 15.06 1.24
CA GLN A 241 -11.02 14.22 1.08
C GLN A 241 -11.44 14.10 -0.37
N VAL A 242 -11.42 15.20 -1.12
CA VAL A 242 -11.95 15.16 -2.48
C VAL A 242 -10.96 14.49 -3.43
N VAL A 243 -9.67 14.50 -3.07
CA VAL A 243 -8.67 13.76 -3.84
C VAL A 243 -8.73 12.27 -3.52
N ALA A 244 -8.94 11.92 -2.24
CA ALA A 244 -8.99 10.51 -1.85
C ALA A 244 -10.19 9.79 -2.45
N ALA A 245 -11.31 10.50 -2.62
CA ALA A 245 -12.49 9.87 -3.22
C ALA A 245 -12.32 9.66 -4.72
N ASP A 246 -11.56 10.52 -5.39
CA ASP A 246 -11.42 10.44 -6.84
C ASP A 246 -10.43 9.36 -7.26
N GLU A 247 -9.23 9.37 -6.69
CA GLU A 247 -8.18 8.45 -7.11
C GLU A 247 -8.35 7.09 -6.44
N GLY A 252 -13.98 11.53 -11.31
CA GLY A 252 -13.62 12.88 -11.72
C GLY A 252 -13.97 13.91 -10.66
N LEU A 253 -14.02 13.48 -9.40
CA LEU A 253 -14.48 14.34 -8.31
C LEU A 253 -13.50 15.47 -8.05
N ARG A 254 -12.22 15.23 -8.33
CA ARG A 254 -11.22 16.27 -8.15
C ARG A 254 -11.48 17.48 -9.04
N ALA A 255 -12.35 17.35 -10.06
CA ALA A 255 -12.68 18.48 -10.91
C ALA A 255 -13.45 19.56 -10.17
N LEU A 256 -14.12 19.22 -9.06
CA LEU A 256 -14.87 20.22 -8.30
C LEU A 256 -13.97 21.35 -7.78
N LEU A 257 -12.66 21.12 -7.73
CA LEU A 257 -11.71 22.14 -7.29
C LEU A 257 -11.54 23.27 -8.30
N ASN A 258 -12.11 23.15 -9.50
CA ASN A 258 -12.04 24.19 -10.52
C ASN A 258 -13.26 25.11 -10.50
N LEU A 259 -13.93 25.23 -9.36
CA LEU A 259 -15.00 26.20 -9.24
C LEU A 259 -14.43 27.61 -9.41
N GLY A 260 -15.04 28.37 -10.32
CA GLY A 260 -14.57 29.70 -10.65
C GLY A 260 -13.31 29.76 -11.47
N HIS A 261 -12.76 28.61 -11.86
CA HIS A 261 -11.51 28.57 -12.61
C HIS A 261 -11.68 28.69 -14.13
N THR A 262 -12.84 28.31 -14.67
CA THR A 262 -13.07 28.50 -16.11
C THR A 262 -13.28 29.98 -16.44
N PHE A 263 -14.14 30.66 -15.69
CA PHE A 263 -14.26 32.10 -15.83
C PHE A 263 -12.96 32.80 -15.46
N GLY A 264 -12.30 32.30 -14.41
CA GLY A 264 -11.05 32.89 -13.97
C GLY A 264 -9.94 32.77 -14.99
N HIS A 265 -9.86 31.63 -15.68
CA HIS A 265 -8.85 31.47 -16.73
C HIS A 265 -9.03 32.52 -17.83
N ALA A 266 -10.26 32.75 -18.25
CA ALA A 266 -10.54 33.78 -19.26
C ALA A 266 -9.99 35.12 -18.82
N ILE A 267 -10.24 35.50 -17.56
CA ILE A 267 -9.72 36.76 -17.05
C ILE A 267 -8.19 36.75 -17.04
N GLU A 268 -7.58 35.68 -16.52
CA GLU A 268 -6.12 35.62 -16.46
C GLU A 268 -5.51 35.64 -17.86
N ALA A 269 -6.13 34.95 -18.81
CA ALA A 269 -5.60 34.88 -20.16
C ALA A 269 -5.76 36.20 -20.89
N GLU A 270 -6.94 36.82 -20.79
CA GLU A 270 -7.24 38.04 -21.54
C GLU A 270 -6.56 39.26 -20.96
N MET A 271 -6.38 39.32 -19.64
CA MET A 271 -5.77 40.48 -19.01
C MET A 271 -4.25 40.39 -18.97
N GLY A 272 -3.71 39.19 -19.05
CA GLY A 272 -2.29 38.98 -18.91
C GLY A 272 -1.96 38.59 -17.49
N TYR A 273 -0.96 37.73 -17.34
CA TYR A 273 -0.60 37.25 -16.02
C TYR A 273 -0.03 38.38 -15.18
N GLY A 274 -0.02 38.18 -13.86
CA GLY A 274 0.48 39.18 -12.94
C GLY A 274 -0.43 40.38 -12.75
N VAL A 275 -1.28 40.68 -13.73
CA VAL A 275 -2.19 41.81 -13.60
C VAL A 275 -3.28 41.49 -12.59
N TRP A 276 -4.02 40.41 -12.84
CA TRP A 276 -4.91 39.80 -11.86
C TRP A 276 -4.19 38.60 -11.25
N LEU A 277 -4.14 38.54 -9.92
CA LEU A 277 -3.61 37.34 -9.31
C LEU A 277 -4.59 36.18 -9.53
N HIS A 278 -4.07 34.95 -9.49
CA HIS A 278 -4.90 33.80 -9.75
C HIS A 278 -6.13 33.80 -8.85
N GLY A 279 -5.93 34.05 -7.55
CA GLY A 279 -7.05 34.03 -6.63
C GLY A 279 -8.09 35.09 -6.94
N GLU A 280 -7.64 36.27 -7.38
CA GLU A 280 -8.57 37.34 -7.75
C GLU A 280 -9.46 36.92 -8.93
N ALA A 281 -8.88 36.26 -9.93
CA ALA A 281 -9.68 35.77 -11.05
C ALA A 281 -10.64 34.68 -10.61
N VAL A 282 -10.21 33.81 -9.69
CA VAL A 282 -11.10 32.75 -9.22
C VAL A 282 -12.26 33.34 -8.43
N ALA A 283 -12.02 34.42 -7.67
CA ALA A 283 -13.09 35.02 -6.88
C ALA A 283 -14.23 35.51 -7.77
N ALA A 284 -13.92 36.30 -8.80
CA ALA A 284 -14.96 36.75 -9.72
C ALA A 284 -15.55 35.59 -10.53
N GLY A 285 -14.76 34.54 -10.77
CA GLY A 285 -15.28 33.39 -11.48
C GLY A 285 -16.26 32.59 -10.66
N MET A 286 -16.03 32.50 -9.34
CA MET A 286 -16.99 31.82 -8.48
C MET A 286 -18.33 32.56 -8.45
N VAL A 287 -18.28 33.90 -8.44
CA VAL A 287 -19.50 34.70 -8.53
C VAL A 287 -20.23 34.39 -9.83
N MET A 288 -19.49 34.42 -10.95
CA MET A 288 -20.10 34.12 -12.24
C MET A 288 -20.63 32.70 -12.30
N ALA A 289 -19.97 31.77 -11.61
CA ALA A 289 -20.46 30.40 -11.55
C ALA A 289 -21.71 30.30 -10.69
N ALA A 290 -21.75 31.07 -9.60
CA ALA A 290 -22.95 31.14 -8.78
C ALA A 290 -24.12 31.71 -9.60
N LYS A 291 -23.83 32.70 -10.45
CA LYS A 291 -24.87 33.28 -11.29
C LYS A 291 -25.31 32.32 -12.39
N THR A 292 -24.42 31.45 -12.86
CA THR A 292 -24.85 30.44 -13.81
C THR A 292 -25.71 29.37 -13.14
N ALA A 293 -25.47 29.09 -11.86
CA ALA A 293 -26.30 28.16 -11.12
C ALA A 293 -27.72 28.69 -10.90
N GLU A 294 -27.87 30.01 -10.74
CA GLU A 294 -29.22 30.58 -10.62
C GLU A 294 -29.98 30.49 -11.92
N LEU A 295 -29.31 30.78 -13.04
CA LEU A 295 -29.95 30.80 -14.35
C LEU A 295 -30.51 29.44 -14.72
N ILE A 296 -29.78 28.36 -14.42
CA ILE A 296 -30.28 27.03 -14.71
C ILE A 296 -31.36 26.60 -13.72
N GLY A 297 -31.46 27.27 -12.57
CA GLY A 297 -32.51 27.02 -11.62
C GLY A 297 -32.10 26.19 -10.43
N GLN A 298 -30.83 26.28 -10.02
CA GLN A 298 -30.30 25.47 -8.94
C GLN A 298 -29.80 26.31 -7.77
N PHE A 299 -29.80 27.63 -7.89
CA PHE A 299 -29.20 28.49 -6.88
C PHE A 299 -30.09 29.70 -6.66
N THR A 300 -30.13 30.18 -5.40
CA THR A 300 -30.89 31.39 -5.10
C THR A 300 -29.99 32.62 -5.12
N PRO A 301 -30.53 33.79 -5.45
CA PRO A 301 -29.75 35.02 -5.33
C PRO A 301 -29.27 35.29 -3.92
N GLU A 302 -29.97 34.78 -2.90
CA GLU A 302 -29.51 34.97 -1.52
C GLU A 302 -28.22 34.21 -1.29
N GLN A 303 -28.13 32.99 -1.83
CA GLN A 303 -26.87 32.24 -1.77
C GLN A 303 -25.75 32.97 -2.49
N THR A 304 -26.07 33.59 -3.65
CA THR A 304 -25.07 34.37 -4.36
C THR A 304 -24.65 35.61 -3.58
N ASP A 305 -25.57 36.20 -2.80
CA ASP A 305 -25.20 37.36 -2.00
C ASP A 305 -24.23 36.98 -0.89
N ARG A 306 -24.33 35.76 -0.36
CA ARG A 306 -23.39 35.32 0.67
C ARG A 306 -21.99 35.12 0.09
N VAL A 307 -21.92 34.68 -1.16
CA VAL A 307 -20.62 34.55 -1.82
C VAL A 307 -20.04 35.92 -2.12
N ILE A 308 -20.86 36.81 -2.68
CA ILE A 308 -20.41 38.16 -3.01
C ILE A 308 -19.98 38.89 -1.74
N ALA A 309 -20.76 38.75 -0.67
CA ALA A 309 -20.47 39.49 0.55
C ALA A 309 -19.17 39.02 1.21
N LEU A 310 -18.91 37.70 1.19
CA LEU A 310 -17.71 37.18 1.82
C LEU A 310 -16.45 37.53 1.02
N LEU A 311 -16.53 37.47 -0.30
CA LEU A 311 -15.38 37.86 -1.12
C LEU A 311 -15.08 39.35 -0.98
N LYS A 312 -16.13 40.19 -0.89
CA LYS A 312 -15.91 41.61 -0.65
C LYS A 312 -15.13 41.86 0.64
N ARG A 313 -15.44 41.13 1.71
CA ARG A 313 -14.71 41.33 2.96
C ARG A 313 -13.32 40.73 2.93
N ALA A 314 -13.05 39.80 2.01
CA ALA A 314 -11.69 39.36 1.77
C ALA A 314 -10.93 40.31 0.86
N GLU A 315 -11.55 41.43 0.49
CA GLU A 315 -10.97 42.41 -0.41
C GLU A 315 -10.66 41.78 -1.77
N LEU A 316 -11.58 40.97 -2.24
CA LEU A 316 -11.46 40.26 -3.49
C LEU A 316 -12.48 40.79 -4.50
N PRO A 317 -12.13 40.88 -5.78
CA PRO A 317 -13.10 41.37 -6.76
C PRO A 317 -14.28 40.42 -6.88
N VAL A 318 -15.47 41.00 -7.10
CA VAL A 318 -16.67 40.22 -7.31
C VAL A 318 -17.24 40.39 -8.70
N THR A 319 -16.73 41.35 -9.47
CA THR A 319 -17.10 41.54 -10.87
C THR A 319 -15.85 41.46 -11.73
N GLY A 320 -16.05 41.22 -13.02
CA GLY A 320 -14.94 41.05 -13.94
C GLY A 320 -14.39 42.38 -14.42
N PRO A 321 -13.30 42.30 -15.19
CA PRO A 321 -12.71 43.53 -15.73
C PRO A 321 -13.69 44.25 -16.63
N ALA A 322 -13.72 45.58 -16.50
CA ALA A 322 -14.56 46.39 -17.39
C ALA A 322 -14.10 46.24 -18.84
N LYS A 323 -12.80 46.00 -19.04
CA LYS A 323 -12.23 45.87 -20.38
C LYS A 323 -12.84 44.70 -21.14
N MET A 324 -13.38 43.72 -20.44
CA MET A 324 -13.85 42.48 -21.05
C MET A 324 -15.36 42.44 -21.14
N GLN A 325 -15.86 41.99 -22.28
CA GLN A 325 -17.25 41.74 -22.59
C GLN A 325 -17.48 40.23 -22.66
N PRO A 326 -18.73 39.75 -22.57
CA PRO A 326 -18.94 38.29 -22.53
C PRO A 326 -18.28 37.54 -23.68
N ASP A 327 -18.22 38.14 -24.88
CA ASP A 327 -17.57 37.49 -26.00
C ASP A 327 -16.06 37.42 -25.85
N ASP A 328 -15.46 38.20 -24.95
CA ASP A 328 -14.04 37.99 -24.66
C ASP A 328 -13.82 36.77 -23.78
N TYR A 329 -14.84 36.36 -23.00
CA TYR A 329 -14.67 35.21 -22.11
C TYR A 329 -14.73 33.89 -22.88
N LEU A 330 -15.75 33.73 -23.72
CA LEU A 330 -16.05 32.41 -24.31
C LEU A 330 -14.89 31.79 -25.09
N PRO A 331 -14.08 32.53 -25.87
CA PRO A 331 -12.92 31.88 -26.51
C PRO A 331 -12.01 31.18 -25.51
N HIS A 332 -11.76 31.77 -24.34
CA HIS A 332 -10.91 31.13 -23.34
C HIS A 332 -11.62 30.04 -22.55
N MET A 333 -12.96 30.11 -22.43
CA MET A 333 -13.69 29.18 -21.58
C MET A 333 -13.94 27.83 -22.25
N MET A 334 -13.85 27.77 -23.58
CA MET A 334 -14.13 26.53 -24.28
C MET A 334 -12.97 25.56 -24.10
N ARG A 335 -13.30 24.27 -24.03
CA ARG A 335 -12.27 23.24 -23.95
C ARG A 335 -11.32 23.33 -25.14
N ASP A 336 -11.87 23.52 -26.33
CA ASP A 336 -11.10 23.86 -27.52
C ASP A 336 -12.06 24.49 -28.52
N LYS A 337 -11.49 24.94 -29.64
CA LYS A 337 -12.27 25.54 -30.71
C LYS A 337 -12.46 24.58 -31.89
N LYS A 338 -12.24 23.29 -31.68
CA LYS A 338 -12.45 22.31 -32.73
C LYS A 338 -13.93 22.21 -33.07
N VAL A 339 -14.21 21.68 -34.27
CA VAL A 339 -15.58 21.57 -34.76
C VAL A 339 -16.44 20.78 -33.77
N MET A 340 -15.96 19.61 -33.36
CA MET A 340 -16.69 18.80 -32.38
C MET A 340 -16.47 19.27 -30.95
N GLY A 341 -15.59 20.24 -30.73
CA GLY A 341 -15.40 20.79 -29.41
C GLY A 341 -16.25 22.03 -29.19
N GLY A 342 -15.65 23.09 -28.67
CA GLY A 342 -16.42 24.30 -28.39
C GLY A 342 -17.40 24.15 -27.26
N LYS A 343 -17.18 23.19 -26.36
CA LYS A 343 -18.10 22.88 -25.28
C LYS A 343 -17.70 23.61 -24.01
N LEU A 344 -18.69 24.00 -23.23
CA LEU A 344 -18.47 24.69 -21.96
C LEU A 344 -18.81 23.74 -20.82
N HIS A 345 -17.79 23.26 -20.12
CA HIS A 345 -17.94 22.45 -18.93
C HIS A 345 -17.64 23.31 -17.71
N LEU A 346 -18.59 23.40 -16.79
CA LEU A 346 -18.44 24.24 -15.62
C LEU A 346 -18.69 23.44 -14.35
N ILE A 347 -18.09 23.90 -13.26
CA ILE A 347 -18.45 23.46 -11.92
C ILE A 347 -19.45 24.45 -11.37
N LEU A 348 -20.60 23.95 -10.93
CA LEU A 348 -21.59 24.88 -10.43
C LEU A 348 -21.97 24.51 -9.00
N PRO A 349 -22.25 25.48 -8.14
CA PRO A 349 -22.71 25.15 -6.80
C PRO A 349 -24.18 24.79 -6.85
N THR A 350 -24.53 23.73 -6.13
CA THR A 350 -25.92 23.31 -5.95
C THR A 350 -26.49 23.85 -4.65
N THR A 351 -25.65 23.93 -3.62
CA THR A 351 -25.93 24.70 -2.41
C THR A 351 -24.63 25.41 -2.07
N ILE A 352 -24.62 26.10 -0.93
CA ILE A 352 -23.35 26.54 -0.35
C ILE A 352 -22.78 25.34 0.40
N GLY A 353 -21.74 24.71 -0.16
CA GLY A 353 -21.21 23.48 0.37
C GLY A 353 -21.43 22.26 -0.49
N HIS A 354 -22.14 22.38 -1.61
CA HIS A 354 -22.38 21.27 -2.52
C HIS A 354 -22.20 21.76 -3.95
N SER A 355 -21.70 20.89 -4.82
CA SER A 355 -21.38 21.29 -6.18
C SER A 355 -21.41 20.08 -7.12
N GLU A 356 -21.45 20.39 -8.41
CA GLU A 356 -21.59 19.42 -9.48
C GLU A 356 -20.79 19.91 -10.68
N MET A 357 -20.33 18.97 -11.50
CA MET A 357 -19.84 19.32 -12.82
C MET A 357 -21.02 19.31 -13.79
N ARG A 358 -21.12 20.35 -14.61
CA ARG A 358 -22.21 20.48 -15.57
C ARG A 358 -21.61 20.63 -16.96
N SER A 359 -21.85 19.65 -17.81
CA SER A 359 -21.27 19.62 -19.15
C SER A 359 -22.21 20.29 -20.14
N ASP A 360 -21.63 20.83 -21.21
CA ASP A 360 -22.34 21.55 -22.26
C ASP A 360 -23.42 22.46 -21.69
N VAL A 361 -23.05 23.67 -21.32
CA VAL A 361 -24.01 24.68 -20.89
C VAL A 361 -24.10 25.69 -22.01
N ASP A 362 -25.27 26.29 -22.18
CA ASP A 362 -25.46 27.20 -23.30
C ASP A 362 -24.53 28.39 -23.21
N ALA A 363 -24.06 28.85 -24.37
CA ALA A 363 -23.32 30.10 -24.43
C ALA A 363 -24.20 31.25 -23.97
N SER A 364 -25.51 31.15 -24.21
CA SER A 364 -26.44 32.18 -23.78
C SER A 364 -26.52 32.22 -22.25
N THR A 365 -26.46 31.06 -21.60
CA THR A 365 -26.42 31.02 -20.14
C THR A 365 -25.16 31.72 -19.63
N VAL A 366 -24.05 31.48 -20.24
CA VAL A 366 -22.83 32.06 -19.79
C VAL A 366 -22.81 33.54 -19.95
N THR A 367 -23.26 34.00 -21.10
CA THR A 367 -23.29 35.39 -21.42
C THR A 367 -24.15 36.13 -20.43
N ALA A 368 -25.30 35.60 -20.13
CA ALA A 368 -26.18 36.18 -19.16
C ALA A 368 -25.60 36.22 -17.77
N ALA A 369 -24.80 35.23 -17.40
CA ALA A 369 -24.16 35.21 -16.13
C ALA A 369 -23.16 36.28 -16.07
N ILE A 370 -22.40 36.49 -17.10
CA ILE A 370 -21.39 37.52 -17.12
C ILE A 370 -22.00 38.87 -17.17
N SER A 371 -23.10 39.02 -17.84
CA SER A 371 -23.73 40.33 -18.00
C SER A 371 -24.46 40.80 -16.82
N ALA A 372 -24.88 39.88 -15.97
CA ALA A 372 -25.61 40.24 -14.80
C ALA A 372 -24.79 41.08 -13.89
N CYS A 373 -23.50 40.76 -13.79
CA CYS A 373 -22.60 41.55 -12.95
C CYS A 373 -22.25 42.86 -13.62
N GLY B 13 -26.67 17.07 -0.30
CA GLY B 13 -27.65 16.20 0.33
C GLY B 13 -26.96 14.97 0.92
N MET B 14 -25.90 14.53 0.25
CA MET B 14 -25.14 13.34 0.60
C MET B 14 -23.79 13.76 1.17
N GLU B 15 -23.52 13.37 2.40
CA GLU B 15 -22.19 13.55 2.97
C GLU B 15 -21.37 12.30 2.73
N LYS B 16 -20.07 12.48 2.56
CA LYS B 16 -19.20 11.36 2.27
C LYS B 16 -17.85 11.61 2.91
N VAL B 17 -17.35 10.61 3.62
CA VAL B 17 -16.03 10.65 4.24
C VAL B 17 -15.26 9.47 3.69
N THR B 18 -14.03 9.70 3.25
CA THR B 18 -13.15 8.65 2.79
C THR B 18 -12.08 8.40 3.85
N VAL B 19 -12.01 7.17 4.32
CA VAL B 19 -11.08 6.77 5.37
C VAL B 19 -10.04 5.87 4.74
N THR B 20 -8.77 6.20 4.96
CA THR B 20 -7.67 5.41 4.44
C THR B 20 -6.76 5.06 5.61
N LEU B 21 -6.77 3.79 6.01
CA LEU B 21 -5.94 3.32 7.11
C LEU B 21 -5.40 1.93 6.77
N ASP B 22 -4.20 1.66 7.27
CA ASP B 22 -3.56 0.35 7.13
C ASP B 22 -3.58 -0.13 5.68
N GLU B 23 -3.27 0.79 4.76
CA GLU B 23 -3.19 0.53 3.32
C GLU B 23 -4.53 0.13 2.70
N ARG B 24 -5.65 0.39 3.36
CA ARG B 24 -6.98 0.19 2.79
C ARG B 24 -7.72 1.52 2.73
N SER B 25 -8.85 1.53 2.02
CA SER B 25 -9.61 2.76 1.80
C SER B 25 -11.07 2.38 1.64
N TYR B 26 -11.96 3.11 2.31
CA TYR B 26 -13.38 2.84 2.19
C TYR B 26 -14.16 4.13 2.37
N PRO B 27 -15.36 4.21 1.80
CA PRO B 27 -16.20 5.41 1.98
C PRO B 27 -17.19 5.25 3.12
N ILE B 28 -17.53 6.38 3.73
CA ILE B 28 -18.64 6.48 4.66
C ILE B 28 -19.65 7.45 4.08
N ASN B 29 -20.81 6.93 3.67
CA ASN B 29 -21.85 7.72 3.04
C ASN B 29 -22.97 7.97 4.04
N ILE B 30 -23.39 9.24 4.15
CA ILE B 30 -24.36 9.66 5.15
C ILE B 30 -25.45 10.47 4.46
N ALA B 31 -26.68 9.97 4.49
CA ALA B 31 -27.81 10.66 3.89
C ALA B 31 -29.12 10.05 4.37
N PRO B 32 -30.20 10.83 4.44
CA PRO B 32 -31.51 10.23 4.74
C PRO B 32 -32.04 9.43 3.56
N SER B 33 -32.73 8.33 3.87
CA SER B 33 -33.24 7.42 2.85
C SER B 33 -32.11 6.85 1.98
N LEU B 34 -30.94 6.65 2.58
CA LEU B 34 -29.78 6.17 1.83
C LEU B 34 -29.95 4.72 1.40
N TYR B 35 -30.73 3.94 2.14
CA TYR B 35 -30.92 2.53 1.81
C TYR B 35 -31.56 2.32 0.43
N GLN B 36 -32.32 3.29 -0.06
CA GLN B 36 -33.12 3.14 -1.27
C GLN B 36 -32.48 3.72 -2.54
N GLN B 37 -31.48 4.60 -2.39
CA GLN B 37 -30.94 5.35 -3.51
C GLN B 37 -29.69 4.72 -4.11
N GLN B 38 -29.15 5.45 -5.09
CA GLN B 38 -27.93 5.21 -5.88
C GLN B 38 -27.40 3.78 -5.89
N ASP B 39 -26.08 3.67 -5.80
CA ASP B 39 -25.37 2.41 -5.62
C ASP B 39 -25.00 2.26 -4.15
N ALA B 40 -26.05 2.34 -3.33
CA ALA B 40 -25.89 2.59 -1.89
C ALA B 40 -25.06 1.53 -1.19
N PHE B 41 -25.14 0.27 -1.62
CA PHE B 41 -24.38 -0.79 -0.98
C PHE B 41 -23.15 -1.19 -1.79
N TRP B 42 -22.60 -0.26 -2.56
CA TRP B 42 -21.29 -0.42 -3.16
C TRP B 42 -20.28 -0.84 -2.08
N PRO B 43 -19.30 -1.71 -2.40
CA PRO B 43 -19.00 -2.27 -3.71
C PRO B 43 -19.74 -3.56 -4.03
N LEU B 44 -20.87 -3.80 -3.37
CA LEU B 44 -21.70 -4.93 -3.74
C LEU B 44 -22.30 -4.63 -5.10
N THR B 45 -22.18 -5.57 -6.03
CA THR B 45 -22.62 -5.36 -7.39
C THR B 45 -23.44 -6.55 -7.84
N ALA B 46 -24.19 -6.37 -8.92
CA ALA B 46 -25.09 -7.41 -9.41
C ALA B 46 -24.32 -8.70 -9.65
N GLY B 47 -24.91 -9.81 -9.21
CA GLY B 47 -24.33 -11.12 -9.33
C GLY B 47 -23.64 -11.63 -8.08
N GLN B 48 -23.21 -10.73 -7.19
CA GLN B 48 -22.51 -11.12 -5.98
C GLN B 48 -23.51 -11.56 -4.91
N ARG B 49 -22.98 -12.18 -3.86
CA ARG B 49 -23.80 -12.61 -2.74
C ARG B 49 -23.49 -11.76 -1.51
N ALA B 50 -24.47 -11.74 -0.60
CA ALA B 50 -24.36 -10.98 0.64
C ALA B 50 -25.06 -11.75 1.76
N MET B 51 -24.48 -11.70 2.95
CA MET B 51 -25.10 -12.26 4.15
C MET B 51 -25.31 -11.13 5.14
N ILE B 52 -26.57 -10.87 5.48
CA ILE B 52 -26.91 -9.80 6.40
C ILE B 52 -26.99 -10.36 7.81
N VAL B 53 -26.26 -9.74 8.74
CA VAL B 53 -26.31 -10.09 10.16
C VAL B 53 -26.99 -8.94 10.89
N THR B 54 -28.05 -9.26 11.62
CA THR B 54 -28.80 -8.28 12.39
C THR B 54 -29.33 -8.98 13.63
N ASN B 55 -29.96 -8.21 14.52
CA ASN B 55 -30.53 -8.79 15.73
C ASN B 55 -32.06 -8.79 15.65
N GLU B 56 -32.66 -9.45 16.64
CA GLU B 56 -34.11 -9.67 16.63
C GLU B 56 -34.87 -8.36 16.77
N THR B 57 -34.26 -7.33 17.38
CA THR B 57 -34.92 -6.04 17.49
C THR B 57 -34.98 -5.34 16.13
N LEU B 58 -33.86 -5.31 15.41
CA LEU B 58 -33.77 -4.53 14.18
C LEU B 58 -34.36 -5.25 12.97
N ALA B 59 -34.38 -6.57 12.99
CA ALA B 59 -34.87 -7.36 11.86
C ALA B 59 -36.26 -6.95 11.39
N PRO B 60 -37.30 -6.89 12.24
CA PRO B 60 -38.61 -6.47 11.75
C PRO B 60 -38.62 -5.05 11.22
N LEU B 61 -37.67 -4.21 11.64
CA LEU B 61 -37.67 -2.82 11.21
C LEU B 61 -36.98 -2.65 9.86
N TYR B 62 -35.82 -3.29 9.66
CA TYR B 62 -34.98 -2.99 8.51
C TYR B 62 -34.49 -4.17 7.67
N LEU B 63 -34.56 -5.41 8.15
CA LEU B 63 -34.02 -6.53 7.38
C LEU B 63 -34.69 -6.64 6.01
N HIS B 64 -36.03 -6.70 5.98
CA HIS B 64 -36.72 -6.86 4.71
C HIS B 64 -36.49 -5.65 3.81
N LYS B 65 -36.40 -4.45 4.40
CA LYS B 65 -36.13 -3.25 3.64
C LYS B 65 -34.77 -3.32 2.96
N ILE B 66 -33.73 -3.65 3.73
CA ILE B 66 -32.39 -3.76 3.17
C ILE B 66 -32.32 -4.92 2.18
N GLN B 67 -32.98 -6.03 2.50
CA GLN B 67 -32.95 -7.20 1.61
C GLN B 67 -33.55 -6.89 0.25
N THR B 68 -34.61 -6.09 0.20
CA THR B 68 -35.31 -5.87 -1.08
C THR B 68 -34.52 -4.95 -2.01
N VAL B 69 -33.95 -3.86 -1.46
CA VAL B 69 -33.13 -2.98 -2.30
C VAL B 69 -31.90 -3.72 -2.82
N LEU B 70 -31.38 -4.66 -2.04
CA LEU B 70 -30.21 -5.42 -2.48
C LEU B 70 -30.58 -6.41 -3.58
N GLU B 71 -31.71 -7.11 -3.41
CA GLU B 71 -32.19 -8.01 -4.46
C GLU B 71 -32.57 -7.25 -5.72
N VAL B 72 -33.03 -6.00 -5.57
CA VAL B 72 -33.31 -5.16 -6.73
C VAL B 72 -32.06 -4.96 -7.57
N SER B 73 -30.90 -4.86 -6.93
CA SER B 73 -29.65 -4.59 -7.62
C SER B 73 -28.96 -5.85 -8.12
N GLY B 74 -29.60 -7.01 -8.02
CA GLY B 74 -29.05 -8.23 -8.57
C GLY B 74 -28.15 -9.01 -7.65
N VAL B 75 -28.12 -8.70 -6.36
CA VAL B 75 -27.30 -9.44 -5.41
C VAL B 75 -28.18 -10.47 -4.72
N LYS B 76 -27.64 -11.66 -4.49
CA LYS B 76 -28.36 -12.72 -3.77
C LYS B 76 -28.07 -12.59 -2.29
N VAL B 77 -29.13 -12.59 -1.49
CA VAL B 77 -29.08 -12.18 -0.10
C VAL B 77 -29.52 -13.34 0.78
N ASP B 78 -28.69 -13.65 1.77
CA ASP B 78 -29.09 -14.46 2.92
C ASP B 78 -29.05 -13.57 4.16
N SER B 79 -29.58 -14.08 5.26
CA SER B 79 -29.60 -13.30 6.48
C SER B 79 -29.59 -14.24 7.68
N ILE B 80 -29.14 -13.72 8.81
CA ILE B 80 -29.18 -14.44 10.07
C ILE B 80 -29.50 -13.43 11.17
N ILE B 81 -30.42 -13.80 12.05
CA ILE B 81 -30.90 -12.90 13.10
C ILE B 81 -30.41 -13.45 14.43
N LEU B 82 -29.57 -12.67 15.10
CA LEU B 82 -28.99 -13.03 16.38
C LEU B 82 -29.79 -12.41 17.51
N PRO B 83 -29.65 -12.90 18.73
CA PRO B 83 -30.34 -12.25 19.85
C PRO B 83 -29.77 -10.86 20.12
N ASP B 84 -30.61 -10.01 20.70
CA ASP B 84 -30.23 -8.63 21.01
C ASP B 84 -29.58 -8.60 22.37
N GLY B 85 -28.33 -8.16 22.43
CA GLY B 85 -27.67 -7.94 23.70
C GLY B 85 -26.16 -7.97 23.68
N GLU B 86 -25.54 -7.15 24.53
CA GLU B 86 -24.09 -7.20 24.70
C GLU B 86 -23.66 -8.57 25.23
N GLN B 87 -24.54 -9.22 26.00
CA GLN B 87 -24.26 -10.54 26.54
C GLN B 87 -24.17 -11.62 25.47
N TYR B 88 -24.70 -11.36 24.28
CA TYR B 88 -24.58 -12.26 23.14
C TYR B 88 -23.41 -11.93 22.23
N LYS B 89 -22.59 -10.93 22.57
CA LYS B 89 -21.38 -10.65 21.80
C LYS B 89 -20.32 -11.67 22.18
N SER B 90 -20.57 -12.91 21.78
CA SER B 90 -19.79 -14.05 22.23
C SER B 90 -19.21 -14.81 21.04
N LEU B 91 -18.13 -15.53 21.32
CA LEU B 91 -17.53 -16.41 20.33
C LEU B 91 -18.52 -17.50 19.90
N PHE B 92 -19.38 -17.94 20.82
CA PHE B 92 -20.33 -19.01 20.49
C PHE B 92 -21.47 -18.49 19.60
N ILE B 93 -21.87 -17.23 19.79
CA ILE B 93 -22.87 -16.64 18.91
C ILE B 93 -22.29 -16.39 17.54
N MET B 94 -21.04 -15.92 17.48
CA MET B 94 -20.39 -15.70 16.19
C MET B 94 -20.26 -17.01 15.41
N ASN B 95 -20.11 -18.14 16.12
CA ASN B 95 -20.09 -19.45 15.45
C ASN B 95 -21.34 -19.68 14.61
N ASP B 96 -22.51 -19.26 15.11
CA ASP B 96 -23.74 -19.46 14.35
C ASP B 96 -23.72 -18.75 13.01
N VAL B 97 -23.04 -17.60 12.93
CA VAL B 97 -22.87 -16.92 11.65
C VAL B 97 -22.07 -17.78 10.68
N PHE B 98 -20.99 -18.41 11.17
CA PHE B 98 -20.22 -19.31 10.31
C PHE B 98 -21.08 -20.45 9.79
N THR B 99 -21.94 -20.98 10.65
CA THR B 99 -22.81 -22.09 10.24
C THR B 99 -23.77 -21.65 9.14
N ALA B 100 -24.42 -20.49 9.33
CA ALA B 100 -25.32 -19.98 8.30
C ALA B 100 -24.57 -19.75 6.98
N LEU B 101 -23.37 -19.18 7.05
CA LEU B 101 -22.59 -18.94 5.85
C LEU B 101 -22.24 -20.25 5.13
N LEU B 102 -21.90 -21.28 5.91
CA LEU B 102 -21.48 -22.56 5.34
C LEU B 102 -22.67 -23.38 4.86
N GLU B 103 -23.76 -23.38 5.62
CA GLU B 103 -24.97 -24.05 5.16
C GLU B 103 -25.45 -23.54 3.81
N LYS B 104 -25.20 -22.26 3.52
CA LYS B 104 -25.61 -21.65 2.25
C LYS B 104 -24.48 -21.57 1.22
N HIS B 105 -23.36 -22.26 1.46
CA HIS B 105 -22.27 -22.36 0.49
C HIS B 105 -21.73 -21.00 0.05
N HIS B 106 -21.56 -20.09 1.02
CA HIS B 106 -20.92 -18.81 0.74
C HIS B 106 -19.41 -18.99 0.62
N ASN B 107 -18.83 -18.49 -0.47
CA ASN B 107 -17.41 -18.67 -0.72
C ASN B 107 -16.64 -17.43 -0.26
N ARG B 108 -15.39 -17.30 -0.72
CA ARG B 108 -14.54 -16.19 -0.32
C ARG B 108 -15.01 -14.86 -0.89
N ASP B 109 -15.88 -14.89 -1.89
CA ASP B 109 -16.36 -13.68 -2.56
C ASP B 109 -17.59 -13.08 -1.90
N THR B 110 -18.13 -13.73 -0.86
CA THR B 110 -19.33 -13.22 -0.22
C THR B 110 -19.05 -11.91 0.51
N THR B 111 -20.12 -11.23 0.90
CA THR B 111 -20.05 -10.01 1.68
C THR B 111 -20.92 -10.13 2.91
N LEU B 112 -20.36 -9.86 4.08
CA LEU B 112 -21.14 -9.80 5.31
C LEU B 112 -21.60 -8.36 5.53
N ILE B 113 -22.87 -8.20 5.85
CA ILE B 113 -23.47 -6.88 6.07
C ILE B 113 -23.88 -6.81 7.53
N ALA B 114 -23.24 -5.90 8.27
CA ALA B 114 -23.53 -5.69 9.69
C ALA B 114 -24.64 -4.65 9.81
N LEU B 115 -25.88 -5.13 9.90
CA LEU B 115 -27.03 -4.27 10.06
C LEU B 115 -27.41 -4.25 11.55
N GLY B 116 -26.97 -3.21 12.24
CA GLY B 116 -27.21 -3.13 13.67
C GLY B 116 -26.33 -2.08 14.30
N GLY B 117 -26.29 -2.12 15.62
CA GLY B 117 -25.45 -1.21 16.38
C GLY B 117 -24.03 -1.70 16.48
N GLY B 118 -23.32 -1.21 17.51
CA GLY B 118 -21.94 -1.59 17.70
C GLY B 118 -21.75 -3.06 18.02
N VAL B 119 -22.72 -3.66 18.71
CA VAL B 119 -22.62 -5.07 19.06
C VAL B 119 -22.62 -5.93 17.80
N ILE B 120 -23.66 -5.77 16.96
CA ILE B 120 -23.69 -6.48 15.69
C ILE B 120 -22.47 -6.11 14.85
N GLY B 121 -22.06 -4.84 14.89
CA GLY B 121 -20.90 -4.41 14.13
C GLY B 121 -19.63 -5.14 14.51
N ASP B 122 -19.35 -5.20 15.81
CA ASP B 122 -18.13 -5.87 16.28
C ASP B 122 -18.13 -7.34 15.95
N LEU B 123 -19.23 -8.04 16.25
CA LEU B 123 -19.30 -9.47 16.01
C LEU B 123 -19.24 -9.78 14.51
N THR B 124 -19.99 -9.03 13.69
CA THR B 124 -19.97 -9.29 12.25
C THR B 124 -18.60 -8.97 11.67
N GLY B 125 -17.94 -7.94 12.20
CA GLY B 125 -16.61 -7.60 11.72
C GLY B 125 -15.60 -8.70 12.00
N PHE B 126 -15.63 -9.26 13.21
CA PHE B 126 -14.72 -10.37 13.54
C PHE B 126 -15.08 -11.63 12.75
N ALA B 127 -16.36 -11.84 12.46
CA ALA B 127 -16.75 -12.97 11.63
C ALA B 127 -16.22 -12.82 10.20
N ALA B 128 -16.26 -11.61 9.65
CA ALA B 128 -15.77 -11.38 8.30
C ALA B 128 -14.25 -11.49 8.23
N ALA B 129 -13.55 -11.06 9.29
CA ALA B 129 -12.11 -11.26 9.35
C ALA B 129 -11.75 -12.74 9.38
N SER B 130 -12.57 -13.55 10.05
CA SER B 130 -12.22 -14.93 10.32
C SER B 130 -12.76 -15.91 9.27
N TYR B 131 -13.86 -15.60 8.61
CA TYR B 131 -14.44 -16.54 7.67
C TYR B 131 -13.53 -16.73 6.47
N GLN B 132 -13.01 -17.95 6.32
CA GLN B 132 -12.04 -18.29 5.28
C GLN B 132 -10.85 -17.34 5.32
N ARG B 133 -10.48 -16.93 6.54
CA ARG B 133 -9.37 -16.04 6.81
C ARG B 133 -9.58 -14.64 6.23
N GLY B 134 -10.82 -14.25 5.94
CA GLY B 134 -11.11 -12.89 5.55
C GLY B 134 -12.02 -12.73 4.34
N VAL B 135 -13.20 -12.14 4.54
CA VAL B 135 -14.12 -11.82 3.46
C VAL B 135 -14.51 -10.36 3.55
N ARG B 136 -15.16 -9.87 2.49
CA ARG B 136 -15.56 -8.47 2.45
C ARG B 136 -16.65 -8.20 3.47
N PHE B 137 -16.76 -6.93 3.87
CA PHE B 137 -17.50 -6.57 5.08
C PHE B 137 -18.01 -5.14 4.95
N ILE B 138 -19.33 -4.96 4.98
CA ILE B 138 -19.96 -3.65 4.86
C ILE B 138 -20.72 -3.35 6.15
N GLN B 139 -20.51 -2.15 6.68
CA GLN B 139 -21.13 -1.69 7.91
C GLN B 139 -22.40 -0.90 7.61
N VAL B 140 -23.49 -1.27 8.26
CA VAL B 140 -24.72 -0.46 8.23
C VAL B 140 -25.10 -0.11 9.66
N PRO B 141 -24.43 0.87 10.27
CA PRO B 141 -24.68 1.15 11.69
C PRO B 141 -26.03 1.81 11.92
N THR B 142 -26.71 1.39 13.00
CA THR B 142 -28.05 1.88 13.30
C THR B 142 -28.15 2.60 14.64
N THR B 143 -27.06 2.74 15.38
CA THR B 143 -27.00 3.61 16.54
C THR B 143 -26.09 4.79 16.22
N LEU B 144 -26.38 5.92 16.86
CA LEU B 144 -25.49 7.08 16.72
C LEU B 144 -24.09 6.74 17.23
N LEU B 145 -24.02 5.97 18.31
CA LEU B 145 -22.73 5.51 18.85
C LEU B 145 -21.91 4.82 17.76
N SER B 146 -22.49 3.82 17.10
CA SER B 146 -21.76 3.04 16.11
C SER B 146 -21.49 3.84 14.84
N GLN B 147 -22.32 4.85 14.56
CA GLN B 147 -22.11 5.68 13.37
C GLN B 147 -20.89 6.57 13.52
N VAL B 148 -20.69 7.14 14.71
CA VAL B 148 -19.60 8.09 14.96
C VAL B 148 -18.42 7.45 15.65
N ASP B 149 -18.51 6.18 16.04
CA ASP B 149 -17.41 5.53 16.75
C ASP B 149 -16.96 4.25 16.05
N SER B 150 -17.87 3.29 15.91
CA SER B 150 -17.51 1.99 15.35
C SER B 150 -17.15 2.05 13.88
N SER B 151 -17.48 3.14 13.18
CA SER B 151 -17.26 3.20 11.74
C SER B 151 -15.81 3.48 11.36
N VAL B 152 -14.93 3.74 12.33
CA VAL B 152 -13.55 4.09 12.05
C VAL B 152 -12.66 3.43 13.10
N GLY B 153 -11.53 2.89 12.66
CA GLY B 153 -10.52 2.33 13.54
C GLY B 153 -10.24 0.86 13.34
N GLY B 154 -11.15 0.12 12.69
CA GLY B 154 -10.90 -1.25 12.33
C GLY B 154 -10.96 -2.27 13.44
N LYS B 155 -11.20 -1.85 14.68
CA LYS B 155 -11.28 -2.78 15.80
C LYS B 155 -12.54 -3.63 15.71
N THR B 156 -12.36 -4.95 15.72
CA THR B 156 -13.44 -5.90 15.88
C THR B 156 -13.12 -6.84 17.04
N ALA B 157 -14.16 -7.39 17.65
CA ALA B 157 -13.96 -8.23 18.84
C ALA B 157 -15.27 -8.87 19.25
N VAL B 158 -15.14 -9.94 20.03
CA VAL B 158 -16.22 -10.47 20.85
C VAL B 158 -15.75 -10.45 22.31
N ASN B 159 -16.67 -10.71 23.22
CA ASN B 159 -16.29 -10.72 24.63
C ASN B 159 -15.87 -12.13 25.07
N HIS B 160 -15.11 -12.17 26.16
CA HIS B 160 -14.79 -13.35 26.92
C HIS B 160 -15.33 -13.17 28.34
N PRO B 161 -15.75 -14.25 29.01
CA PRO B 161 -16.25 -14.12 30.39
C PRO B 161 -15.27 -13.42 31.31
N LEU B 162 -13.98 -13.47 30.98
CA LEU B 162 -12.93 -12.86 31.80
C LEU B 162 -12.46 -11.52 31.26
N GLY B 163 -13.21 -10.91 30.34
CA GLY B 163 -12.77 -9.64 29.80
C GLY B 163 -13.41 -9.23 28.49
N LYS B 164 -13.82 -7.97 28.38
CA LYS B 164 -14.48 -7.49 27.17
C LYS B 164 -13.49 -7.19 26.04
N ASN B 165 -13.85 -7.61 24.83
CA ASN B 165 -13.17 -7.25 23.57
C ASN B 165 -11.71 -7.67 23.46
N MET B 166 -11.33 -8.83 24.02
CA MET B 166 -9.97 -9.33 23.86
C MET B 166 -9.84 -10.49 22.87
N ILE B 167 -10.90 -10.85 22.18
CA ILE B 167 -10.82 -11.82 21.09
C ILE B 167 -11.39 -11.13 19.86
N GLY B 168 -10.51 -10.79 18.93
CA GLY B 168 -10.94 -10.10 17.73
C GLY B 168 -9.81 -9.95 16.74
N ALA B 169 -10.01 -9.00 15.83
CA ALA B 169 -9.06 -8.75 14.75
C ALA B 169 -9.19 -7.30 14.33
N PHE B 170 -8.09 -6.74 13.83
CA PHE B 170 -8.15 -5.47 13.13
C PHE B 170 -8.60 -5.73 11.69
N TYR B 171 -9.69 -5.11 11.28
CA TYR B 171 -10.29 -5.45 10.00
C TYR B 171 -11.14 -4.27 9.54
N GLN B 172 -10.83 -3.73 8.37
CA GLN B 172 -11.51 -2.54 7.88
C GLN B 172 -12.72 -2.92 7.05
N PRO B 173 -13.77 -2.10 7.07
CA PRO B 173 -14.91 -2.35 6.20
C PRO B 173 -14.62 -1.93 4.77
N ALA B 174 -15.42 -2.46 3.85
CA ALA B 174 -15.32 -2.04 2.46
C ALA B 174 -16.06 -0.72 2.22
N SER B 175 -17.06 -0.42 3.03
CA SER B 175 -17.83 0.81 2.98
C SER B 175 -18.74 0.85 4.19
N VAL B 176 -19.23 2.04 4.51
CA VAL B 176 -20.14 2.25 5.64
C VAL B 176 -21.35 3.01 5.13
N VAL B 177 -22.54 2.46 5.37
CA VAL B 177 -23.79 3.01 4.84
C VAL B 177 -24.59 3.54 6.02
N ILE B 178 -24.62 4.86 6.17
CA ILE B 178 -25.32 5.52 7.27
C ILE B 178 -26.56 6.20 6.71
N ASP B 179 -27.71 5.55 6.84
CA ASP B 179 -29.01 6.15 6.55
C ASP B 179 -29.53 6.82 7.82
N LEU B 180 -29.72 8.13 7.78
CA LEU B 180 -30.13 8.87 8.97
C LEU B 180 -31.54 8.51 9.43
N ASP B 181 -32.37 7.96 8.53
CA ASP B 181 -33.72 7.58 8.92
C ASP B 181 -33.72 6.51 10.00
N CYS B 182 -32.74 5.61 10.01
CA CYS B 182 -32.72 4.54 11.00
C CYS B 182 -32.64 5.09 12.43
N LEU B 183 -32.22 6.34 12.60
CA LEU B 183 -32.21 6.95 13.92
C LEU B 183 -33.61 7.25 14.44
N LYS B 184 -34.62 7.35 13.58
CA LYS B 184 -35.96 7.70 14.04
C LYS B 184 -36.51 6.64 14.99
N THR B 185 -36.10 5.39 14.81
CA THR B 185 -36.53 4.31 15.68
C THR B 185 -35.63 4.11 16.88
N LEU B 186 -34.50 4.80 16.96
CA LEU B 186 -33.54 4.55 18.03
C LEU B 186 -34.04 5.18 19.33
N PRO B 187 -34.10 4.40 20.42
CA PRO B 187 -34.48 4.99 21.71
C PRO B 187 -33.70 6.26 22.01
N LYS B 188 -34.41 7.27 22.51
CA LYS B 188 -33.79 8.58 22.73
C LYS B 188 -32.71 8.53 23.79
N ARG B 189 -32.77 7.55 24.69
CA ARG B 189 -31.69 7.40 25.66
C ARG B 189 -30.41 6.95 24.99
N GLU B 190 -30.53 6.12 23.94
CA GLU B 190 -29.35 5.72 23.17
C GLU B 190 -28.79 6.89 22.35
N LEU B 191 -29.67 7.73 21.79
CA LEU B 191 -29.20 8.84 20.96
C LEU B 191 -28.35 9.81 21.77
N SER B 192 -28.76 10.09 23.02
CA SER B 192 -27.95 10.93 23.89
C SER B 192 -26.65 10.24 24.27
N SER B 193 -26.70 8.91 24.45
CA SER B 193 -25.48 8.16 24.73
C SER B 193 -24.45 8.35 23.61
N GLY B 194 -24.89 8.24 22.36
CA GLY B 194 -24.00 8.50 21.25
C GLY B 194 -23.49 9.94 21.23
N LEU B 195 -24.35 10.88 21.62
CA LEU B 195 -23.96 12.29 21.59
C LEU B 195 -22.86 12.62 22.59
N ALA B 196 -22.70 11.82 23.64
CA ALA B 196 -21.56 12.00 24.54
C ALA B 196 -20.25 11.79 23.78
N GLU B 197 -20.20 10.78 22.90
CA GLU B 197 -19.00 10.53 22.12
C GLU B 197 -18.81 11.62 21.05
N VAL B 198 -19.92 12.13 20.52
CA VAL B 198 -19.88 13.28 19.61
C VAL B 198 -19.28 14.49 20.29
N ILE B 199 -19.71 14.75 21.53
CA ILE B 199 -19.18 15.89 22.26
C ILE B 199 -17.73 15.65 22.64
N LYS B 200 -17.35 14.39 22.86
CA LYS B 200 -15.97 14.09 23.21
C LYS B 200 -15.01 14.54 22.11
N TYR B 201 -15.39 14.32 20.85
CA TYR B 201 -14.50 14.71 19.75
C TYR B 201 -14.24 16.21 19.77
N GLY B 202 -15.25 17.01 20.08
CA GLY B 202 -15.04 18.45 20.17
C GLY B 202 -14.06 18.85 21.26
N ILE B 203 -14.12 18.19 22.41
CA ILE B 203 -13.28 18.55 23.54
C ILE B 203 -11.83 18.17 23.31
N ILE B 204 -11.59 17.01 22.68
CA ILE B 204 -10.22 16.54 22.54
C ILE B 204 -9.51 17.00 21.26
N LEU B 205 -10.26 17.42 20.23
CA LEU B 205 -9.62 17.60 18.94
C LEU B 205 -10.10 18.82 18.14
N ASP B 206 -11.33 19.29 18.29
CA ASP B 206 -11.81 20.37 17.42
C ASP B 206 -12.68 21.31 18.26
N GLY B 207 -12.07 22.42 18.71
CA GLY B 207 -12.83 23.41 19.43
C GLY B 207 -13.94 24.02 18.59
N GLU B 208 -13.67 24.24 17.30
CA GLU B 208 -14.70 24.79 16.43
C GLU B 208 -15.89 23.85 16.31
N PHE B 209 -15.64 22.54 16.24
CA PHE B 209 -16.74 21.58 16.24
C PHE B 209 -17.53 21.64 17.54
N PHE B 210 -16.83 21.78 18.67
CA PHE B 210 -17.51 21.97 19.95
C PHE B 210 -18.43 23.19 19.90
N SER B 211 -17.91 24.31 19.40
CA SER B 211 -18.74 25.50 19.24
C SER B 211 -19.92 25.23 18.33
N TRP B 212 -19.69 24.50 17.23
CA TRP B 212 -20.80 24.12 16.35
C TRP B 212 -21.86 23.33 17.13
N LEU B 213 -21.41 22.49 18.06
CA LEU B 213 -22.33 21.63 18.82
C LEU B 213 -23.11 22.45 19.84
N GLU B 214 -22.47 23.47 20.40
CA GLU B 214 -23.15 24.37 21.32
C GLU B 214 -24.33 25.07 20.67
N GLU B 215 -24.27 25.25 19.35
CA GLU B 215 -25.29 25.98 18.61
C GLU B 215 -26.22 25.09 17.79
N ASN B 216 -25.95 23.79 17.73
CA ASN B 216 -26.79 22.88 16.97
C ASN B 216 -27.24 21.65 17.74
N ILE B 217 -26.88 21.53 19.03
CA ILE B 217 -27.32 20.39 19.84
C ILE B 217 -28.83 20.22 19.77
N ASP B 218 -29.58 21.33 19.76
CA ASP B 218 -31.04 21.23 19.72
C ASP B 218 -31.51 20.64 18.39
N ALA B 219 -30.82 20.96 17.30
CA ALA B 219 -31.17 20.38 16.01
C ALA B 219 -30.85 18.88 15.97
N LEU B 220 -29.72 18.48 16.56
CA LEU B 220 -29.39 17.07 16.60
C LEU B 220 -30.36 16.28 17.48
N MET B 221 -30.75 16.85 18.62
CA MET B 221 -31.72 16.18 19.48
C MET B 221 -33.07 16.02 18.78
N ALA B 222 -33.37 16.89 17.83
CA ALA B 222 -34.56 16.79 17.01
C ALA B 222 -34.34 15.97 15.74
N LEU B 223 -33.12 15.43 15.56
CA LEU B 223 -32.78 14.60 14.40
C LEU B 223 -32.91 15.38 13.09
N ASP B 224 -32.43 16.62 13.08
CA ASP B 224 -32.40 17.42 11.86
C ASP B 224 -31.40 16.80 10.87
N ASN B 225 -31.90 16.43 9.69
CA ASN B 225 -31.08 15.73 8.71
C ASN B 225 -29.78 16.44 8.40
N GLN B 226 -29.82 17.75 8.19
CA GLN B 226 -28.62 18.44 7.73
C GLN B 226 -27.61 18.60 8.87
N ALA B 227 -28.09 18.82 10.10
CA ALA B 227 -27.18 18.90 11.23
C ALA B 227 -26.64 17.53 11.59
N MET B 228 -27.50 16.51 11.61
CA MET B 228 -27.04 15.16 11.93
C MET B 228 -26.07 14.63 10.89
N ALA B 229 -26.31 14.95 9.62
CA ALA B 229 -25.42 14.50 8.56
C ALA B 229 -24.03 15.11 8.73
N TYR B 230 -23.97 16.42 9.00
CA TYR B 230 -22.67 17.05 9.19
C TYR B 230 -22.01 16.56 10.47
N CYS B 231 -22.79 16.39 11.54
CA CYS B 231 -22.27 15.91 12.81
C CYS B 231 -21.56 14.57 12.66
N ILE B 232 -22.26 13.59 12.08
CA ILE B 232 -21.67 12.26 11.87
C ILE B 232 -20.48 12.36 10.93
N ARG B 233 -20.59 13.19 9.88
CA ARG B 233 -19.49 13.38 8.95
C ARG B 233 -18.24 13.88 9.66
N ARG B 234 -18.39 14.86 10.54
CA ARG B 234 -17.24 15.48 11.18
C ARG B 234 -16.62 14.55 12.21
N CYS B 235 -17.46 13.80 12.95
CA CYS B 235 -16.93 12.87 13.94
C CYS B 235 -16.10 11.78 13.27
N CYS B 236 -16.57 11.25 12.13
CA CYS B 236 -15.81 10.26 11.38
C CYS B 236 -14.48 10.83 10.86
N GLU B 237 -14.50 12.06 10.36
CA GLU B 237 -13.26 12.70 9.92
C GLU B 237 -12.29 12.82 11.09
N LEU B 238 -12.80 13.20 12.27
CA LEU B 238 -11.92 13.46 13.40
C LEU B 238 -11.30 12.18 13.92
N LYS B 239 -12.07 11.09 13.99
CA LYS B 239 -11.52 9.82 14.47
C LYS B 239 -10.52 9.25 13.48
N ALA B 240 -10.83 9.30 12.17
CA ALA B 240 -9.90 8.85 11.15
C ALA B 240 -8.57 9.59 11.26
N GLN B 241 -8.61 10.87 11.60
CA GLN B 241 -7.37 11.64 11.71
C GLN B 241 -6.47 11.11 12.82
N VAL B 242 -7.03 10.83 14.00
CA VAL B 242 -6.14 10.44 15.11
C VAL B 242 -5.72 8.98 14.99
N VAL B 243 -6.49 8.14 14.30
CA VAL B 243 -6.04 6.78 14.06
C VAL B 243 -4.94 6.76 13.00
N ALA B 244 -5.08 7.58 11.95
CA ALA B 244 -4.04 7.66 10.92
C ALA B 244 -2.75 8.24 11.46
N ALA B 245 -2.85 9.15 12.44
CA ALA B 245 -1.65 9.71 13.06
C ALA B 245 -0.97 8.69 13.95
N ASP B 246 -1.74 7.75 14.50
CA ASP B 246 -1.18 6.78 15.44
C ASP B 246 -0.40 5.68 14.73
N GLU B 247 -0.66 5.45 13.44
CA GLU B 247 0.16 4.52 12.67
C GLU B 247 1.53 5.13 12.39
N LYS B 248 1.54 6.24 11.66
CA LYS B 248 2.80 6.86 11.24
C LYS B 248 3.64 7.29 12.44
N GLU B 249 3.11 8.20 13.25
CA GLU B 249 3.85 8.68 14.42
C GLU B 249 3.33 8.05 15.69
N GLY B 252 1.40 7.54 21.05
CA GLY B 252 0.15 6.80 21.18
C GLY B 252 -1.07 7.71 21.17
N LEU B 253 -1.32 8.36 20.04
CA LEU B 253 -2.35 9.38 19.94
C LEU B 253 -3.78 8.84 20.03
N ARG B 254 -4.01 7.60 19.60
CA ARG B 254 -5.36 7.04 19.68
C ARG B 254 -5.86 6.93 21.12
N ALA B 255 -4.97 7.05 22.11
CA ALA B 255 -5.41 7.00 23.49
C ALA B 255 -6.27 8.20 23.88
N LEU B 256 -6.17 9.31 23.16
CA LEU B 256 -6.98 10.48 23.50
C LEU B 256 -8.47 10.21 23.40
N LEU B 257 -8.87 9.14 22.69
CA LEU B 257 -10.28 8.79 22.55
C LEU B 257 -10.90 8.26 23.83
N ASN B 258 -10.10 8.00 24.87
CA ASN B 258 -10.60 7.54 26.15
C ASN B 258 -10.83 8.69 27.15
N LEU B 259 -11.09 9.90 26.65
CA LEU B 259 -11.43 10.98 27.56
C LEU B 259 -12.73 10.63 28.28
N GLY B 260 -12.70 10.70 29.60
CA GLY B 260 -13.84 10.32 30.41
C GLY B 260 -14.11 8.84 30.48
N HIS B 261 -13.28 8.00 29.86
CA HIS B 261 -13.51 6.57 29.86
C HIS B 261 -12.94 5.85 31.08
N THR B 262 -11.91 6.41 31.73
CA THR B 262 -11.41 5.84 32.98
C THR B 262 -12.40 6.05 34.12
N PHE B 263 -12.89 7.29 34.26
CA PHE B 263 -13.96 7.54 35.22
C PHE B 263 -15.23 6.80 34.81
N GLY B 264 -15.50 6.75 33.51
CA GLY B 264 -16.70 6.10 33.02
C GLY B 264 -16.71 4.59 33.26
N HIS B 265 -15.56 3.94 33.09
CA HIS B 265 -15.48 2.51 33.37
C HIS B 265 -15.81 2.21 34.82
N ALA B 266 -15.29 3.01 35.75
CA ALA B 266 -15.60 2.82 37.17
C ALA B 266 -17.11 2.83 37.39
N ILE B 267 -17.80 3.80 36.79
CA ILE B 267 -19.25 3.87 36.92
C ILE B 267 -19.90 2.62 36.30
N GLU B 268 -19.52 2.27 35.08
CA GLU B 268 -20.11 1.10 34.43
C GLU B 268 -19.82 -0.17 35.21
N ALA B 269 -18.62 -0.27 35.80
CA ALA B 269 -18.27 -1.46 36.55
C ALA B 269 -19.06 -1.56 37.84
N GLU B 270 -19.19 -0.44 38.56
CA GLU B 270 -19.87 -0.47 39.85
C GLU B 270 -21.39 -0.51 39.72
N MET B 271 -21.96 0.12 38.68
CA MET B 271 -23.41 0.24 38.59
C MET B 271 -24.10 -0.90 37.86
N GLY B 272 -23.43 -1.61 36.97
CA GLY B 272 -24.26 -2.57 36.29
C GLY B 272 -23.91 -2.75 34.83
N TYR B 273 -24.23 -3.94 34.31
CA TYR B 273 -23.83 -4.31 32.97
C TYR B 273 -24.49 -3.40 31.94
N GLY B 274 -25.72 -2.96 32.24
CA GLY B 274 -26.47 -2.05 31.39
C GLY B 274 -27.30 -1.02 32.14
N VAL B 275 -26.97 -0.77 33.41
CA VAL B 275 -27.73 0.20 34.21
C VAL B 275 -27.46 1.61 33.71
N TRP B 276 -26.20 1.99 33.61
CA TRP B 276 -25.77 3.18 32.90
C TRP B 276 -25.32 2.80 31.49
N LEU B 277 -25.83 3.49 30.48
CA LEU B 277 -25.32 3.26 29.15
C LEU B 277 -23.90 3.83 29.05
N HIS B 278 -23.12 3.27 28.11
CA HIS B 278 -21.72 3.64 27.98
C HIS B 278 -21.53 5.15 27.83
N GLY B 279 -22.32 5.77 26.95
CA GLY B 279 -22.17 7.20 26.72
C GLY B 279 -22.49 8.04 27.93
N GLU B 280 -23.49 7.62 28.71
CA GLU B 280 -23.83 8.33 29.94
C GLU B 280 -22.67 8.31 30.93
N ALA B 281 -21.99 7.16 31.05
CA ALA B 281 -20.83 7.06 31.93
C ALA B 281 -19.68 7.92 31.42
N VAL B 282 -19.51 7.99 30.09
CA VAL B 282 -18.44 8.80 29.52
C VAL B 282 -18.72 10.28 29.75
N ALA B 283 -20.00 10.67 29.70
CA ALA B 283 -20.36 12.07 29.90
C ALA B 283 -19.93 12.56 31.27
N ALA B 284 -20.31 11.84 32.33
CA ALA B 284 -19.88 12.22 33.68
C ALA B 284 -18.38 12.08 33.85
N GLY B 285 -17.75 11.17 33.12
CA GLY B 285 -16.30 11.03 33.21
C GLY B 285 -15.57 12.19 32.56
N MET B 286 -16.13 12.74 31.48
CA MET B 286 -15.51 13.91 30.85
C MET B 286 -15.55 15.12 31.77
N VAL B 287 -16.66 15.33 32.46
CA VAL B 287 -16.73 16.41 33.45
C VAL B 287 -15.68 16.19 34.53
N MET B 288 -15.61 14.97 35.06
CA MET B 288 -14.61 14.66 36.08
C MET B 288 -13.19 14.82 35.55
N ALA B 289 -12.96 14.55 34.26
CA ALA B 289 -11.65 14.77 33.68
C ALA B 289 -11.37 16.25 33.50
N ALA B 290 -12.40 17.02 33.11
CA ALA B 290 -12.26 18.47 33.05
C ALA B 290 -12.01 19.04 34.43
N LYS B 291 -12.67 18.49 35.45
CA LYS B 291 -12.48 18.95 36.82
C LYS B 291 -11.11 18.55 37.35
N THR B 292 -10.57 17.43 36.86
CA THR B 292 -9.20 17.06 37.21
C THR B 292 -8.19 17.98 36.53
N ALA B 293 -8.52 18.45 35.32
CA ALA B 293 -7.65 19.40 34.62
C ALA B 293 -7.62 20.76 35.31
N GLU B 294 -8.73 21.17 35.93
CA GLU B 294 -8.72 22.43 36.67
C GLU B 294 -7.81 22.33 37.90
N LEU B 295 -7.89 21.21 38.61
CA LEU B 295 -7.10 21.00 39.81
C LEU B 295 -5.60 20.98 39.51
N ILE B 296 -5.20 20.37 38.40
CA ILE B 296 -3.79 20.31 38.05
C ILE B 296 -3.29 21.65 37.49
N GLY B 297 -4.18 22.51 37.01
CA GLY B 297 -3.83 23.85 36.62
C GLY B 297 -3.70 24.14 35.13
N GLN B 298 -4.42 23.42 34.27
CA GLN B 298 -4.43 23.68 32.84
C GLN B 298 -5.80 23.99 32.29
N PHE B 299 -6.85 23.98 33.12
CA PHE B 299 -8.21 24.15 32.65
C PHE B 299 -8.94 25.13 33.57
N THR B 300 -9.83 25.95 32.98
CA THR B 300 -10.63 26.90 33.72
C THR B 300 -12.00 26.35 34.05
N PRO B 301 -12.60 26.78 35.17
CA PRO B 301 -14.00 26.43 35.44
C PRO B 301 -14.93 26.93 34.35
N GLU B 302 -14.54 27.98 33.63
CA GLU B 302 -15.36 28.49 32.53
C GLU B 302 -15.39 27.47 31.40
N GLN B 303 -14.24 26.86 31.10
CA GLN B 303 -14.17 25.79 30.11
C GLN B 303 -14.97 24.57 30.57
N THR B 304 -14.88 24.21 31.85
CA THR B 304 -15.63 23.06 32.36
C THR B 304 -17.13 23.30 32.34
N ASP B 305 -17.57 24.54 32.57
CA ASP B 305 -18.99 24.84 32.50
C ASP B 305 -19.53 24.73 31.08
N ARG B 306 -18.69 25.00 30.07
CA ARG B 306 -19.13 24.82 28.69
C ARG B 306 -19.35 23.34 28.38
N VAL B 307 -18.56 22.47 29.00
CA VAL B 307 -18.77 21.03 28.86
C VAL B 307 -20.03 20.62 29.60
N ILE B 308 -20.20 21.10 30.84
CA ILE B 308 -21.38 20.77 31.62
C ILE B 308 -22.65 21.26 30.93
N ALA B 309 -22.62 22.49 30.40
CA ALA B 309 -23.82 23.06 29.79
C ALA B 309 -24.22 22.29 28.54
N LEU B 310 -23.25 21.88 27.72
CA LEU B 310 -23.57 21.15 26.50
C LEU B 310 -24.07 19.74 26.80
N LEU B 311 -23.46 19.06 27.78
CA LEU B 311 -23.94 17.73 28.13
C LEU B 311 -25.34 17.78 28.73
N LYS B 312 -25.62 18.79 29.56
CA LYS B 312 -26.98 18.94 30.09
C LYS B 312 -28.00 19.10 28.96
N ARG B 313 -27.64 19.83 27.91
CA ARG B 313 -28.59 20.00 26.81
C ARG B 313 -28.68 18.76 25.92
N ALA B 314 -27.70 17.86 25.99
CA ALA B 314 -27.83 16.55 25.37
C ALA B 314 -28.59 15.58 26.26
N GLU B 315 -29.10 16.04 27.41
CA GLU B 315 -29.81 15.20 28.37
C GLU B 315 -28.93 14.07 28.88
N LEU B 316 -27.66 14.39 29.17
CA LEU B 316 -26.67 13.44 29.66
C LEU B 316 -26.26 13.77 31.10
N PRO B 317 -25.98 12.76 31.92
CA PRO B 317 -25.59 13.06 33.30
C PRO B 317 -24.25 13.80 33.37
N VAL B 318 -24.16 14.70 34.34
CA VAL B 318 -22.92 15.44 34.60
C VAL B 318 -22.34 15.14 35.97
N THR B 319 -23.08 14.45 36.84
CA THR B 319 -22.58 14.02 38.15
C THR B 319 -22.65 12.51 38.24
N GLY B 320 -21.77 11.93 39.05
CA GLY B 320 -21.72 10.50 39.25
C GLY B 320 -22.96 9.98 39.94
N PRO B 321 -23.12 8.65 39.98
CA PRO B 321 -24.29 8.08 40.67
C PRO B 321 -24.23 8.36 42.16
N ALA B 322 -25.42 8.54 42.74
CA ALA B 322 -25.48 8.86 44.17
C ALA B 322 -24.92 7.73 45.02
N LYS B 323 -25.02 6.50 44.55
CA LYS B 323 -24.61 5.34 45.34
C LYS B 323 -23.12 5.03 45.25
N MET B 324 -22.30 5.90 44.66
CA MET B 324 -20.85 5.71 44.61
C MET B 324 -20.16 6.89 45.27
N GLN B 325 -19.12 6.58 46.05
CA GLN B 325 -18.21 7.52 46.68
C GLN B 325 -16.86 7.46 45.96
N PRO B 326 -15.99 8.46 46.16
CA PRO B 326 -14.70 8.44 45.43
C PRO B 326 -13.90 7.17 45.61
N ASP B 327 -13.96 6.55 46.79
CA ASP B 327 -13.24 5.31 47.02
C ASP B 327 -13.84 4.13 46.25
N ASP B 328 -15.07 4.26 45.76
CA ASP B 328 -15.60 3.24 44.86
C ASP B 328 -15.02 3.36 43.46
N TYR B 329 -14.56 4.54 43.06
CA TYR B 329 -14.00 4.72 41.72
C TYR B 329 -12.60 4.15 41.62
N LEU B 330 -11.74 4.49 42.58
CA LEU B 330 -10.30 4.23 42.44
C LEU B 330 -9.94 2.77 42.19
N PRO B 331 -10.58 1.77 42.81
CA PRO B 331 -10.25 0.38 42.45
C PRO B 331 -10.39 0.07 40.97
N HIS B 332 -11.43 0.62 40.33
CA HIS B 332 -11.62 0.41 38.89
C HIS B 332 -10.70 1.27 38.02
N MET B 333 -10.23 2.40 38.53
CA MET B 333 -9.48 3.36 37.72
C MET B 333 -8.00 3.01 37.57
N MET B 334 -7.40 2.34 38.54
CA MET B 334 -5.98 2.03 38.42
C MET B 334 -5.74 0.93 37.40
N ARG B 335 -4.57 0.99 36.76
CA ARG B 335 -4.22 0.02 35.73
C ARG B 335 -4.26 -1.40 36.29
N ASP B 336 -3.74 -1.58 37.51
CA ASP B 336 -3.84 -2.85 38.22
C ASP B 336 -3.62 -2.58 39.69
N LYS B 337 -3.83 -3.62 40.51
CA LYS B 337 -3.70 -3.51 41.95
C LYS B 337 -2.39 -4.15 42.45
N LYS B 338 -1.37 -4.18 41.60
CA LYS B 338 -0.05 -4.69 41.95
C LYS B 338 0.73 -3.64 42.75
N VAL B 339 1.80 -4.08 43.42
CA VAL B 339 2.54 -3.16 44.28
C VAL B 339 3.33 -2.18 43.42
N MET B 340 3.88 -2.64 42.29
CA MET B 340 4.40 -1.76 41.26
C MET B 340 3.31 -1.35 40.27
N GLY B 341 2.09 -1.14 40.76
CA GLY B 341 1.00 -0.67 39.93
C GLY B 341 0.16 0.36 40.65
N GLY B 342 -1.16 0.21 40.60
CA GLY B 342 -2.03 1.17 41.23
C GLY B 342 -1.91 2.58 40.69
N LYS B 343 -1.34 2.72 39.49
CA LYS B 343 -1.19 4.03 38.87
C LYS B 343 -2.48 4.43 38.16
N LEU B 344 -2.71 5.73 38.08
CA LEU B 344 -3.86 6.27 37.38
C LEU B 344 -3.37 7.05 36.16
N HIS B 345 -3.66 6.54 34.97
CA HIS B 345 -3.41 7.26 33.73
C HIS B 345 -4.72 7.84 33.23
N LEU B 346 -4.74 9.14 32.97
CA LEU B 346 -5.96 9.82 32.54
C LEU B 346 -5.70 10.61 31.27
N ILE B 347 -6.77 10.81 30.51
CA ILE B 347 -6.81 11.79 29.43
C ILE B 347 -7.42 13.06 30.00
N LEU B 348 -6.71 14.19 29.84
CA LEU B 348 -7.25 15.42 30.36
C LEU B 348 -7.31 16.46 29.25
N PRO B 349 -8.33 17.31 29.26
CA PRO B 349 -8.36 18.40 28.28
C PRO B 349 -7.41 19.51 28.71
N THR B 350 -6.66 20.03 27.75
CA THR B 350 -5.79 21.18 27.97
C THR B 350 -6.48 22.48 27.58
N THR B 351 -7.27 22.46 26.51
CA THR B 351 -8.20 23.51 26.16
C THR B 351 -9.48 22.81 25.71
N ILE B 352 -10.45 23.57 25.23
CA ILE B 352 -11.57 22.98 24.50
C ILE B 352 -11.09 22.75 23.07
N GLY B 353 -10.84 21.49 22.73
CA GLY B 353 -10.27 21.15 21.44
C GLY B 353 -8.87 20.56 21.49
N HIS B 354 -8.23 20.49 22.65
CA HIS B 354 -6.92 19.86 22.79
C HIS B 354 -6.89 19.04 24.08
N SER B 355 -6.09 17.98 24.08
CA SER B 355 -6.03 17.07 25.20
C SER B 355 -4.68 16.37 25.26
N GLU B 356 -4.40 15.76 26.41
CA GLU B 356 -3.10 15.16 26.70
C GLU B 356 -3.33 13.92 27.55
N MET B 357 -2.41 12.96 27.46
CA MET B 357 -2.34 11.88 28.44
C MET B 357 -1.48 12.29 29.62
N ARG B 358 -1.96 12.01 30.82
CA ARG B 358 -1.28 12.35 32.06
C ARG B 358 -1.13 11.09 32.90
N SER B 359 0.12 10.69 33.17
CA SER B 359 0.38 9.43 33.85
C SER B 359 0.47 9.53 35.38
N ASP B 360 0.83 10.69 35.93
CA ASP B 360 0.96 10.79 37.39
C ASP B 360 -0.39 10.75 38.08
N VAL B 361 -0.98 11.93 38.32
CA VAL B 361 -2.33 12.10 38.87
C VAL B 361 -2.45 11.47 40.25
N ASP B 362 -2.40 12.32 41.28
CA ASP B 362 -2.52 11.87 42.67
C ASP B 362 -3.90 11.27 42.92
N ALA B 363 -3.96 10.30 43.83
CA ALA B 363 -5.27 9.81 44.28
C ALA B 363 -6.07 10.95 44.91
N SER B 364 -5.39 11.90 45.54
CA SER B 364 -6.07 13.04 46.14
C SER B 364 -6.66 13.93 45.06
N THR B 365 -5.96 14.06 43.92
CA THR B 365 -6.52 14.81 42.79
C THR B 365 -7.79 14.17 42.28
N VAL B 366 -7.79 12.84 42.16
CA VAL B 366 -8.95 12.14 41.61
C VAL B 366 -10.14 12.26 42.56
N THR B 367 -9.90 12.10 43.88
CA THR B 367 -10.99 12.20 44.84
C THR B 367 -11.56 13.61 44.88
N ALA B 368 -10.70 14.63 44.71
CA ALA B 368 -11.20 16.00 44.67
C ALA B 368 -12.02 16.26 43.41
N ALA B 369 -11.69 15.58 42.31
CA ALA B 369 -12.46 15.75 41.08
C ALA B 369 -13.82 15.08 41.19
N ILE B 370 -13.88 13.89 41.81
CA ILE B 370 -15.16 13.22 41.99
C ILE B 370 -16.01 13.98 43.00
N SER B 371 -15.38 14.55 44.03
CA SER B 371 -16.14 15.20 45.09
C SER B 371 -16.73 16.52 44.63
N ALA B 372 -16.16 17.15 43.61
CA ALA B 372 -16.54 18.49 43.21
C ALA B 372 -17.93 18.57 42.59
N MET C 14 7.15 -17.12 -32.47
CA MET C 14 6.70 -15.93 -31.78
C MET C 14 6.59 -16.20 -30.29
N GLU C 15 7.42 -15.51 -29.52
CA GLU C 15 7.45 -15.59 -28.07
C GLU C 15 6.72 -14.42 -27.42
N LYS C 16 6.24 -14.64 -26.19
CA LYS C 16 5.48 -13.62 -25.48
C LYS C 16 5.84 -13.69 -24.00
N VAL C 17 6.12 -12.53 -23.41
CA VAL C 17 6.35 -12.40 -21.97
C VAL C 17 5.35 -11.39 -21.44
N THR C 18 4.64 -11.76 -20.38
CA THR C 18 3.78 -10.83 -19.66
C THR C 18 4.46 -10.55 -18.33
N VAL C 19 4.76 -9.27 -18.09
CA VAL C 19 5.47 -8.84 -16.90
C VAL C 19 4.48 -8.07 -16.03
N THR C 20 4.40 -8.43 -14.76
CA THR C 20 3.46 -7.81 -13.83
C THR C 20 4.25 -7.25 -12.66
N LEU C 21 4.35 -5.92 -12.61
CA LEU C 21 5.08 -5.22 -11.56
C LEU C 21 4.29 -3.98 -11.17
N ASP C 22 4.44 -3.57 -9.91
CA ASP C 22 3.77 -2.39 -9.37
C ASP C 22 2.27 -2.47 -9.61
N GLU C 23 1.71 -3.66 -9.43
CA GLU C 23 0.27 -3.92 -9.60
C GLU C 23 -0.21 -3.59 -11.02
N ARG C 24 0.71 -3.45 -11.96
CA ARG C 24 0.42 -3.25 -13.37
C ARG C 24 1.00 -4.40 -14.19
N SER C 25 0.65 -4.44 -15.47
CA SER C 25 0.98 -5.57 -16.33
C SER C 25 1.14 -5.09 -17.76
N TYR C 26 2.17 -5.58 -18.46
CA TYR C 26 2.35 -5.25 -19.86
C TYR C 26 2.96 -6.42 -20.60
N PRO C 27 2.70 -6.55 -21.91
CA PRO C 27 3.27 -7.67 -22.67
C PRO C 27 4.55 -7.35 -23.42
N ILE C 28 5.42 -8.34 -23.61
CA ILE C 28 6.56 -8.26 -24.51
C ILE C 28 6.36 -9.31 -25.60
N ASN C 29 6.13 -8.85 -26.82
CA ASN C 29 5.90 -9.73 -27.97
C ASN C 29 7.16 -9.76 -28.83
N ILE C 30 7.60 -10.97 -29.19
CA ILE C 30 8.84 -11.18 -29.92
C ILE C 30 8.52 -12.06 -31.13
N ALA C 31 8.68 -11.51 -32.33
CA ALA C 31 8.42 -12.27 -33.54
C ALA C 31 8.99 -11.58 -34.78
N PRO C 32 9.37 -12.36 -35.80
CA PRO C 32 9.80 -11.76 -37.05
C PRO C 32 8.64 -11.18 -37.84
N SER C 33 8.91 -10.11 -38.57
CA SER C 33 7.89 -9.38 -39.35
C SER C 33 6.77 -8.86 -38.46
N LEU C 34 7.10 -8.51 -37.22
CA LEU C 34 6.08 -8.08 -36.27
C LEU C 34 5.53 -6.68 -36.58
N TYR C 35 6.33 -5.82 -37.23
CA TYR C 35 5.85 -4.46 -37.52
C TYR C 35 4.65 -4.44 -38.45
N GLN C 36 4.45 -5.48 -39.26
CA GLN C 36 3.35 -5.55 -40.21
C GLN C 36 2.16 -6.33 -39.67
N GLN C 37 2.27 -6.89 -38.48
CA GLN C 37 1.19 -7.66 -37.89
C GLN C 37 0.04 -6.71 -37.56
N GLN C 38 -1.15 -7.29 -37.36
CA GLN C 38 -2.40 -6.54 -37.21
C GLN C 38 -2.34 -5.56 -36.04
N ASP C 39 -2.50 -6.06 -34.82
CA ASP C 39 -2.44 -5.18 -33.67
C ASP C 39 -1.08 -5.26 -33.00
N ALA C 40 -0.01 -5.07 -33.78
CA ALA C 40 1.33 -5.22 -33.23
C ALA C 40 1.62 -4.12 -32.23
N PHE C 41 1.06 -2.93 -32.45
CA PHE C 41 1.28 -1.77 -31.60
C PHE C 41 0.09 -1.51 -30.69
N TRP C 42 -0.62 -2.56 -30.31
CA TRP C 42 -1.58 -2.52 -29.22
C TRP C 42 -0.93 -1.89 -27.99
N PRO C 43 -1.67 -1.12 -27.18
CA PRO C 43 -3.11 -0.84 -27.20
C PRO C 43 -3.53 0.36 -28.03
N LEU C 44 -2.72 0.74 -29.01
CA LEU C 44 -3.11 1.80 -29.92
C LEU C 44 -4.23 1.34 -30.84
N THR C 45 -5.30 2.13 -30.93
CA THR C 45 -6.48 1.80 -31.69
C THR C 45 -6.92 2.99 -32.53
N ALA C 46 -7.79 2.72 -33.50
CA ALA C 46 -8.24 3.73 -34.45
C ALA C 46 -8.81 4.94 -33.71
N GLY C 47 -8.44 6.13 -34.20
CA GLY C 47 -8.86 7.38 -33.61
C GLY C 47 -7.84 8.01 -32.69
N GLN C 48 -6.93 7.21 -32.12
CA GLN C 48 -5.93 7.73 -31.22
C GLN C 48 -4.76 8.32 -32.00
N ARG C 49 -3.91 9.05 -31.27
CA ARG C 49 -2.71 9.67 -31.79
C ARG C 49 -1.46 8.99 -31.25
N ALA C 50 -0.37 9.15 -31.99
CA ALA C 50 0.92 8.57 -31.60
C ALA C 50 2.03 9.52 -32.03
N MET C 51 3.03 9.66 -31.16
CA MET C 51 4.25 10.40 -31.48
C MET C 51 5.42 9.45 -31.39
N ILE C 52 6.10 9.23 -32.51
CA ILE C 52 7.23 8.32 -32.59
C ILE C 52 8.51 9.11 -32.37
N VAL C 53 9.34 8.64 -31.44
CA VAL C 53 10.65 9.22 -31.19
C VAL C 53 11.70 8.23 -31.68
N THR C 54 12.58 8.70 -32.56
CA THR C 54 13.64 7.86 -33.11
C THR C 54 14.86 8.73 -33.37
N ASN C 55 15.95 8.09 -33.78
CA ASN C 55 17.17 8.81 -34.12
C ASN C 55 17.41 8.77 -35.63
N GLU C 56 18.44 9.50 -36.05
CA GLU C 56 18.68 9.68 -37.48
C GLU C 56 19.06 8.38 -38.16
N THR C 57 19.63 7.43 -37.42
CA THR C 57 20.00 6.15 -38.00
C THR C 57 18.77 5.29 -38.30
N LEU C 58 17.83 5.22 -37.35
CA LEU C 58 16.69 4.32 -37.50
C LEU C 58 15.58 4.87 -38.38
N ALA C 59 15.48 6.19 -38.50
CA ALA C 59 14.40 6.81 -39.27
C ALA C 59 14.30 6.29 -40.69
N PRO C 60 15.35 6.32 -41.53
CA PRO C 60 15.20 5.79 -42.89
C PRO C 60 14.93 4.30 -42.94
N LEU C 61 15.30 3.54 -41.90
CA LEU C 61 15.17 2.09 -41.97
C LEU C 61 13.77 1.61 -41.58
N TYR C 62 13.21 2.15 -40.50
CA TYR C 62 11.98 1.59 -39.96
C TYR C 62 10.88 2.62 -39.74
N LEU C 63 11.20 3.90 -39.65
CA LEU C 63 10.15 4.91 -39.67
C LEU C 63 9.47 4.82 -41.03
N HIS C 64 8.27 5.41 -41.12
CA HIS C 64 7.44 5.32 -42.32
C HIS C 64 6.85 3.93 -42.49
N LYS C 65 7.63 2.87 -42.26
CA LYS C 65 7.05 1.53 -42.28
C LYS C 65 6.06 1.37 -41.13
N ILE C 66 6.50 1.69 -39.91
CA ILE C 66 5.59 1.67 -38.77
C ILE C 66 4.53 2.75 -38.93
N GLN C 67 4.92 3.91 -39.47
CA GLN C 67 3.96 4.98 -39.71
C GLN C 67 2.86 4.51 -40.67
N THR C 68 3.24 3.72 -41.69
CA THR C 68 2.23 3.26 -42.64
C THR C 68 1.35 2.19 -42.01
N VAL C 69 1.95 1.30 -41.21
CA VAL C 69 1.17 0.30 -40.49
C VAL C 69 0.23 0.98 -39.51
N LEU C 70 0.68 2.08 -38.90
CA LEU C 70 -0.14 2.77 -37.92
C LEU C 70 -1.24 3.61 -38.55
N GLU C 71 -0.92 4.40 -39.59
CA GLU C 71 -1.95 5.22 -40.23
C GLU C 71 -3.00 4.37 -40.93
N VAL C 72 -2.61 3.24 -41.51
CA VAL C 72 -3.59 2.32 -42.06
C VAL C 72 -4.54 1.82 -40.98
N SER C 73 -4.07 1.71 -39.74
CA SER C 73 -4.86 1.20 -38.62
C SER C 73 -5.69 2.29 -37.94
N GLY C 74 -5.71 3.49 -38.50
CA GLY C 74 -6.57 4.56 -38.02
C GLY C 74 -5.99 5.47 -36.96
N VAL C 75 -4.70 5.40 -36.69
CA VAL C 75 -4.07 6.31 -35.73
C VAL C 75 -3.38 7.42 -36.49
N LYS C 76 -3.50 8.64 -35.97
CA LYS C 76 -2.87 9.81 -36.59
C LYS C 76 -1.49 9.99 -35.97
N VAL C 77 -0.47 10.10 -36.82
CA VAL C 77 0.92 9.90 -36.41
C VAL C 77 1.72 11.16 -36.67
N ASP C 78 2.44 11.62 -35.65
CA ASP C 78 3.54 12.54 -35.81
C ASP C 78 4.82 11.83 -35.36
N SER C 79 5.96 12.44 -35.67
CA SER C 79 7.23 11.85 -35.29
C SER C 79 8.27 12.94 -35.13
N ILE C 80 9.33 12.62 -34.41
CA ILE C 80 10.48 13.50 -34.25
C ILE C 80 11.73 12.66 -34.28
N ILE C 81 12.70 13.08 -35.08
CA ILE C 81 13.93 12.33 -35.30
C ILE C 81 15.08 13.12 -34.68
N LEU C 82 15.70 12.54 -33.68
CA LEU C 82 16.79 13.12 -32.93
C LEU C 82 18.11 12.62 -33.48
N PRO C 83 19.22 13.30 -33.18
CA PRO C 83 20.52 12.79 -33.62
C PRO C 83 20.86 11.48 -32.91
N ASP C 84 21.73 10.70 -33.56
CA ASP C 84 22.16 9.42 -33.03
C ASP C 84 23.34 9.68 -32.09
N GLY C 85 23.18 9.31 -30.82
CA GLY C 85 24.28 9.45 -29.88
C GLY C 85 23.86 9.49 -28.42
N GLU C 86 24.71 8.96 -27.54
CA GLU C 86 24.47 9.02 -26.10
C GLU C 86 24.42 10.45 -25.59
N GLN C 87 25.17 11.37 -26.21
CA GLN C 87 25.21 12.75 -25.76
C GLN C 87 23.87 13.46 -25.92
N TYR C 88 22.94 12.91 -26.67
CA TYR C 88 21.63 13.52 -26.84
C TYR C 88 20.63 13.04 -25.81
N LYS C 89 21.05 12.17 -24.90
CA LYS C 89 20.21 11.76 -23.76
C LYS C 89 20.30 12.83 -22.68
N SER C 90 19.76 14.00 -23.01
CA SER C 90 19.93 15.20 -22.19
C SER C 90 18.57 15.81 -21.89
N LEU C 91 18.52 16.59 -20.80
CA LEU C 91 17.30 17.31 -20.46
C LEU C 91 16.90 18.29 -21.56
N PHE C 92 17.89 18.88 -22.23
CA PHE C 92 17.60 19.87 -23.27
C PHE C 92 17.04 19.22 -24.54
N ILE C 93 17.45 17.99 -24.83
CA ILE C 93 16.87 17.27 -25.96
C ILE C 93 15.44 16.84 -25.64
N MET C 94 15.20 16.37 -24.41
CA MET C 94 13.87 15.95 -24.00
C MET C 94 12.87 17.10 -24.05
N ASN C 95 13.33 18.33 -23.76
CA ASN C 95 12.46 19.49 -23.90
C ASN C 95 11.94 19.63 -25.33
N ASP C 96 12.81 19.37 -26.31
CA ASP C 96 12.39 19.43 -27.71
C ASP C 96 11.31 18.41 -28.02
N VAL C 97 11.34 17.25 -27.36
CA VAL C 97 10.24 16.31 -27.50
C VAL C 97 8.94 16.94 -27.02
N PHE C 98 8.99 17.63 -25.87
CA PHE C 98 7.82 18.34 -25.37
C PHE C 98 7.37 19.42 -26.35
N THR C 99 8.33 20.11 -26.96
CA THR C 99 7.99 21.16 -27.93
C THR C 99 7.25 20.56 -29.12
N ALA C 100 7.76 19.44 -29.66
CA ALA C 100 7.09 18.77 -30.77
C ALA C 100 5.69 18.33 -30.38
N LEU C 101 5.52 17.76 -29.19
CA LEU C 101 4.19 17.29 -28.76
C LEU C 101 3.21 18.45 -28.65
N LEU C 102 3.67 19.59 -28.13
CA LEU C 102 2.76 20.71 -27.91
C LEU C 102 2.48 21.45 -29.21
N GLU C 103 3.50 21.60 -30.07
CA GLU C 103 3.30 22.17 -31.40
C GLU C 103 2.25 21.39 -32.19
N LYS C 104 2.16 20.08 -31.97
CA LYS C 104 1.16 19.26 -32.65
C LYS C 104 -0.07 18.99 -31.79
N HIS C 105 -0.22 19.73 -30.68
CA HIS C 105 -1.41 19.67 -29.85
C HIS C 105 -1.71 18.25 -29.36
N HIS C 106 -0.66 17.53 -28.98
CA HIS C 106 -0.84 16.23 -28.36
C HIS C 106 -1.30 16.42 -26.92
N ASN C 107 -2.43 15.81 -26.56
CA ASN C 107 -2.97 15.97 -25.22
C ASN C 107 -2.56 14.76 -24.38
N ARG C 108 -3.23 14.55 -23.24
CA ARG C 108 -2.87 13.50 -22.31
C ARG C 108 -3.22 12.11 -22.81
N ASP C 109 -4.01 11.99 -23.88
CA ASP C 109 -4.39 10.69 -24.43
C ASP C 109 -3.41 10.16 -25.46
N THR C 110 -2.37 10.92 -25.82
CA THR C 110 -1.43 10.49 -26.84
C THR C 110 -0.58 9.34 -26.32
N THR C 111 0.16 8.72 -27.25
CA THR C 111 1.09 7.64 -26.94
C THR C 111 2.45 7.96 -27.54
N LEU C 112 3.50 7.85 -26.73
CA LEU C 112 4.87 8.01 -27.21
C LEU C 112 5.42 6.64 -27.60
N ILE C 113 6.04 6.57 -28.78
CA ILE C 113 6.61 5.34 -29.31
C ILE C 113 8.12 5.50 -29.38
N ALA C 114 8.85 4.72 -28.59
CA ALA C 114 10.31 4.74 -28.57
C ALA C 114 10.82 3.75 -29.60
N LEU C 115 11.12 4.24 -30.79
CA LEU C 115 11.68 3.42 -31.87
C LEU C 115 13.19 3.66 -31.90
N GLY C 116 13.94 2.75 -31.29
CA GLY C 116 15.38 2.91 -31.20
C GLY C 116 15.96 1.96 -30.18
N GLY C 117 17.23 2.22 -29.84
CA GLY C 117 17.92 1.44 -28.84
C GLY C 117 17.65 1.94 -27.44
N GLY C 118 18.59 1.64 -26.53
CA GLY C 118 18.42 2.06 -25.14
C GLY C 118 18.43 3.57 -24.95
N VAL C 119 19.17 4.29 -25.80
CA VAL C 119 19.24 5.74 -25.67
C VAL C 119 17.88 6.37 -25.96
N ILE C 120 17.31 6.07 -27.13
CA ILE C 120 15.97 6.56 -27.45
C ILE C 120 14.96 6.06 -26.44
N GLY C 121 15.11 4.81 -25.98
CA GLY C 121 14.18 4.26 -25.01
C GLY C 121 14.17 5.04 -23.71
N ASP C 122 15.35 5.32 -23.16
CA ASP C 122 15.44 6.05 -21.90
C ASP C 122 14.86 7.45 -22.02
N LEU C 123 15.24 8.19 -23.07
CA LEU C 123 14.78 9.56 -23.23
C LEU C 123 13.27 9.61 -23.45
N THR C 124 12.76 8.75 -24.33
CA THR C 124 11.32 8.75 -24.60
C THR C 124 10.53 8.30 -23.38
N GLY C 125 11.07 7.34 -22.61
CA GLY C 125 10.36 6.90 -21.42
C GLY C 125 10.21 8.00 -20.40
N PHE C 126 11.29 8.76 -20.16
CA PHE C 126 11.21 9.89 -19.23
C PHE C 126 10.32 11.00 -19.77
N ALA C 127 10.30 11.18 -21.10
CA ALA C 127 9.40 12.17 -21.69
C ALA C 127 7.94 11.76 -21.50
N ALA C 128 7.64 10.47 -21.63
CA ALA C 128 6.27 9.99 -21.43
C ALA C 128 5.88 10.03 -19.96
N ALA C 129 6.83 9.77 -19.06
CA ALA C 129 6.56 9.92 -17.63
C ALA C 129 6.26 11.37 -17.27
N SER C 130 6.95 12.31 -17.92
CA SER C 130 6.87 13.71 -17.51
C SER C 130 5.81 14.50 -18.27
N TYR C 131 5.49 14.11 -19.50
CA TYR C 131 4.55 14.88 -20.32
C TYR C 131 3.16 14.83 -19.70
N GLN C 132 2.68 15.99 -19.24
CA GLN C 132 1.41 16.11 -18.54
C GLN C 132 1.34 15.14 -17.37
N ARG C 133 2.49 14.92 -16.73
CA ARG C 133 2.64 14.05 -15.57
C ARG C 133 2.33 12.59 -15.90
N GLY C 134 2.36 12.22 -17.18
CA GLY C 134 2.24 10.83 -17.56
C GLY C 134 1.30 10.54 -18.72
N VAL C 135 1.86 10.02 -19.81
CA VAL C 135 1.08 9.59 -20.97
C VAL C 135 1.50 8.16 -21.33
N ARG C 136 0.72 7.54 -22.21
CA ARG C 136 1.00 6.16 -22.57
C ARG C 136 2.29 6.07 -23.39
N PHE C 137 2.89 4.89 -23.37
CA PHE C 137 4.29 4.75 -23.79
C PHE C 137 4.51 3.33 -24.28
N ILE C 138 4.90 3.18 -25.55
CA ILE C 138 5.13 1.89 -26.18
C ILE C 138 6.60 1.79 -26.58
N GLN C 139 7.25 0.68 -26.21
CA GLN C 139 8.65 0.44 -26.55
C GLN C 139 8.79 -0.37 -27.82
N VAL C 140 9.62 0.12 -28.74
CA VAL C 140 10.02 -0.65 -29.92
C VAL C 140 11.54 -0.73 -29.96
N PRO C 141 12.16 -1.59 -29.14
CA PRO C 141 13.63 -1.62 -29.08
C PRO C 141 14.24 -2.27 -30.31
N THR C 142 15.33 -1.67 -30.80
CA THR C 142 15.97 -2.12 -32.03
C THR C 142 17.40 -2.60 -31.84
N THR C 143 17.92 -2.61 -30.61
CA THR C 143 19.16 -3.28 -30.27
C THR C 143 18.88 -4.47 -29.39
N LEU C 144 19.75 -5.48 -29.46
CA LEU C 144 19.62 -6.62 -28.56
C LEU C 144 19.72 -6.18 -27.10
N LEU C 145 20.62 -5.23 -26.82
CA LEU C 145 20.76 -4.70 -25.47
C LEU C 145 19.43 -4.21 -24.91
N SER C 146 18.75 -3.34 -25.65
CA SER C 146 17.48 -2.79 -25.16
C SER C 146 16.39 -3.84 -25.13
N GLN C 147 16.50 -4.89 -25.96
CA GLN C 147 15.50 -5.95 -25.96
C GLN C 147 15.55 -6.77 -24.69
N VAL C 148 16.76 -7.05 -24.18
CA VAL C 148 16.91 -7.93 -23.02
C VAL C 148 17.11 -7.14 -21.73
N ASP C 149 17.26 -5.83 -21.80
CA ASP C 149 17.55 -5.03 -20.62
C ASP C 149 16.53 -3.91 -20.43
N SER C 150 16.45 -3.00 -21.42
CA SER C 150 15.60 -1.83 -21.29
C SER C 150 14.11 -2.16 -21.31
N SER C 151 13.73 -3.36 -21.76
CA SER C 151 12.32 -3.70 -21.90
C SER C 151 11.64 -4.08 -20.59
N VAL C 152 12.41 -4.23 -19.51
CA VAL C 152 11.88 -4.63 -18.21
C VAL C 152 12.65 -3.90 -17.12
N GLY C 153 11.93 -3.42 -16.11
CA GLY C 153 12.51 -2.76 -14.96
C GLY C 153 12.00 -1.36 -14.72
N GLY C 154 11.40 -0.73 -15.73
CA GLY C 154 10.76 0.56 -15.56
C GLY C 154 11.68 1.76 -15.46
N LYS C 155 13.00 1.56 -15.46
CA LYS C 155 13.93 2.67 -15.37
C LYS C 155 13.94 3.50 -16.65
N THR C 156 13.66 4.79 -16.51
CA THR C 156 13.88 5.78 -17.57
C THR C 156 14.73 6.91 -17.00
N ALA C 157 15.45 7.60 -17.88
CA ALA C 157 16.36 8.64 -17.42
C ALA C 157 16.92 9.40 -18.61
N VAL C 158 17.42 10.60 -18.31
CA VAL C 158 18.37 11.30 -19.15
C VAL C 158 19.62 11.54 -18.31
N ASN C 159 20.69 11.99 -18.97
CA ASN C 159 21.95 12.23 -18.30
C ASN C 159 22.08 13.67 -17.81
N HIS C 160 22.96 13.85 -16.83
CA HIS C 160 23.50 15.12 -16.38
C HIS C 160 25.01 15.10 -16.58
N PRO C 161 25.62 16.25 -16.90
CA PRO C 161 27.09 16.27 -17.08
C PRO C 161 27.87 15.78 -15.87
N LEU C 162 27.29 15.85 -14.66
CA LEU C 162 27.96 15.39 -13.45
C LEU C 162 27.49 13.99 -13.06
N GLY C 163 26.85 13.27 -13.96
CA GLY C 163 26.35 11.95 -13.64
C GLY C 163 25.35 11.38 -14.63
N LYS C 164 25.60 10.13 -15.02
CA LYS C 164 24.76 9.42 -15.98
C LYS C 164 23.47 8.96 -15.32
N ASN C 165 22.34 9.14 -16.03
CA ASN C 165 21.04 8.62 -15.60
C ASN C 165 20.63 9.20 -14.24
N MET C 166 20.95 10.46 -13.99
CA MET C 166 20.64 11.08 -12.71
C MET C 166 19.37 11.90 -12.73
N ILE C 167 18.68 11.99 -13.86
CA ILE C 167 17.38 12.65 -13.97
C ILE C 167 16.47 11.68 -14.70
N GLY C 168 15.49 11.14 -14.00
CA GLY C 168 14.59 10.21 -14.65
C GLY C 168 13.41 9.87 -13.78
N ALA C 169 12.75 8.77 -14.14
CA ALA C 169 11.55 8.33 -13.45
C ALA C 169 11.40 6.83 -13.60
N PHE C 170 10.75 6.21 -12.62
CA PHE C 170 10.27 4.84 -12.78
C PHE C 170 8.93 4.91 -13.51
N TYR C 171 8.85 4.24 -14.66
CA TYR C 171 7.68 4.38 -15.53
C TYR C 171 7.61 3.15 -16.42
N GLN C 172 6.51 2.41 -16.33
CA GLN C 172 6.34 1.16 -17.07
C GLN C 172 5.72 1.42 -18.43
N PRO C 173 6.11 0.65 -19.44
CA PRO C 173 5.48 0.79 -20.76
C PRO C 173 4.13 0.08 -20.81
N ALA C 174 3.35 0.44 -21.83
CA ALA C 174 2.10 -0.27 -22.07
C ALA C 174 2.31 -1.57 -22.81
N SER C 175 3.41 -1.67 -23.57
CA SER C 175 3.76 -2.89 -24.29
C SER C 175 5.15 -2.71 -24.89
N VAL C 176 5.75 -3.83 -25.28
CA VAL C 176 7.07 -3.87 -25.91
C VAL C 176 6.94 -4.67 -27.19
N VAL C 177 7.30 -4.08 -28.31
CA VAL C 177 7.12 -4.68 -29.63
C VAL C 177 8.51 -4.98 -30.17
N ILE C 178 8.89 -6.25 -30.16
CA ILE C 178 10.20 -6.69 -30.61
C ILE C 178 10.03 -7.45 -31.93
N ASP C 179 10.27 -6.76 -33.03
CA ASP C 179 10.35 -7.39 -34.34
C ASP C 179 11.79 -7.85 -34.57
N LEU C 180 11.98 -9.16 -34.72
CA LEU C 180 13.32 -9.70 -34.86
C LEU C 180 14.00 -9.26 -36.16
N ASP C 181 13.23 -8.83 -37.16
CA ASP C 181 13.81 -8.41 -38.43
C ASP C 181 14.72 -7.19 -38.25
N CYS C 182 14.40 -6.30 -37.31
CA CYS C 182 15.20 -5.10 -37.11
C CYS C 182 16.63 -5.40 -36.68
N LEU C 183 16.90 -6.61 -36.17
CA LEU C 183 18.25 -6.99 -35.81
C LEU C 183 19.15 -7.20 -37.02
N LYS C 184 18.57 -7.43 -38.21
CA LYS C 184 19.38 -7.71 -39.39
C LYS C 184 20.28 -6.52 -39.75
N THR C 185 19.82 -5.30 -39.50
CA THR C 185 20.58 -4.10 -39.81
C THR C 185 21.49 -3.65 -38.67
N LEU C 186 21.43 -4.31 -37.53
CA LEU C 186 22.20 -3.87 -36.38
C LEU C 186 23.67 -4.29 -36.57
N PRO C 187 24.61 -3.35 -36.45
CA PRO C 187 26.04 -3.71 -36.53
C PRO C 187 26.39 -4.89 -35.64
N LYS C 188 27.23 -5.78 -36.15
CA LYS C 188 27.54 -7.02 -35.43
C LYS C 188 28.23 -6.73 -34.11
N ARG C 189 28.92 -5.60 -34.00
CA ARG C 189 29.55 -5.25 -32.74
C ARG C 189 28.51 -4.92 -31.67
N GLU C 190 27.40 -4.29 -32.08
CA GLU C 190 26.32 -4.04 -31.14
C GLU C 190 25.59 -5.33 -30.78
N LEU C 191 25.40 -6.22 -31.75
CA LEU C 191 24.73 -7.48 -31.48
C LEU C 191 25.56 -8.32 -30.51
N SER C 192 26.88 -8.30 -30.67
CA SER C 192 27.75 -8.99 -29.72
C SER C 192 27.74 -8.28 -28.36
N SER C 193 27.67 -6.95 -28.37
CA SER C 193 27.56 -6.19 -27.12
C SER C 193 26.32 -6.58 -26.35
N GLY C 194 25.18 -6.70 -27.04
CA GLY C 194 23.97 -7.16 -26.37
C GLY C 194 24.10 -8.56 -25.82
N LEU C 195 24.81 -9.44 -26.52
CA LEU C 195 24.95 -10.82 -26.08
C LEU C 195 25.74 -10.96 -24.79
N ALA C 196 26.57 -9.97 -24.45
CA ALA C 196 27.23 -9.99 -23.14
C ALA C 196 26.20 -9.96 -22.02
N GLU C 197 25.17 -9.13 -22.16
CA GLU C 197 24.11 -9.08 -21.15
C GLU C 197 23.24 -10.34 -21.19
N VAL C 198 23.04 -10.92 -22.38
CA VAL C 198 22.37 -12.20 -22.46
C VAL C 198 23.14 -13.24 -21.68
N ILE C 199 24.46 -13.24 -21.82
CA ILE C 199 25.31 -14.17 -21.08
C ILE C 199 25.30 -13.81 -19.60
N LYS C 200 25.08 -12.54 -19.27
CA LYS C 200 25.02 -12.13 -17.87
C LYS C 200 23.93 -12.86 -17.12
N TYR C 201 22.74 -13.02 -17.73
CA TYR C 201 21.64 -13.69 -17.05
C TYR C 201 21.98 -15.13 -16.72
N GLY C 202 22.66 -15.83 -17.63
CA GLY C 202 23.02 -17.22 -17.37
C GLY C 202 23.95 -17.37 -16.19
N ILE C 203 24.92 -16.46 -16.05
CA ILE C 203 25.93 -16.61 -15.00
C ILE C 203 25.34 -16.33 -13.62
N ILE C 204 24.46 -15.33 -13.50
CA ILE C 204 24.02 -14.93 -12.17
C ILE C 204 22.73 -15.62 -11.69
N LEU C 205 21.91 -16.17 -12.58
CA LEU C 205 20.63 -16.71 -12.13
C LEU C 205 20.13 -17.97 -12.81
N ASP C 206 20.58 -18.35 -14.01
CA ASP C 206 19.98 -19.49 -14.70
C ASP C 206 21.07 -20.35 -15.34
N GLY C 207 21.46 -21.42 -14.64
CA GLY C 207 22.43 -22.35 -15.18
C GLY C 207 21.93 -23.08 -16.40
N GLU C 208 20.65 -23.47 -16.40
CA GLU C 208 20.09 -24.18 -17.56
C GLU C 208 20.12 -23.30 -18.79
N PHE C 209 19.82 -22.01 -18.64
CA PHE C 209 19.89 -21.08 -19.76
C PHE C 209 21.31 -20.93 -20.27
N PHE C 210 22.30 -20.86 -19.36
CA PHE C 210 23.69 -20.80 -19.78
C PHE C 210 24.04 -21.98 -20.66
N SER C 211 23.66 -23.20 -20.24
CA SER C 211 23.88 -24.37 -21.07
C SER C 211 23.16 -24.24 -22.42
N TRP C 212 21.92 -23.72 -22.40
CA TRP C 212 21.23 -23.46 -23.67
C TRP C 212 22.05 -22.52 -24.54
N LEU C 213 22.74 -21.55 -23.91
CA LEU C 213 23.52 -20.59 -24.66
C LEU C 213 24.79 -21.23 -25.21
N GLU C 214 25.38 -22.17 -24.46
CA GLU C 214 26.55 -22.89 -24.94
C GLU C 214 26.26 -23.68 -26.22
N GLU C 215 25.01 -24.08 -26.43
CA GLU C 215 24.64 -24.89 -27.58
C GLU C 215 23.93 -24.10 -28.68
N ASN C 216 23.58 -22.85 -28.41
CA ASN C 216 22.85 -22.05 -29.39
C ASN C 216 23.52 -20.72 -29.67
N ILE C 217 24.68 -20.44 -29.08
CA ILE C 217 25.40 -19.21 -29.36
C ILE C 217 25.62 -19.02 -30.86
N ASP C 218 25.91 -20.11 -31.58
CA ASP C 218 26.15 -19.99 -33.01
C ASP C 218 24.89 -19.59 -33.76
N ALA C 219 23.72 -20.06 -33.29
CA ALA C 219 22.46 -19.67 -33.90
C ALA C 219 22.14 -18.20 -33.65
N LEU C 220 22.44 -17.70 -32.45
CA LEU C 220 22.17 -16.29 -32.15
C LEU C 220 23.06 -15.37 -32.98
N MET C 221 24.34 -15.72 -33.12
CA MET C 221 25.24 -14.90 -33.94
C MET C 221 24.80 -14.86 -35.39
N ALA C 222 24.09 -15.89 -35.85
CA ALA C 222 23.55 -15.94 -37.19
C ALA C 222 22.14 -15.37 -37.30
N LEU C 223 21.59 -14.85 -36.19
CA LEU C 223 20.24 -14.26 -36.17
C LEU C 223 19.17 -15.28 -36.51
N ASP C 224 19.28 -16.48 -35.96
CA ASP C 224 18.24 -17.48 -36.13
C ASP C 224 16.98 -17.01 -35.40
N ASN C 225 15.89 -16.83 -36.15
CA ASN C 225 14.65 -16.31 -35.59
C ASN C 225 14.19 -17.11 -34.38
N GLN C 226 14.26 -18.45 -34.46
CA GLN C 226 13.71 -19.28 -33.40
C GLN C 226 14.59 -19.24 -32.15
N ALA C 227 15.90 -19.20 -32.33
CA ALA C 227 16.80 -19.11 -31.18
C ALA C 227 16.76 -17.72 -30.54
N MET C 228 16.75 -16.68 -31.38
CA MET C 228 16.70 -15.31 -30.86
C MET C 228 15.40 -15.05 -30.11
N ALA C 229 14.29 -15.60 -30.61
CA ALA C 229 13.00 -15.39 -29.97
C ALA C 229 12.98 -15.96 -28.55
N TYR C 230 13.47 -17.19 -28.38
CA TYR C 230 13.51 -17.77 -27.04
C TYR C 230 14.54 -17.04 -26.18
N CYS C 231 15.70 -16.72 -26.75
CA CYS C 231 16.74 -16.00 -26.03
C CYS C 231 16.19 -14.70 -25.44
N ILE C 232 15.57 -13.87 -26.28
CA ILE C 232 15.03 -12.60 -25.80
C ILE C 232 13.92 -12.86 -24.78
N ARG C 233 13.06 -13.84 -25.04
CA ARG C 233 11.99 -14.17 -24.11
C ARG C 233 12.54 -14.56 -22.74
N ARG C 234 13.60 -15.36 -22.71
CA ARG C 234 14.09 -15.88 -21.44
C ARG C 234 14.77 -14.79 -20.62
N CYS C 235 15.53 -13.90 -21.27
CA CYS C 235 16.18 -12.81 -20.56
C CYS C 235 15.16 -11.88 -19.93
N CYS C 236 14.09 -11.57 -20.67
CA CYS C 236 13.02 -10.73 -20.13
C CYS C 236 12.36 -11.37 -18.92
N GLU C 237 12.09 -12.68 -19.00
CA GLU C 237 11.51 -13.38 -17.85
C GLU C 237 12.42 -13.29 -16.64
N LEU C 238 13.73 -13.42 -16.85
CA LEU C 238 14.67 -13.51 -15.75
C LEU C 238 14.80 -12.17 -15.02
N LYS C 239 14.86 -11.07 -15.78
CA LYS C 239 14.90 -9.75 -15.15
C LYS C 239 13.57 -9.42 -14.49
N ALA C 240 12.46 -9.77 -15.15
CA ALA C 240 11.14 -9.57 -14.54
C ALA C 240 11.07 -10.28 -13.19
N GLN C 241 11.69 -11.45 -13.07
CA GLN C 241 11.72 -12.16 -11.80
C GLN C 241 12.47 -11.37 -10.74
N VAL C 242 13.67 -10.88 -11.07
CA VAL C 242 14.49 -10.26 -10.03
C VAL C 242 14.04 -8.82 -9.75
N VAL C 243 13.34 -8.19 -10.70
CA VAL C 243 12.72 -6.89 -10.40
C VAL C 243 11.56 -7.09 -9.45
N ALA C 244 10.78 -8.17 -9.66
CA ALA C 244 9.70 -8.50 -8.74
C ALA C 244 10.24 -8.91 -7.37
N ALA C 245 11.45 -9.49 -7.33
CA ALA C 245 12.01 -9.88 -6.05
C ALA C 245 12.47 -8.65 -5.26
N ASP C 246 12.92 -7.60 -5.93
CA ASP C 246 13.32 -6.38 -5.25
C ASP C 246 12.13 -5.49 -4.94
N GLU C 247 11.15 -6.00 -4.20
CA GLU C 247 9.92 -5.27 -3.91
C GLU C 247 9.47 -5.56 -2.48
N GLY C 252 15.21 -8.73 -2.10
CA GLY C 252 16.01 -7.53 -2.04
C GLY C 252 17.24 -7.60 -2.92
N LEU C 253 17.15 -8.42 -3.98
CA LEU C 253 18.28 -8.68 -4.86
C LEU C 253 18.57 -7.47 -5.76
N ARG C 254 18.42 -7.69 -7.06
CA ARG C 254 18.57 -6.71 -8.14
C ARG C 254 19.97 -6.11 -8.25
N ALA C 255 20.76 -6.14 -7.17
CA ALA C 255 22.12 -5.66 -7.30
C ALA C 255 22.96 -6.59 -8.17
N LEU C 256 22.55 -7.86 -8.25
CA LEU C 256 23.26 -8.87 -9.02
C LEU C 256 23.30 -8.57 -10.51
N LEU C 257 22.39 -7.73 -11.02
CA LEU C 257 22.44 -7.40 -12.44
C LEU C 257 23.62 -6.51 -12.80
N ASN C 258 24.36 -6.01 -11.80
CA ASN C 258 25.56 -5.22 -12.03
C ASN C 258 26.82 -6.07 -11.97
N LEU C 259 26.71 -7.37 -12.23
CA LEU C 259 27.89 -8.22 -12.30
C LEU C 259 28.78 -7.78 -13.45
N GLY C 260 30.05 -7.53 -13.14
CA GLY C 260 30.98 -7.05 -14.14
C GLY C 260 30.78 -5.63 -14.58
N HIS C 261 29.77 -4.92 -14.04
CA HIS C 261 29.55 -3.53 -14.42
C HIS C 261 30.43 -2.58 -13.64
N THR C 262 30.89 -2.99 -12.45
CA THR C 262 31.87 -2.19 -11.72
C THR C 262 33.20 -2.20 -12.46
N PHE C 263 33.63 -3.39 -12.90
CA PHE C 263 34.79 -3.49 -13.77
C PHE C 263 34.51 -2.85 -15.12
N GLY C 264 33.29 -3.04 -15.63
CA GLY C 264 32.93 -2.49 -16.93
C GLY C 264 32.94 -0.97 -16.94
N HIS C 265 32.50 -0.34 -15.85
CA HIS C 265 32.58 1.12 -15.78
C HIS C 265 34.03 1.59 -15.83
N ALA C 266 34.92 0.89 -15.12
CA ALA C 266 36.34 1.24 -15.11
C ALA C 266 36.93 1.29 -16.52
N ILE C 267 36.69 0.25 -17.32
CA ILE C 267 37.18 0.24 -18.70
C ILE C 267 36.51 1.35 -19.50
N GLU C 268 35.18 1.49 -19.38
CA GLU C 268 34.48 2.53 -20.11
C GLU C 268 34.94 3.92 -19.69
N ALA C 269 35.21 4.10 -18.39
CA ALA C 269 35.64 5.41 -17.92
C ALA C 269 37.06 5.73 -18.38
N GLU C 270 37.96 4.76 -18.32
CA GLU C 270 39.36 5.02 -18.66
C GLU C 270 39.56 5.16 -20.17
N MET C 271 38.82 4.41 -20.96
CA MET C 271 38.97 4.47 -22.41
C MET C 271 38.04 5.47 -23.07
N GLY C 272 36.91 5.80 -22.46
CA GLY C 272 36.06 6.72 -23.20
C GLY C 272 34.93 6.04 -23.92
N TYR C 273 33.87 6.82 -24.16
CA TYR C 273 32.69 6.34 -24.87
C TYR C 273 33.06 5.91 -26.28
N GLY C 274 32.15 5.16 -26.92
CA GLY C 274 32.32 4.74 -28.29
C GLY C 274 33.48 3.80 -28.62
N VAL C 275 34.59 3.91 -27.90
CA VAL C 275 35.73 3.06 -28.19
C VAL C 275 35.46 1.62 -27.75
N TRP C 276 35.10 1.42 -26.49
CA TRP C 276 34.53 0.15 -26.03
C TRP C 276 33.03 0.29 -25.89
N LEU C 277 32.29 -0.63 -26.51
CA LEU C 277 30.85 -0.67 -26.30
C LEU C 277 30.57 -1.22 -24.90
N HIS C 278 29.40 -0.85 -24.36
CA HIS C 278 29.06 -1.21 -22.99
C HIS C 278 29.18 -2.71 -22.74
N GLY C 279 28.60 -3.52 -23.63
CA GLY C 279 28.64 -4.96 -23.43
C GLY C 279 30.05 -5.51 -23.47
N GLU C 280 30.88 -4.98 -24.36
CA GLU C 280 32.29 -5.39 -24.41
C GLU C 280 32.99 -5.08 -23.10
N ALA C 281 32.71 -3.91 -22.52
CA ALA C 281 33.29 -3.56 -21.24
C ALA C 281 32.80 -4.49 -20.13
N VAL C 282 31.51 -4.84 -20.17
CA VAL C 282 30.97 -5.75 -19.16
C VAL C 282 31.50 -7.16 -19.36
N ALA C 283 31.61 -7.59 -20.62
CA ALA C 283 32.07 -8.96 -20.90
C ALA C 283 33.47 -9.19 -20.34
N ALA C 284 34.41 -8.31 -20.68
CA ALA C 284 35.76 -8.43 -20.12
C ALA C 284 35.76 -8.20 -18.61
N GLY C 285 34.83 -7.39 -18.11
CA GLY C 285 34.71 -7.20 -16.68
C GLY C 285 34.17 -8.42 -15.96
N MET C 286 33.30 -9.18 -16.62
CA MET C 286 32.77 -10.40 -16.02
C MET C 286 33.86 -11.42 -15.74
N VAL C 287 34.82 -11.54 -16.66
CA VAL C 287 35.95 -12.44 -16.45
C VAL C 287 36.74 -12.03 -15.23
N MET C 288 37.06 -10.74 -15.11
CA MET C 288 37.83 -10.25 -13.98
C MET C 288 37.12 -10.50 -12.67
N ALA C 289 35.78 -10.44 -12.67
CA ALA C 289 35.03 -10.77 -11.46
C ALA C 289 35.08 -12.26 -11.18
N ALA C 290 35.04 -13.08 -12.23
CA ALA C 290 35.17 -14.52 -12.07
C ALA C 290 36.54 -14.90 -11.51
N LYS C 291 37.61 -14.25 -12.00
CA LYS C 291 38.93 -14.60 -11.50
C LYS C 291 39.14 -14.08 -10.08
N THR C 292 38.51 -12.96 -9.72
CA THR C 292 38.57 -12.53 -8.33
C THR C 292 37.70 -13.41 -7.44
N ALA C 293 36.63 -14.00 -7.98
CA ALA C 293 35.81 -14.89 -7.18
C ALA C 293 36.57 -16.15 -6.79
N GLU C 294 37.42 -16.66 -7.68
CA GLU C 294 38.29 -17.77 -7.30
C GLU C 294 39.41 -17.32 -6.37
N LEU C 295 39.95 -16.11 -6.57
CA LEU C 295 41.05 -15.65 -5.73
C LEU C 295 40.65 -15.62 -4.25
N ILE C 296 39.44 -15.14 -3.95
CA ILE C 296 38.98 -15.14 -2.56
C ILE C 296 38.47 -16.51 -2.15
N GLY C 297 38.16 -17.38 -3.09
CA GLY C 297 37.70 -18.71 -2.79
C GLY C 297 36.22 -18.96 -2.98
N GLN C 298 35.60 -18.30 -3.96
CA GLN C 298 34.17 -18.41 -4.20
C GLN C 298 33.81 -19.04 -5.54
N PHE C 299 34.79 -19.29 -6.40
CA PHE C 299 34.54 -19.81 -7.74
C PHE C 299 35.62 -20.84 -8.08
N THR C 300 35.24 -21.83 -8.89
CA THR C 300 36.36 -22.69 -9.20
C THR C 300 37.05 -22.20 -10.47
N PRO C 301 38.35 -22.42 -10.60
CA PRO C 301 39.03 -22.05 -11.84
C PRO C 301 38.48 -22.75 -13.07
N GLU C 302 37.91 -23.94 -12.92
CA GLU C 302 37.36 -24.66 -14.07
C GLU C 302 36.09 -23.98 -14.60
N GLN C 303 35.22 -23.54 -13.70
CA GLN C 303 33.98 -22.87 -14.09
C GLN C 303 34.24 -21.60 -14.89
N THR C 304 35.29 -20.86 -14.55
CA THR C 304 35.60 -19.61 -15.23
C THR C 304 35.86 -19.83 -16.72
N ASP C 305 36.35 -21.01 -17.10
CA ASP C 305 36.62 -21.27 -18.52
C ASP C 305 35.34 -21.35 -19.36
N ARG C 306 34.22 -21.79 -18.79
CA ARG C 306 32.98 -21.79 -19.56
C ARG C 306 32.47 -20.37 -19.79
N VAL C 307 32.74 -19.45 -18.85
CA VAL C 307 32.36 -18.06 -19.06
C VAL C 307 33.23 -17.45 -20.15
N ILE C 308 34.54 -17.67 -20.07
CA ILE C 308 35.46 -17.12 -21.07
C ILE C 308 35.18 -17.69 -22.45
N ALA C 309 34.95 -19.00 -22.53
CA ALA C 309 34.79 -19.64 -23.84
C ALA C 309 33.53 -19.17 -24.55
N LEU C 310 32.44 -18.97 -23.81
CA LEU C 310 31.19 -18.56 -24.43
C LEU C 310 31.28 -17.12 -24.93
N LEU C 311 31.91 -16.24 -24.14
CA LEU C 311 32.07 -14.85 -24.58
C LEU C 311 32.97 -14.74 -25.79
N LYS C 312 34.07 -15.51 -25.83
CA LYS C 312 34.94 -15.51 -27.00
C LYS C 312 34.19 -15.96 -28.25
N ARG C 313 33.27 -16.92 -28.11
CA ARG C 313 32.50 -17.37 -29.27
C ARG C 313 31.44 -16.35 -29.68
N ALA C 314 31.05 -15.45 -28.78
CA ALA C 314 30.21 -14.31 -29.13
C ALA C 314 31.02 -13.14 -29.71
N GLU C 315 32.32 -13.34 -29.94
CA GLU C 315 33.20 -12.27 -30.43
C GLU C 315 33.29 -11.13 -29.42
N LEU C 316 33.40 -11.48 -28.14
CA LEU C 316 33.53 -10.49 -27.10
C LEU C 316 34.91 -10.53 -26.49
N PRO C 317 35.46 -9.37 -26.14
CA PRO C 317 36.78 -9.37 -25.49
C PRO C 317 36.71 -10.05 -24.14
N VAL C 318 37.78 -10.76 -23.80
CA VAL C 318 37.90 -11.42 -22.51
C VAL C 318 39.03 -10.83 -21.67
N THR C 319 39.84 -9.96 -22.26
CA THR C 319 40.92 -9.28 -21.57
C THR C 319 40.67 -7.78 -21.58
N GLY C 320 40.81 -7.17 -20.41
CA GLY C 320 40.83 -5.73 -20.31
C GLY C 320 42.06 -5.21 -21.03
N PRO C 321 41.93 -4.07 -21.72
CA PRO C 321 43.03 -3.60 -22.56
C PRO C 321 44.32 -3.46 -21.77
N ALA C 322 45.43 -3.86 -22.40
CA ALA C 322 46.74 -3.65 -21.81
C ALA C 322 47.09 -2.18 -21.67
N LYS C 323 46.28 -1.29 -22.25
CA LYS C 323 46.55 0.14 -22.18
C LYS C 323 46.28 0.74 -20.81
N MET C 324 45.65 -0.01 -19.90
CA MET C 324 45.47 0.43 -18.52
C MET C 324 46.13 -0.58 -17.59
N GLN C 325 46.81 -0.07 -16.58
CA GLN C 325 47.37 -0.93 -15.56
C GLN C 325 46.32 -1.14 -14.47
N PRO C 326 46.47 -2.19 -13.65
CA PRO C 326 45.48 -2.40 -12.59
C PRO C 326 45.29 -1.18 -11.71
N ASP C 327 46.35 -0.39 -11.52
CA ASP C 327 46.28 0.79 -10.68
C ASP C 327 45.38 1.87 -11.28
N ASP C 328 45.09 1.78 -12.58
CA ASP C 328 44.11 2.66 -13.21
C ASP C 328 42.67 2.26 -12.93
N TYR C 329 42.43 0.98 -12.58
CA TYR C 329 41.06 0.50 -12.40
C TYR C 329 40.46 1.00 -11.08
N LEU C 330 41.18 0.84 -9.98
CA LEU C 330 40.62 1.11 -8.66
C LEU C 330 40.11 2.53 -8.47
N PRO C 331 40.72 3.60 -9.02
CA PRO C 331 40.16 4.95 -8.82
C PRO C 331 38.70 5.11 -9.17
N HIS C 332 38.22 4.45 -10.23
CA HIS C 332 36.79 4.55 -10.55
C HIS C 332 35.95 3.70 -9.62
N MET C 333 36.53 2.65 -9.06
CA MET C 333 35.81 1.68 -8.22
C MET C 333 35.72 2.09 -6.76
N MET C 334 35.60 3.37 -6.48
CA MET C 334 35.68 3.84 -5.09
C MET C 334 34.71 5.00 -4.85
N LEU C 344 35.33 -4.05 -2.25
CA LEU C 344 34.49 -2.86 -2.05
C LEU C 344 33.21 -2.97 -2.88
N HIS C 345 32.22 -3.66 -2.33
CA HIS C 345 30.87 -3.71 -2.88
C HIS C 345 30.85 -4.26 -4.31
N LEU C 346 30.97 -5.57 -4.47
CA LEU C 346 31.03 -6.18 -5.79
C LEU C 346 30.01 -7.32 -5.90
N ILE C 347 29.60 -7.59 -7.14
CA ILE C 347 28.84 -8.78 -7.47
C ILE C 347 29.81 -9.84 -7.95
N LEU C 348 29.78 -11.01 -7.34
CA LEU C 348 30.61 -12.14 -7.74
C LEU C 348 29.74 -13.38 -7.92
N PRO C 349 30.10 -14.23 -8.87
CA PRO C 349 29.32 -15.47 -9.10
C PRO C 349 29.63 -16.54 -8.07
N THR C 350 28.57 -17.25 -7.66
CA THR C 350 28.76 -18.42 -6.80
C THR C 350 28.83 -19.70 -7.61
N THR C 351 27.96 -19.83 -8.61
CA THR C 351 28.06 -20.87 -9.63
C THR C 351 27.64 -20.27 -10.96
N ILE C 352 27.54 -21.11 -11.98
CA ILE C 352 26.85 -20.74 -13.20
C ILE C 352 25.36 -20.94 -12.94
N GLY C 353 24.63 -19.84 -12.80
CA GLY C 353 23.23 -19.87 -12.46
C GLY C 353 22.87 -19.32 -11.09
N HIS C 354 23.85 -18.99 -10.26
CA HIS C 354 23.57 -18.35 -8.98
C HIS C 354 24.69 -17.36 -8.68
N SER C 355 24.37 -16.30 -7.94
CA SER C 355 25.33 -15.23 -7.71
C SER C 355 25.01 -14.51 -6.41
N GLU C 356 26.00 -13.74 -5.94
CA GLU C 356 25.94 -13.06 -4.65
C GLU C 356 26.65 -11.72 -4.76
N MET C 357 26.19 -10.75 -3.96
CA MET C 357 26.99 -9.56 -3.70
C MET C 357 27.81 -9.79 -2.44
N ARG C 358 29.09 -9.38 -2.48
CA ARG C 358 30.00 -9.55 -1.36
C ARG C 358 30.51 -8.18 -0.94
N SER C 359 30.23 -7.81 0.30
CA SER C 359 30.49 -6.47 0.84
C SER C 359 31.92 -5.97 0.65
N ASP C 360 32.79 -6.26 1.61
CA ASP C 360 34.15 -5.75 1.63
C ASP C 360 35.15 -6.80 1.14
N VAL C 361 35.55 -6.68 -0.13
CA VAL C 361 36.59 -7.53 -0.71
C VAL C 361 37.88 -6.72 -0.81
N ASP C 362 39.01 -7.40 -0.68
CA ASP C 362 40.31 -6.72 -0.68
C ASP C 362 40.60 -6.03 -2.00
N ALA C 363 41.22 -4.85 -1.90
CA ALA C 363 41.71 -4.14 -3.07
C ALA C 363 42.84 -4.88 -3.77
N SER C 364 43.68 -5.59 -3.01
CA SER C 364 44.78 -6.33 -3.62
C SER C 364 44.30 -7.49 -4.47
N THR C 365 43.15 -8.07 -4.10
CA THR C 365 42.60 -9.19 -4.87
C THR C 365 42.31 -8.79 -6.32
N VAL C 366 41.74 -7.61 -6.55
CA VAL C 366 41.35 -7.24 -7.91
C VAL C 366 42.57 -7.05 -8.80
N THR C 367 43.61 -6.40 -8.30
CA THR C 367 44.82 -6.21 -9.11
C THR C 367 45.50 -7.54 -9.38
N ALA C 368 45.40 -8.48 -8.44
CA ALA C 368 45.96 -9.81 -8.63
C ALA C 368 45.23 -10.56 -9.75
N ALA C 369 43.96 -10.23 -9.98
CA ALA C 369 43.22 -10.85 -11.06
C ALA C 369 43.75 -10.42 -12.42
N ILE C 370 44.18 -9.17 -12.52
CA ILE C 370 44.74 -8.66 -13.77
C ILE C 370 46.06 -9.36 -14.07
N MET D 14 23.96 -26.10 11.71
CA MET D 14 22.75 -25.28 11.78
C MET D 14 22.44 -24.65 10.42
N GLU D 15 21.30 -25.02 9.84
CA GLU D 15 20.80 -24.45 8.61
C GLU D 15 19.75 -23.38 8.94
N LYS D 16 19.61 -22.39 8.07
CA LYS D 16 18.71 -21.28 8.36
C LYS D 16 18.04 -20.74 7.11
N VAL D 17 16.72 -20.51 7.22
CA VAL D 17 15.92 -19.88 6.16
C VAL D 17 15.27 -18.64 6.76
N THR D 18 15.40 -17.52 6.07
CA THR D 18 14.73 -16.28 6.44
C THR D 18 13.61 -15.99 5.44
N VAL D 19 12.39 -15.85 5.95
CA VAL D 19 11.21 -15.62 5.11
C VAL D 19 10.79 -14.17 5.33
N THR D 20 10.67 -13.42 4.23
CA THR D 20 10.31 -12.01 4.29
C THR D 20 9.14 -11.72 3.34
N LEU D 21 7.98 -11.45 3.92
CA LEU D 21 6.78 -11.08 3.17
C LEU D 21 6.02 -10.03 3.96
N ASP D 22 5.27 -9.20 3.21
CA ASP D 22 4.46 -8.13 3.79
C ASP D 22 5.31 -7.23 4.68
N GLU D 23 6.52 -6.95 4.22
CA GLU D 23 7.49 -6.07 4.88
C GLU D 23 7.85 -6.55 6.29
N ARG D 24 7.60 -7.82 6.61
CA ARG D 24 8.04 -8.38 7.88
C ARG D 24 9.00 -9.53 7.61
N SER D 25 9.64 -10.02 8.67
CA SER D 25 10.72 -10.98 8.52
C SER D 25 10.77 -11.90 9.73
N TYR D 26 10.97 -13.20 9.48
CA TYR D 26 11.14 -14.15 10.57
C TYR D 26 12.09 -15.24 10.12
N PRO D 27 12.85 -15.84 11.06
CA PRO D 27 13.78 -16.91 10.69
C PRO D 27 13.23 -18.31 10.86
N ILE D 28 13.74 -19.25 10.08
CA ILE D 28 13.50 -20.68 10.28
C ILE D 28 14.85 -21.31 10.61
N ASN D 29 14.99 -21.79 11.84
CA ASN D 29 16.23 -22.37 12.32
C ASN D 29 16.15 -23.89 12.30
N ILE D 30 17.15 -24.54 11.72
CA ILE D 30 17.15 -25.99 11.52
C ILE D 30 18.50 -26.50 12.03
N ALA D 31 18.48 -27.27 13.12
CA ALA D 31 19.68 -27.87 13.67
C ALA D 31 19.32 -28.95 14.68
N PRO D 32 20.14 -29.98 14.85
CA PRO D 32 19.90 -30.95 15.91
C PRO D 32 20.25 -30.39 17.27
N SER D 33 19.45 -30.78 18.27
CA SER D 33 19.58 -30.26 19.63
C SER D 33 19.47 -28.74 19.67
N LEU D 34 18.68 -28.17 18.76
CA LEU D 34 18.57 -26.73 18.67
C LEU D 34 17.78 -26.16 19.84
N TYR D 35 16.90 -26.96 20.45
CA TYR D 35 16.13 -26.50 21.60
C TYR D 35 17.03 -26.07 22.75
N GLN D 36 18.28 -26.50 22.77
CA GLN D 36 19.16 -26.29 23.91
C GLN D 36 19.98 -25.03 23.84
N GLN D 37 20.00 -24.32 22.72
CA GLN D 37 20.79 -23.10 22.66
C GLN D 37 20.05 -22.03 23.46
N GLN D 38 20.78 -21.00 23.88
CA GLN D 38 20.18 -20.00 24.75
C GLN D 38 19.16 -19.15 24.00
N ASP D 39 19.55 -18.63 22.84
CA ASP D 39 18.63 -17.83 22.06
C ASP D 39 18.02 -18.65 20.93
N ALA D 40 17.61 -19.88 21.27
CA ALA D 40 16.98 -20.76 20.30
C ALA D 40 15.57 -20.30 20.01
N PHE D 41 14.91 -19.73 21.02
CA PHE D 41 13.53 -19.26 20.94
C PHE D 41 13.45 -17.75 20.83
N TRP D 42 14.47 -17.14 20.22
CA TRP D 42 14.37 -15.76 19.78
C TRP D 42 13.11 -15.58 18.93
N PRO D 43 12.43 -14.43 19.00
CA PRO D 43 12.77 -13.18 19.70
C PRO D 43 12.31 -13.07 21.16
N LEU D 44 12.08 -14.19 21.83
CA LEU D 44 11.78 -14.15 23.25
C LEU D 44 13.04 -13.75 24.03
N THR D 45 12.88 -12.83 24.96
CA THR D 45 14.00 -12.28 25.72
C THR D 45 13.66 -12.32 27.21
N ALA D 46 14.71 -12.18 28.02
CA ALA D 46 14.57 -12.27 29.47
C ALA D 46 13.52 -11.29 29.99
N GLY D 47 12.68 -11.77 30.92
CA GLY D 47 11.65 -10.96 31.53
C GLY D 47 10.27 -11.15 30.94
N GLN D 48 10.18 -11.60 29.69
CA GLN D 48 8.90 -11.75 29.01
C GLN D 48 8.19 -13.04 29.45
N ARG D 49 6.93 -13.15 29.06
CA ARG D 49 6.12 -14.32 29.36
C ARG D 49 5.86 -15.13 28.09
N ALA D 50 5.59 -16.41 28.29
CA ALA D 50 5.33 -17.32 27.19
C ALA D 50 4.28 -18.34 27.62
N MET D 51 3.38 -18.67 26.69
CA MET D 51 2.40 -19.73 26.90
C MET D 51 2.63 -20.80 25.84
N ILE D 52 2.96 -22.01 26.28
CA ILE D 52 3.20 -23.12 25.39
C ILE D 52 1.91 -23.89 25.19
N VAL D 53 1.53 -24.10 23.94
CA VAL D 53 0.37 -24.90 23.59
C VAL D 53 0.89 -26.18 22.94
N THR D 54 0.49 -27.33 23.49
CA THR D 54 0.91 -28.62 22.97
C THR D 54 -0.21 -29.61 23.20
N ASN D 55 -0.01 -30.84 22.71
CA ASN D 55 -0.97 -31.91 22.91
C ASN D 55 -0.41 -32.92 23.92
N GLU D 56 -1.25 -33.89 24.28
CA GLU D 56 -0.88 -34.82 25.34
C GLU D 56 0.30 -35.71 24.94
N THR D 57 0.50 -35.93 23.64
CA THR D 57 1.62 -36.75 23.20
C THR D 57 2.96 -36.04 23.40
N LEU D 58 3.03 -34.77 23.01
CA LEU D 58 4.31 -34.06 23.03
C LEU D 58 4.72 -33.57 24.41
N ALA D 59 3.76 -33.37 25.32
CA ALA D 59 4.05 -32.81 26.64
C ALA D 59 5.13 -33.59 27.39
N PRO D 60 5.01 -34.90 27.60
CA PRO D 60 6.08 -35.61 28.32
C PRO D 60 7.42 -35.61 27.61
N LEU D 61 7.45 -35.45 26.29
CA LEU D 61 8.70 -35.55 25.55
C LEU D 61 9.47 -34.24 25.55
N TYR D 62 8.79 -33.12 25.31
CA TYR D 62 9.50 -31.86 25.07
C TYR D 62 9.02 -30.68 25.89
N LEU D 63 7.84 -30.73 26.50
CA LEU D 63 7.39 -29.61 27.31
C LEU D 63 8.36 -29.34 28.45
N HIS D 64 8.77 -30.40 29.16
CA HIS D 64 9.68 -30.21 30.28
C HIS D 64 11.02 -29.70 29.79
N LYS D 65 11.49 -30.20 28.64
CA LYS D 65 12.76 -29.73 28.09
C LYS D 65 12.68 -28.27 27.68
N ILE D 66 11.68 -27.90 26.89
CA ILE D 66 11.53 -26.54 26.41
C ILE D 66 11.21 -25.58 27.55
N GLN D 67 10.41 -26.02 28.51
CA GLN D 67 10.06 -25.14 29.63
C GLN D 67 11.29 -24.75 30.42
N THR D 68 12.22 -25.68 30.65
CA THR D 68 13.39 -25.36 31.48
C THR D 68 14.38 -24.48 30.74
N VAL D 69 14.63 -24.75 29.45
CA VAL D 69 15.54 -23.90 28.70
C VAL D 69 15.00 -22.48 28.64
N LEU D 70 13.67 -22.32 28.63
CA LEU D 70 13.08 -20.99 28.61
C LEU D 70 13.18 -20.30 29.97
N GLU D 71 12.87 -21.01 31.06
CA GLU D 71 12.94 -20.39 32.38
C GLU D 71 14.37 -20.03 32.77
N VAL D 72 15.35 -20.86 32.41
CA VAL D 72 16.74 -20.49 32.65
C VAL D 72 17.09 -19.21 31.88
N SER D 73 16.42 -18.98 30.75
CA SER D 73 16.68 -17.80 29.94
C SER D 73 15.90 -16.58 30.41
N GLY D 74 15.23 -16.69 31.55
CA GLY D 74 14.59 -15.57 32.21
C GLY D 74 13.16 -15.27 31.83
N VAL D 75 12.47 -16.16 31.11
CA VAL D 75 11.08 -15.94 30.75
C VAL D 75 10.18 -16.73 31.70
N LYS D 76 9.06 -16.13 32.09
CA LYS D 76 8.09 -16.79 32.95
C LYS D 76 7.09 -17.54 32.07
N VAL D 77 6.93 -18.83 32.34
CA VAL D 77 6.29 -19.74 31.41
C VAL D 77 5.07 -20.39 32.06
N ASP D 78 3.94 -20.32 31.37
CA ASP D 78 2.79 -21.17 31.62
C ASP D 78 2.56 -22.04 30.39
N SER D 79 1.68 -23.02 30.53
CA SER D 79 1.40 -23.91 29.42
C SER D 79 -0.02 -24.44 29.57
N ILE D 80 -0.53 -24.94 28.45
CA ILE D 80 -1.85 -25.57 28.38
C ILE D 80 -1.71 -26.79 27.50
N ILE D 81 -2.22 -27.92 27.97
CA ILE D 81 -2.02 -29.20 27.31
C ILE D 81 -3.35 -29.64 26.73
N LEU D 82 -3.43 -29.74 25.43
CA LEU D 82 -4.65 -30.16 24.77
C LEU D 82 -4.58 -31.64 24.43
N PRO D 83 -5.71 -32.29 24.19
CA PRO D 83 -5.67 -33.68 23.75
C PRO D 83 -5.09 -33.79 22.34
N ASP D 84 -4.59 -34.99 22.04
CA ASP D 84 -3.98 -35.25 20.74
C ASP D 84 -5.08 -35.60 19.74
N GLY D 85 -5.19 -34.81 18.68
CA GLY D 85 -6.13 -35.13 17.62
C GLY D 85 -6.56 -33.97 16.74
N GLU D 86 -6.83 -34.26 15.46
CA GLU D 86 -7.37 -33.26 14.55
C GLU D 86 -8.71 -32.71 15.01
N GLN D 87 -9.49 -33.52 15.73
CA GLN D 87 -10.80 -33.10 16.19
C GLN D 87 -10.75 -31.98 17.22
N TYR D 88 -9.59 -31.70 17.80
CA TYR D 88 -9.46 -30.62 18.78
C TYR D 88 -9.04 -29.31 18.14
N LYS D 89 -8.89 -29.26 16.83
CA LYS D 89 -8.65 -28.01 16.11
C LYS D 89 -10.01 -27.33 15.95
N SER D 90 -10.55 -26.91 17.09
CA SER D 90 -11.94 -26.47 17.17
C SER D 90 -12.01 -25.05 17.74
N LEU D 91 -13.12 -24.38 17.40
CA LEU D 91 -13.39 -23.05 17.95
C LEU D 91 -13.56 -23.10 19.46
N PHE D 92 -14.18 -24.16 19.97
CA PHE D 92 -14.42 -24.27 21.41
C PHE D 92 -13.14 -24.60 22.16
N ILE D 93 -12.23 -25.32 21.53
CA ILE D 93 -10.93 -25.58 22.14
C ILE D 93 -10.10 -24.30 22.17
N MET D 94 -10.13 -23.52 21.09
CA MET D 94 -9.42 -22.25 21.09
C MET D 94 -9.95 -21.30 22.15
N ASN D 95 -11.26 -21.37 22.45
CA ASN D 95 -11.77 -20.60 23.58
C ASN D 95 -11.07 -21.00 24.87
N ASP D 96 -10.82 -22.31 25.05
CA ASP D 96 -10.14 -22.76 26.27
C ASP D 96 -8.72 -22.21 26.37
N VAL D 97 -8.03 -22.02 25.24
CA VAL D 97 -6.73 -21.37 25.29
C VAL D 97 -6.89 -19.92 25.75
N PHE D 98 -7.92 -19.22 25.25
CA PHE D 98 -8.19 -17.87 25.71
C PHE D 98 -8.47 -17.84 27.21
N THR D 99 -9.21 -18.83 27.70
CA THR D 99 -9.47 -18.91 29.13
C THR D 99 -8.16 -19.11 29.91
N ALA D 100 -7.32 -20.03 29.44
CA ALA D 100 -6.01 -20.24 30.07
C ALA D 100 -5.19 -18.96 30.05
N LEU D 101 -5.19 -18.23 28.93
CA LEU D 101 -4.44 -16.99 28.84
C LEU D 101 -5.01 -15.96 29.82
N LEU D 102 -6.33 -15.90 29.94
CA LEU D 102 -6.95 -14.88 30.78
C LEU D 102 -6.92 -15.24 32.26
N GLU D 103 -7.16 -16.52 32.58
CA GLU D 103 -7.04 -16.99 33.96
C GLU D 103 -5.64 -16.73 34.51
N LYS D 104 -4.62 -16.76 33.66
CA LYS D 104 -3.25 -16.52 34.09
C LYS D 104 -2.79 -15.09 33.82
N HIS D 105 -3.73 -14.19 33.51
CA HIS D 105 -3.46 -12.75 33.35
C HIS D 105 -2.38 -12.49 32.30
N HIS D 106 -2.42 -13.22 31.19
CA HIS D 106 -1.55 -12.92 30.07
C HIS D 106 -2.10 -11.70 29.33
N ASN D 107 -1.24 -10.70 29.13
CA ASN D 107 -1.63 -9.46 28.50
C ASN D 107 -1.29 -9.50 27.03
N ARG D 108 -1.31 -8.32 26.40
CA ARG D 108 -1.03 -8.21 24.98
C ARG D 108 0.43 -8.50 24.66
N ASP D 109 1.28 -8.54 25.68
CA ASP D 109 2.71 -8.71 25.52
C ASP D 109 3.14 -10.18 25.46
N THR D 110 2.21 -11.11 25.64
CA THR D 110 2.51 -12.53 25.71
C THR D 110 2.98 -13.06 24.35
N THR D 111 3.59 -14.25 24.38
CA THR D 111 4.00 -14.98 23.20
C THR D 111 3.37 -16.36 23.29
N LEU D 112 2.66 -16.76 22.24
CA LEU D 112 2.12 -18.10 22.17
C LEU D 112 3.11 -18.99 21.42
N ILE D 113 3.40 -20.15 22.00
CA ILE D 113 4.37 -21.08 21.44
C ILE D 113 3.62 -22.36 21.06
N ALA D 114 3.59 -22.65 19.76
CA ALA D 114 2.93 -23.85 19.23
C ALA D 114 3.95 -24.98 19.21
N LEU D 115 3.95 -25.80 20.26
CA LEU D 115 4.83 -26.97 20.35
C LEU D 115 4.01 -28.19 19.95
N GLY D 116 4.17 -28.61 18.71
CA GLY D 116 3.38 -29.71 18.20
C GLY D 116 3.46 -29.76 16.68
N GLY D 117 2.56 -30.56 16.11
CA GLY D 117 2.47 -30.68 14.67
C GLY D 117 1.63 -29.60 14.04
N GLY D 118 1.11 -29.92 12.85
CA GLY D 118 0.27 -28.96 12.13
C GLY D 118 -1.02 -28.62 12.85
N VAL D 119 -1.56 -29.58 13.61
CA VAL D 119 -2.81 -29.33 14.34
C VAL D 119 -2.59 -28.27 15.41
N ILE D 120 -1.61 -28.49 16.29
CA ILE D 120 -1.27 -27.51 17.31
C ILE D 120 -0.86 -26.18 16.67
N GLY D 121 -0.12 -26.25 15.56
CA GLY D 121 0.33 -25.03 14.91
C GLY D 121 -0.83 -24.16 14.46
N ASP D 122 -1.80 -24.75 13.78
CA ASP D 122 -2.94 -24.00 13.27
C ASP D 122 -3.75 -23.38 14.41
N LEU D 123 -4.04 -24.19 15.44
CA LEU D 123 -4.86 -23.71 16.56
C LEU D 123 -4.16 -22.58 17.30
N THR D 124 -2.89 -22.76 17.61
CA THR D 124 -2.15 -21.75 18.36
C THR D 124 -1.93 -20.49 17.53
N GLY D 125 -1.71 -20.65 16.23
CA GLY D 125 -1.53 -19.48 15.38
C GLY D 125 -2.77 -18.61 15.32
N PHE D 126 -3.95 -19.24 15.15
CA PHE D 126 -5.19 -18.47 15.14
C PHE D 126 -5.49 -17.88 16.51
N ALA D 127 -5.10 -18.58 17.58
CA ALA D 127 -5.27 -18.02 18.92
C ALA D 127 -4.41 -16.77 19.10
N ALA D 128 -3.17 -16.79 18.57
CA ALA D 128 -2.31 -15.63 18.68
C ALA D 128 -2.79 -14.48 17.80
N ALA D 129 -3.37 -14.79 16.65
CA ALA D 129 -3.97 -13.75 15.81
C ALA D 129 -5.13 -13.08 16.51
N SER D 130 -5.92 -13.85 17.27
CA SER D 130 -7.17 -13.34 17.82
C SER D 130 -7.04 -12.79 19.22
N TYR D 131 -6.09 -13.28 20.01
CA TYR D 131 -5.99 -12.87 21.41
C TYR D 131 -5.59 -11.40 21.49
N GLN D 132 -6.50 -10.57 22.02
CA GLN D 132 -6.31 -9.13 22.08
C GLN D 132 -5.95 -8.57 20.71
N ARG D 133 -6.53 -9.19 19.68
CA ARG D 133 -6.35 -8.82 18.26
C ARG D 133 -4.90 -9.00 17.79
N GLY D 134 -4.12 -9.81 18.49
CA GLY D 134 -2.80 -10.14 18.00
C GLY D 134 -1.67 -10.07 19.02
N VAL D 135 -1.04 -11.22 19.29
CA VAL D 135 0.13 -11.31 20.14
C VAL D 135 1.20 -12.07 19.37
N ARG D 136 2.44 -11.99 19.86
CA ARG D 136 3.53 -12.66 19.16
C ARG D 136 3.40 -14.18 19.28
N PHE D 137 4.04 -14.89 18.35
CA PHE D 137 3.71 -16.28 18.06
C PHE D 137 4.93 -16.98 17.49
N ILE D 138 5.40 -18.03 18.17
CA ILE D 138 6.58 -18.77 17.77
C ILE D 138 6.17 -20.20 17.41
N GLN D 139 6.63 -20.68 16.25
CA GLN D 139 6.32 -22.02 15.79
C GLN D 139 7.43 -22.98 16.18
N VAL D 140 7.06 -24.08 16.84
CA VAL D 140 7.99 -25.17 17.12
C VAL D 140 7.43 -26.47 16.56
N PRO D 141 7.51 -26.70 15.25
CA PRO D 141 6.89 -27.89 14.67
C PRO D 141 7.67 -29.16 15.00
N THR D 142 6.93 -30.22 15.30
CA THR D 142 7.51 -31.50 15.71
C THR D 142 7.18 -32.63 14.73
N THR D 143 6.46 -32.33 13.64
CA THR D 143 6.26 -33.26 12.55
C THR D 143 7.01 -32.77 11.32
N LEU D 144 7.43 -33.73 10.49
CA LEU D 144 8.07 -33.36 9.23
C LEU D 144 7.13 -32.54 8.36
N LEU D 145 5.86 -32.94 8.30
CA LEU D 145 4.86 -32.20 7.54
C LEU D 145 4.79 -30.74 7.97
N SER D 146 4.66 -30.49 9.26
CA SER D 146 4.51 -29.12 9.74
C SER D 146 5.80 -28.32 9.56
N GLN D 147 6.95 -29.01 9.48
CA GLN D 147 8.21 -28.32 9.26
C GLN D 147 8.31 -27.78 7.83
N VAL D 148 7.80 -28.54 6.85
CA VAL D 148 7.94 -28.16 5.44
C VAL D 148 6.68 -27.53 4.88
N ASP D 149 5.59 -27.47 5.65
CA ASP D 149 4.35 -26.94 5.08
C ASP D 149 3.78 -25.79 5.89
N SER D 150 3.36 -26.05 7.12
CA SER D 150 2.74 -25.00 7.93
C SER D 150 3.72 -23.94 8.39
N SER D 151 5.03 -24.17 8.25
CA SER D 151 6.02 -23.22 8.73
C SER D 151 6.17 -22.01 7.81
N VAL D 152 5.49 -22.00 6.66
CA VAL D 152 5.55 -20.92 5.70
C VAL D 152 4.17 -20.75 5.10
N GLY D 153 3.74 -19.51 4.93
CA GLY D 153 2.48 -19.18 4.28
C GLY D 153 1.50 -18.40 5.13
N GLY D 154 1.66 -18.41 6.45
CA GLY D 154 0.85 -17.59 7.33
C GLY D 154 -0.57 -18.09 7.57
N LYS D 155 -0.98 -19.17 6.93
CA LYS D 155 -2.33 -19.69 7.14
C LYS D 155 -2.47 -20.28 8.54
N THR D 156 -3.42 -19.75 9.30
CA THR D 156 -3.86 -20.33 10.55
C THR D 156 -5.37 -20.53 10.49
N ALA D 157 -5.88 -21.50 11.25
CA ALA D 157 -7.29 -21.82 11.17
C ALA D 157 -7.66 -22.83 12.24
N VAL D 158 -8.96 -22.89 12.54
CA VAL D 158 -9.58 -24.03 13.17
C VAL D 158 -10.66 -24.54 12.21
N ASN D 159 -11.20 -25.71 12.53
CA ASN D 159 -12.21 -26.32 11.67
C ASN D 159 -13.62 -25.93 12.09
N HIS D 160 -14.53 -26.05 11.12
CA HIS D 160 -15.97 -26.05 11.30
C HIS D 160 -16.49 -27.39 10.84
N PRO D 161 -17.54 -27.91 11.47
CA PRO D 161 -18.09 -29.21 11.02
C PRO D 161 -18.50 -29.23 9.55
N LEU D 162 -18.79 -28.08 8.95
CA LEU D 162 -19.20 -27.98 7.55
C LEU D 162 -18.06 -27.56 6.63
N GLY D 163 -16.82 -27.65 7.10
CA GLY D 163 -15.69 -27.23 6.30
C GLY D 163 -14.43 -27.11 7.10
N LYS D 164 -13.36 -27.71 6.58
CA LYS D 164 -12.09 -27.74 7.28
C LYS D 164 -11.37 -26.41 7.05
N ASN D 165 -10.77 -25.86 8.12
CA ASN D 165 -9.96 -24.65 8.03
C ASN D 165 -10.78 -23.45 7.53
N MET D 166 -12.04 -23.37 7.94
CA MET D 166 -12.90 -22.30 7.47
C MET D 166 -13.01 -21.13 8.46
N ILE D 167 -12.34 -21.21 9.61
CA ILE D 167 -12.26 -20.12 10.56
C ILE D 167 -10.79 -19.93 10.89
N GLY D 168 -10.21 -18.82 10.46
CA GLY D 168 -8.81 -18.59 10.73
C GLY D 168 -8.37 -17.20 10.35
N ALA D 169 -7.05 -17.05 10.24
CA ALA D 169 -6.45 -15.76 9.95
C ALA D 169 -5.10 -15.95 9.27
N PHE D 170 -4.74 -14.98 8.43
CA PHE D 170 -3.36 -14.88 7.97
C PHE D 170 -2.55 -14.16 9.03
N TYR D 171 -1.50 -14.82 9.52
CA TYR D 171 -0.76 -14.32 10.69
C TYR D 171 0.62 -14.95 10.69
N GLN D 172 1.66 -14.12 10.67
CA GLN D 172 3.00 -14.66 10.58
C GLN D 172 3.61 -14.90 11.96
N PRO D 173 4.42 -15.94 12.09
CA PRO D 173 5.15 -16.18 13.34
C PRO D 173 6.34 -15.25 13.46
N ALA D 174 6.82 -15.13 14.70
CA ALA D 174 8.04 -14.36 14.94
C ALA D 174 9.29 -15.17 14.65
N SER D 175 9.21 -16.50 14.71
CA SER D 175 10.33 -17.37 14.40
C SER D 175 9.83 -18.81 14.37
N VAL D 176 10.65 -19.68 13.76
CA VAL D 176 10.34 -21.10 13.63
C VAL D 176 11.55 -21.88 14.13
N VAL D 177 11.32 -22.77 15.09
CA VAL D 177 12.38 -23.51 15.76
C VAL D 177 12.25 -24.97 15.37
N ILE D 178 13.12 -25.42 14.49
CA ILE D 178 13.11 -26.81 14.00
C ILE D 178 14.33 -27.50 14.57
N ASP D 179 14.14 -28.20 15.69
CA ASP D 179 15.13 -29.11 16.24
C ASP D 179 14.89 -30.49 15.65
N LEU D 180 15.87 -31.00 14.90
CA LEU D 180 15.69 -32.29 14.25
C LEU D 180 15.59 -33.44 15.25
N ASP D 181 16.00 -33.24 16.51
CA ASP D 181 15.87 -34.31 17.50
C ASP D 181 14.43 -34.74 17.66
N CYS D 182 13.49 -33.80 17.52
CA CYS D 182 12.08 -34.13 17.68
C CYS D 182 11.59 -35.11 16.62
N LEU D 183 12.30 -35.22 15.49
CA LEU D 183 11.94 -36.21 14.50
C LEU D 183 12.25 -37.63 14.96
N LYS D 184 13.18 -37.82 15.90
CA LYS D 184 13.50 -39.17 16.35
C LYS D 184 12.30 -39.84 17.02
N THR D 185 11.46 -39.06 17.69
CA THR D 185 10.28 -39.61 18.35
C THR D 185 9.06 -39.69 17.44
N LEU D 186 9.14 -39.14 16.24
CA LEU D 186 7.98 -39.12 15.37
C LEU D 186 7.78 -40.50 14.75
N PRO D 187 6.60 -41.10 14.87
CA PRO D 187 6.33 -42.38 14.20
C PRO D 187 6.71 -42.34 12.73
N LYS D 188 7.36 -43.40 12.27
CA LYS D 188 7.84 -43.40 10.88
C LYS D 188 6.71 -43.38 9.87
N ARG D 189 5.51 -43.80 10.27
CA ARG D 189 4.37 -43.66 9.37
C ARG D 189 4.03 -42.18 9.13
N GLU D 190 4.20 -41.35 10.17
CA GLU D 190 4.04 -39.92 9.98
C GLU D 190 5.19 -39.33 9.17
N LEU D 191 6.41 -39.82 9.41
CA LEU D 191 7.57 -39.29 8.69
C LEU D 191 7.46 -39.58 7.19
N SER D 192 6.96 -40.76 6.84
CA SER D 192 6.71 -41.06 5.43
C SER D 192 5.58 -40.17 4.90
N SER D 193 4.56 -39.92 5.73
CA SER D 193 3.50 -39.00 5.34
C SER D 193 4.06 -37.61 5.07
N GLY D 194 4.94 -37.13 5.96
CA GLY D 194 5.60 -35.86 5.71
C GLY D 194 6.46 -35.89 4.47
N LEU D 195 7.11 -37.04 4.20
CA LEU D 195 7.98 -37.14 3.04
C LEU D 195 7.23 -37.06 1.72
N ALA D 196 5.92 -37.32 1.72
CA ALA D 196 5.14 -37.16 0.51
C ALA D 196 5.14 -35.70 0.04
N GLU D 197 4.99 -34.76 0.97
CA GLU D 197 4.91 -33.36 0.58
C GLU D 197 6.26 -32.77 0.19
N VAL D 198 7.36 -33.17 0.83
CA VAL D 198 8.68 -32.74 0.34
C VAL D 198 8.90 -33.26 -1.07
N ILE D 199 8.50 -34.49 -1.34
CA ILE D 199 8.64 -35.02 -2.69
C ILE D 199 7.74 -34.25 -3.64
N LYS D 200 6.62 -33.75 -3.13
CA LYS D 200 5.71 -32.93 -3.94
C LYS D 200 6.41 -31.67 -4.45
N TYR D 201 7.22 -31.03 -3.61
CA TYR D 201 7.92 -29.81 -4.03
C TYR D 201 8.82 -30.06 -5.23
N GLY D 202 9.51 -31.19 -5.25
CA GLY D 202 10.39 -31.50 -6.37
C GLY D 202 9.63 -31.66 -7.68
N ILE D 203 8.46 -32.29 -7.63
CA ILE D 203 7.73 -32.59 -8.85
C ILE D 203 7.13 -31.32 -9.45
N ILE D 204 6.68 -30.39 -8.60
CA ILE D 204 5.98 -29.22 -9.10
C ILE D 204 6.90 -28.04 -9.43
N LEU D 205 8.09 -27.99 -8.82
CA LEU D 205 8.91 -26.78 -8.92
C LEU D 205 10.40 -27.00 -9.06
N ASP D 206 10.96 -28.12 -8.61
CA ASP D 206 12.42 -28.28 -8.64
C ASP D 206 12.76 -29.71 -9.03
N GLY D 207 13.04 -29.91 -10.33
CA GLY D 207 13.47 -31.22 -10.78
C GLY D 207 14.80 -31.65 -10.18
N GLU D 208 15.71 -30.69 -10.04
CA GLU D 208 17.02 -30.98 -9.45
C GLU D 208 16.89 -31.41 -7.99
N PHE D 209 15.97 -30.77 -7.25
CA PHE D 209 15.70 -31.21 -5.88
C PHE D 209 15.12 -32.63 -5.87
N PHE D 210 14.23 -32.92 -6.82
CA PHE D 210 13.69 -34.28 -6.96
C PHE D 210 14.80 -35.29 -7.16
N SER D 211 15.75 -34.99 -8.05
CA SER D 211 16.88 -35.88 -8.29
C SER D 211 17.68 -36.13 -7.01
N TRP D 212 17.78 -35.13 -6.19
CA TRP D 212 18.52 -35.28 -4.97
C TRP D 212 17.86 -36.34 -4.12
N LEU D 213 16.54 -36.33 -4.12
CA LEU D 213 15.78 -37.23 -3.30
C LEU D 213 15.88 -38.70 -3.49
N GLU D 214 16.08 -39.18 -4.73
CA GLU D 214 16.12 -40.63 -5.03
C GLU D 214 17.35 -41.40 -4.60
N GLU D 215 18.35 -40.66 -4.17
CA GLU D 215 19.55 -41.21 -3.61
C GLU D 215 19.55 -40.95 -2.09
N ASN D 216 18.86 -39.90 -1.66
CA ASN D 216 18.77 -39.55 -0.25
C ASN D 216 17.56 -40.06 0.50
N ILE D 217 16.56 -40.55 -0.21
CA ILE D 217 15.37 -41.02 0.51
C ILE D 217 15.79 -41.89 1.69
N ASP D 218 16.75 -42.79 1.47
CA ASP D 218 17.23 -43.65 2.56
C ASP D 218 17.98 -42.84 3.60
N ALA D 219 18.67 -41.77 3.19
CA ALA D 219 19.30 -40.90 4.17
C ALA D 219 18.24 -40.18 4.99
N LEU D 220 17.18 -39.70 4.35
CA LEU D 220 16.08 -39.07 5.10
C LEU D 220 15.31 -40.09 5.92
N MET D 221 15.03 -41.27 5.34
CA MET D 221 14.30 -42.30 6.08
C MET D 221 15.07 -42.74 7.32
N ALA D 222 16.39 -42.60 7.31
CA ALA D 222 17.22 -42.90 8.47
C ALA D 222 17.43 -41.70 9.38
N LEU D 223 16.82 -40.56 9.06
CA LEU D 223 16.94 -39.34 9.87
C LEU D 223 18.37 -38.83 9.88
N ASP D 224 19.00 -38.82 8.71
CA ASP D 224 20.35 -38.27 8.58
C ASP D 224 20.31 -36.77 8.85
N ASN D 225 21.08 -36.33 9.85
CA ASN D 225 21.08 -34.93 10.26
C ASN D 225 21.35 -33.99 9.09
N GLN D 226 22.34 -34.32 8.26
CA GLN D 226 22.76 -33.40 7.21
C GLN D 226 21.78 -33.37 6.04
N ALA D 227 21.20 -34.52 5.69
CA ALA D 227 20.25 -34.56 4.60
C ALA D 227 18.92 -33.92 4.99
N MET D 228 18.44 -34.22 6.19
CA MET D 228 17.17 -33.67 6.64
C MET D 228 17.23 -32.15 6.77
N ALA D 229 18.36 -31.61 7.24
CA ALA D 229 18.50 -30.16 7.41
C ALA D 229 18.38 -29.43 6.08
N TYR D 230 19.10 -29.89 5.05
CA TYR D 230 18.98 -29.25 3.74
C TYR D 230 17.60 -29.49 3.16
N CYS D 231 17.07 -30.71 3.35
CA CYS D 231 15.72 -31.02 2.92
C CYS D 231 14.73 -30.01 3.47
N ILE D 232 14.77 -29.77 4.77
CA ILE D 232 13.87 -28.81 5.40
C ILE D 232 14.11 -27.41 4.82
N ARG D 233 15.38 -27.03 4.66
CA ARG D 233 15.68 -25.71 4.14
C ARG D 233 15.08 -25.50 2.75
N ARG D 234 15.25 -26.49 1.86
CA ARG D 234 14.84 -26.25 0.48
C ARG D 234 13.33 -26.26 0.35
N CYS D 235 12.64 -27.13 1.10
CA CYS D 235 11.18 -27.14 1.06
C CYS D 235 10.64 -25.81 1.54
N CYS D 236 11.21 -25.27 2.60
CA CYS D 236 10.83 -23.93 3.05
C CYS D 236 11.13 -22.88 2.00
N GLU D 237 12.31 -22.98 1.36
CA GLU D 237 12.65 -22.03 0.30
C GLU D 237 11.66 -22.09 -0.86
N LEU D 238 11.23 -23.30 -1.25
CA LEU D 238 10.32 -23.40 -2.38
C LEU D 238 8.94 -22.84 -2.06
N LYS D 239 8.43 -23.12 -0.86
CA LYS D 239 7.12 -22.59 -0.50
C LYS D 239 7.20 -21.09 -0.24
N ALA D 240 8.24 -20.63 0.46
CA ALA D 240 8.42 -19.19 0.70
C ALA D 240 8.46 -18.42 -0.61
N GLN D 241 9.09 -18.98 -1.65
CA GLN D 241 9.15 -18.31 -2.94
C GLN D 241 7.77 -18.12 -3.56
N VAL D 242 6.97 -19.19 -3.57
CA VAL D 242 5.69 -19.11 -4.28
C VAL D 242 4.66 -18.36 -3.45
N VAL D 243 4.85 -18.29 -2.13
CA VAL D 243 3.99 -17.42 -1.32
C VAL D 243 4.37 -15.97 -1.58
N ALA D 244 5.68 -15.68 -1.69
CA ALA D 244 6.14 -14.34 -2.02
C ALA D 244 5.80 -13.96 -3.46
N ALA D 245 5.77 -14.95 -4.36
CA ALA D 245 5.42 -14.66 -5.75
C ALA D 245 3.95 -14.33 -5.90
N ASP D 246 3.11 -14.90 -5.04
CA ASP D 246 1.66 -14.69 -5.12
C ASP D 246 1.28 -13.34 -4.52
N SER D 251 -2.35 -14.06 -7.09
CA SER D 251 -3.54 -14.57 -7.76
C SER D 251 -3.68 -16.08 -7.58
N GLY D 252 -2.93 -16.86 -8.36
CA GLY D 252 -3.00 -18.32 -8.31
C GLY D 252 -1.65 -19.01 -8.34
N LEU D 253 -0.59 -18.32 -7.94
CA LEU D 253 0.73 -18.95 -7.97
C LEU D 253 0.86 -19.97 -6.85
N ARG D 254 0.27 -19.68 -5.68
CA ARG D 254 0.27 -20.59 -4.55
C ARG D 254 -0.60 -21.83 -4.77
N ALA D 255 -1.47 -21.82 -5.78
CA ALA D 255 -2.37 -22.96 -6.00
C ALA D 255 -1.67 -24.24 -6.43
N LEU D 256 -0.47 -24.15 -7.00
CA LEU D 256 0.25 -25.36 -7.44
C LEU D 256 0.58 -26.31 -6.29
N LEU D 257 0.52 -25.85 -5.04
CA LEU D 257 0.81 -26.71 -3.89
C LEU D 257 -0.25 -27.77 -3.64
N ASN D 258 -1.38 -27.75 -4.34
CA ASN D 258 -2.42 -28.76 -4.17
C ASN D 258 -2.32 -29.89 -5.18
N LEU D 259 -1.12 -30.15 -5.70
CA LEU D 259 -0.91 -31.28 -6.59
C LEU D 259 -1.20 -32.60 -5.87
N GLY D 260 -2.08 -33.40 -6.46
CA GLY D 260 -2.49 -34.65 -5.86
C GLY D 260 -3.37 -34.54 -4.64
N HIS D 261 -3.76 -33.32 -4.24
CA HIS D 261 -4.57 -33.15 -3.03
C HIS D 261 -6.05 -33.34 -3.29
N THR D 262 -6.52 -33.16 -4.53
CA THR D 262 -7.91 -33.48 -4.84
C THR D 262 -8.15 -34.98 -4.81
N PHE D 263 -7.25 -35.77 -5.40
CA PHE D 263 -7.33 -37.22 -5.22
C PHE D 263 -7.09 -37.59 -3.77
N GLY D 264 -6.16 -36.89 -3.11
CA GLY D 264 -5.88 -37.19 -1.71
C GLY D 264 -7.06 -36.92 -0.82
N HIS D 265 -7.78 -35.83 -1.08
CA HIS D 265 -9.01 -35.57 -0.32
C HIS D 265 -10.03 -36.68 -0.54
N ALA D 266 -10.19 -37.13 -1.79
CA ALA D 266 -11.09 -38.23 -2.08
C ALA D 266 -10.76 -39.44 -1.22
N ILE D 267 -9.48 -39.78 -1.13
CA ILE D 267 -9.05 -40.90 -0.29
C ILE D 267 -9.36 -40.61 1.18
N GLU D 268 -8.95 -39.42 1.65
CA GLU D 268 -9.17 -39.08 3.05
C GLU D 268 -10.65 -38.98 3.38
N ALA D 269 -11.47 -38.46 2.46
CA ALA D 269 -12.89 -38.35 2.70
C ALA D 269 -13.56 -39.72 2.66
N GLU D 270 -13.20 -40.55 1.68
CA GLU D 270 -13.85 -41.84 1.54
C GLU D 270 -13.40 -42.83 2.60
N MET D 271 -12.14 -42.75 3.04
CA MET D 271 -11.64 -43.67 4.04
C MET D 271 -11.84 -43.15 5.45
N GLY D 272 -11.93 -41.83 5.63
CA GLY D 272 -12.00 -41.40 7.01
C GLY D 272 -10.66 -40.93 7.54
N TYR D 273 -10.73 -40.09 8.56
CA TYR D 273 -9.52 -39.57 9.20
C TYR D 273 -8.72 -40.71 9.82
N GLY D 274 -7.43 -40.45 10.07
CA GLY D 274 -6.54 -41.35 10.76
C GLY D 274 -6.20 -42.67 10.07
N VAL D 275 -7.14 -43.25 9.32
CA VAL D 275 -6.87 -44.55 8.69
C VAL D 275 -5.86 -44.38 7.56
N TRP D 276 -6.16 -43.51 6.59
CA TRP D 276 -5.18 -43.06 5.62
C TRP D 276 -4.68 -41.69 6.08
N LEU D 277 -3.37 -41.56 6.24
CA LEU D 277 -2.81 -40.26 6.59
C LEU D 277 -2.82 -39.33 5.37
N HIS D 278 -2.84 -38.02 5.65
CA HIS D 278 -2.90 -37.03 4.59
C HIS D 278 -1.77 -37.22 3.57
N GLY D 279 -0.54 -37.35 4.05
CA GLY D 279 0.58 -37.55 3.14
C GLY D 279 0.46 -38.87 2.38
N GLU D 280 -0.03 -39.91 3.05
CA GLU D 280 -0.29 -41.17 2.36
C GLU D 280 -1.33 -40.96 1.27
N ALA D 281 -2.36 -40.16 1.55
CA ALA D 281 -3.39 -39.88 0.56
C ALA D 281 -2.84 -39.10 -0.63
N VAL D 282 -1.97 -38.11 -0.37
CA VAL D 282 -1.43 -37.34 -1.48
C VAL D 282 -0.45 -38.19 -2.30
N ALA D 283 0.30 -39.08 -1.63
CA ALA D 283 1.26 -39.92 -2.35
C ALA D 283 0.54 -40.74 -3.42
N ALA D 284 -0.51 -41.47 -3.03
CA ALA D 284 -1.31 -42.19 -4.00
C ALA D 284 -2.03 -41.24 -4.94
N GLY D 285 -2.37 -40.04 -4.46
CA GLY D 285 -3.00 -39.05 -5.32
C GLY D 285 -2.05 -38.45 -6.33
N MET D 286 -0.78 -38.27 -5.96
CA MET D 286 0.20 -37.76 -6.91
C MET D 286 0.42 -38.76 -8.05
N VAL D 287 0.41 -40.05 -7.73
CA VAL D 287 0.49 -41.07 -8.77
C VAL D 287 -0.71 -40.95 -9.71
N MET D 288 -1.91 -40.84 -9.14
CA MET D 288 -3.11 -40.71 -9.95
C MET D 288 -3.10 -39.44 -10.79
N ALA D 289 -2.50 -38.36 -10.28
CA ALA D 289 -2.40 -37.13 -11.06
C ALA D 289 -1.36 -37.23 -12.17
N ALA D 290 -0.24 -37.92 -11.92
CA ALA D 290 0.79 -38.06 -12.94
C ALA D 290 0.31 -38.84 -14.15
N LYS D 291 -0.41 -39.95 -13.94
CA LYS D 291 -0.84 -40.76 -15.07
C LYS D 291 -1.98 -40.11 -15.84
N THR D 292 -2.80 -39.28 -15.17
CA THR D 292 -3.80 -38.52 -15.90
C THR D 292 -3.15 -37.44 -16.75
N ALA D 293 -1.99 -36.92 -16.31
CA ALA D 293 -1.21 -36.05 -17.17
C ALA D 293 -0.64 -36.83 -18.34
N GLU D 294 -0.33 -38.11 -18.12
CA GLU D 294 0.07 -39.00 -19.21
C GLU D 294 -1.09 -39.31 -20.13
N LEU D 295 -2.29 -39.47 -19.57
CA LEU D 295 -3.46 -39.83 -20.37
C LEU D 295 -3.78 -38.78 -21.43
N ILE D 296 -3.71 -37.49 -21.07
CA ILE D 296 -4.00 -36.44 -22.04
C ILE D 296 -2.82 -36.19 -22.98
N GLY D 297 -1.63 -36.64 -22.61
CA GLY D 297 -0.47 -36.50 -23.45
C GLY D 297 0.52 -35.43 -23.03
N GLN D 298 0.62 -35.14 -21.75
CA GLN D 298 1.55 -34.14 -21.26
C GLN D 298 2.61 -34.70 -20.33
N PHE D 299 2.57 -35.99 -20.03
CA PHE D 299 3.51 -36.64 -19.12
C PHE D 299 3.89 -38.00 -19.70
N THR D 300 5.14 -38.39 -19.45
CA THR D 300 5.47 -39.70 -19.95
C THR D 300 5.28 -40.75 -18.87
N PRO D 301 4.93 -41.98 -19.26
CA PRO D 301 4.87 -43.07 -18.26
C PRO D 301 6.20 -43.36 -17.59
N GLU D 302 7.32 -43.08 -18.25
CA GLU D 302 8.63 -43.29 -17.63
C GLU D 302 8.86 -42.30 -16.49
N GLN D 303 8.43 -41.05 -16.68
CA GLN D 303 8.51 -40.08 -15.58
C GLN D 303 7.67 -40.50 -14.39
N THR D 304 6.54 -41.18 -14.63
CA THR D 304 5.78 -41.70 -13.50
C THR D 304 6.60 -42.72 -12.71
N ASP D 305 7.51 -43.42 -13.38
CA ASP D 305 8.40 -44.35 -12.68
C ASP D 305 9.37 -43.57 -11.79
N ARG D 306 9.55 -42.30 -12.06
CA ARG D 306 10.44 -41.62 -11.22
C ARG D 306 9.75 -41.36 -9.90
N VAL D 307 8.46 -41.06 -9.92
CA VAL D 307 7.76 -40.78 -8.67
C VAL D 307 7.32 -42.05 -7.97
N ILE D 308 6.73 -43.00 -8.71
CA ILE D 308 6.19 -44.21 -8.09
C ILE D 308 7.30 -44.97 -7.35
N ALA D 309 8.49 -45.03 -7.96
CA ALA D 309 9.58 -45.76 -7.31
C ALA D 309 10.02 -45.05 -6.03
N LEU D 310 10.06 -43.71 -6.06
CA LEU D 310 10.49 -42.97 -4.89
C LEU D 310 9.45 -43.03 -3.78
N LEU D 311 8.16 -42.96 -4.13
CA LEU D 311 7.12 -43.06 -3.11
C LEU D 311 7.09 -44.43 -2.46
N LYS D 312 7.23 -45.50 -3.26
CA LYS D 312 7.33 -46.83 -2.68
C LYS D 312 8.56 -46.94 -1.79
N ARG D 313 9.63 -46.33 -2.20
CA ARG D 313 10.77 -46.40 -1.38
C ARG D 313 10.40 -45.67 -0.13
N ALA D 314 9.90 -44.46 -0.27
CA ALA D 314 9.52 -43.67 0.89
C ALA D 314 8.50 -44.39 1.76
N GLU D 315 8.16 -45.64 1.40
CA GLU D 315 7.16 -46.45 2.11
C GLU D 315 5.80 -45.77 2.10
N LEU D 316 5.45 -45.20 0.95
CA LEU D 316 4.20 -44.50 0.74
C LEU D 316 3.33 -45.24 -0.28
N PRO D 317 2.02 -45.26 -0.09
CA PRO D 317 1.14 -45.93 -1.06
C PRO D 317 1.19 -45.25 -2.42
N VAL D 318 1.04 -46.05 -3.47
CA VAL D 318 1.06 -45.56 -4.84
C VAL D 318 -0.27 -45.71 -5.55
N THR D 319 -1.27 -46.34 -4.94
CA THR D 319 -2.58 -46.46 -5.56
C THR D 319 -3.66 -45.78 -4.72
N MET D 324 -11.62 -49.49 -1.48
CA MET D 324 -11.53 -48.36 -2.40
C MET D 324 -12.05 -48.75 -3.78
N GLN D 325 -12.89 -47.90 -4.37
CA GLN D 325 -13.37 -48.13 -5.72
C GLN D 325 -13.26 -46.83 -6.50
N PRO D 326 -13.11 -46.90 -7.83
CA PRO D 326 -12.98 -45.66 -8.62
C PRO D 326 -14.21 -44.78 -8.57
N ASP D 327 -15.42 -45.36 -8.47
CA ASP D 327 -16.65 -44.58 -8.51
C ASP D 327 -16.81 -43.67 -7.29
N ASP D 328 -16.09 -43.94 -6.20
CA ASP D 328 -16.11 -43.10 -5.02
C ASP D 328 -15.29 -41.83 -5.16
N TYR D 329 -14.35 -41.78 -6.11
CA TYR D 329 -13.45 -40.62 -6.20
C TYR D 329 -14.19 -39.39 -6.71
N LEU D 330 -14.88 -39.53 -7.83
CA LEU D 330 -15.42 -38.36 -8.53
C LEU D 330 -16.34 -37.48 -7.69
N PRO D 331 -17.21 -38.00 -6.81
CA PRO D 331 -18.03 -37.09 -5.98
C PRO D 331 -17.22 -36.09 -5.18
N HIS D 332 -16.07 -36.50 -4.64
CA HIS D 332 -15.20 -35.59 -3.90
C HIS D 332 -14.39 -34.68 -4.80
N MET D 333 -14.19 -35.05 -6.06
CA MET D 333 -13.32 -34.31 -6.95
C MET D 333 -14.04 -33.08 -7.50
N HIS D 345 -9.36 -28.96 -13.42
CA HIS D 345 -9.85 -29.02 -12.04
C HIS D 345 -8.72 -29.36 -11.07
N LEU D 346 -7.63 -29.88 -11.63
CA LEU D 346 -6.50 -30.37 -10.85
C LEU D 346 -5.20 -29.75 -11.34
N ILE D 347 -4.20 -29.81 -10.46
CA ILE D 347 -2.82 -29.51 -10.80
C ILE D 347 -2.19 -30.81 -11.30
N LEU D 348 -1.59 -30.76 -12.48
CA LEU D 348 -0.94 -31.92 -13.08
C LEU D 348 0.49 -31.58 -13.49
N PRO D 349 1.39 -32.55 -13.39
CA PRO D 349 2.79 -32.29 -13.79
C PRO D 349 2.97 -32.31 -15.30
N THR D 350 3.80 -31.38 -15.78
CA THR D 350 4.24 -31.39 -17.17
C THR D 350 5.61 -32.04 -17.32
N THR D 351 6.52 -31.76 -16.39
CA THR D 351 7.78 -32.48 -16.25
C THR D 351 8.03 -32.64 -14.75
N ILE D 352 9.16 -33.21 -14.38
CA ILE D 352 9.64 -33.15 -13.00
C ILE D 352 10.33 -31.80 -12.80
N GLY D 353 9.71 -30.93 -12.02
CA GLY D 353 10.17 -29.57 -11.84
C GLY D 353 9.27 -28.54 -12.47
N HIS D 354 8.23 -28.98 -13.17
CA HIS D 354 7.26 -28.10 -13.80
C HIS D 354 5.88 -28.69 -13.58
N SER D 355 4.88 -27.82 -13.41
CA SER D 355 3.53 -28.26 -13.11
C SER D 355 2.56 -27.18 -13.56
N GLU D 356 1.30 -27.58 -13.70
CA GLU D 356 0.31 -26.69 -14.29
C GLU D 356 -1.06 -26.94 -13.68
N MET D 357 -1.88 -25.90 -13.68
CA MET D 357 -3.30 -26.02 -13.47
C MET D 357 -3.98 -26.27 -14.81
N ARG D 358 -4.97 -27.15 -14.82
CA ARG D 358 -5.67 -27.52 -16.05
C ARG D 358 -7.12 -27.08 -15.94
N SER D 359 -7.53 -26.24 -16.89
CA SER D 359 -8.81 -25.55 -16.90
C SER D 359 -9.88 -26.43 -17.54
N ASP D 360 -10.37 -27.40 -16.74
CA ASP D 360 -11.43 -28.34 -17.10
C ASP D 360 -10.91 -29.61 -17.76
N VAL D 361 -10.81 -30.68 -16.98
CA VAL D 361 -10.43 -32.00 -17.48
C VAL D 361 -11.69 -32.84 -17.63
N ASP D 362 -11.68 -33.71 -18.63
CA ASP D 362 -12.84 -34.56 -18.89
C ASP D 362 -13.06 -35.49 -17.71
N ALA D 363 -14.34 -35.76 -17.39
CA ALA D 363 -14.64 -36.71 -16.33
C ALA D 363 -14.10 -38.10 -16.63
N SER D 364 -14.08 -38.49 -17.90
CA SER D 364 -13.56 -39.81 -18.27
C SER D 364 -12.05 -39.89 -18.09
N THR D 365 -11.33 -38.78 -18.28
CA THR D 365 -9.88 -38.80 -18.16
C THR D 365 -9.43 -39.23 -16.77
N VAL D 366 -10.03 -38.66 -15.72
CA VAL D 366 -9.59 -38.97 -14.36
C VAL D 366 -10.01 -40.39 -13.97
N THR D 367 -11.24 -40.77 -14.31
CA THR D 367 -11.73 -42.11 -13.96
C THR D 367 -10.96 -43.19 -14.70
N ALA D 368 -10.49 -42.89 -15.92
CA ALA D 368 -9.66 -43.83 -16.67
C ALA D 368 -8.31 -44.05 -16.02
N ALA D 369 -7.84 -43.08 -15.21
CA ALA D 369 -6.54 -43.22 -14.57
C ALA D 369 -6.53 -44.35 -13.54
N ILE D 370 -7.62 -44.51 -12.79
CA ILE D 370 -7.70 -45.59 -11.84
C ILE D 370 -7.81 -46.93 -12.55
PA NAD E . 4.32 32.52 -5.87
O1A NAD E . 5.07 31.21 -5.56
O2A NAD E . 4.93 33.16 -7.13
O5B NAD E . 4.48 33.58 -4.61
C5B NAD E . 3.84 34.83 -4.70
C4B NAD E . 4.84 35.99 -4.44
O4B NAD E . 4.90 36.28 -3.15
C3B NAD E . 6.27 35.62 -4.84
O3B NAD E . 6.95 36.70 -5.35
C2B NAD E . 6.94 35.21 -3.50
O2B NAD E . 8.42 35.43 -3.59
C1B NAD E . 6.41 36.00 -2.61
N9A NAD E . 6.31 35.33 -1.32
C8A NAD E . 6.05 34.05 -1.08
N7A NAD E . 6.04 33.86 0.25
C5A NAD E . 6.32 35.04 0.83
C6A NAD E . 6.43 35.40 2.17
N6A NAD E . 6.31 34.69 3.42
N1A NAD E . 6.69 36.65 2.48
C2A NAD E . 6.86 37.57 1.52
N3A NAD E . 6.75 37.22 0.21
C4A NAD E . 6.48 35.95 -0.12
O3 NAD E . 2.71 32.21 -6.12
PN NAD E . 1.79 31.15 -5.25
O1N NAD E . 0.48 31.78 -4.90
O2N NAD E . 2.48 30.78 -4.01
O5D NAD E . 1.52 29.81 -6.16
C5D NAD E . 1.52 29.94 -7.55
C4D NAD E . 2.05 28.60 -8.19
O4D NAD E . 1.66 27.57 -7.46
C3D NAD E . 1.45 28.40 -9.62
O3D NAD E . 2.46 28.16 -10.50
C2D NAD E . 0.56 27.18 -9.49
O2D NAD E . 0.62 26.39 -10.77
C1D NAD E . 1.10 26.49 -8.50
N1N NAD E . 0.09 25.69 -7.82
C2N NAD E . 0.26 24.35 -7.72
C3N NAD E . -0.69 23.57 -7.08
C7N NAD E . -0.50 22.03 -6.97
O7N NAD E . 0.55 21.58 -7.06
N7N NAD E . -1.65 21.17 -6.77
C4N NAD E . -1.77 24.16 -6.55
C5N NAD E . -1.96 25.49 -6.64
C6N NAD E . -1.00 26.26 -7.29
MG MG F . -6.86 27.66 -8.10
CAX 7LH G . -9.21 25.23 -14.87
CAV 7LH G . -10.31 25.33 -15.72
OAW 7LH G . -11.54 24.80 -15.31
CAT 7LH G . -10.21 25.98 -16.94
OAU 7LH G . -11.33 26.08 -17.77
CAS 7LH G . -9.00 26.51 -17.33
CAR 7LH G . -7.89 26.40 -16.50
CAQ 7LH G . -8.00 25.76 -15.27
CAP 7LH G . -6.78 25.65 -14.36
CAO 7LH G . -6.76 24.33 -13.59
CAM 7LH G . -5.72 24.36 -12.46
OAN 7LH G . -4.57 24.49 -12.71
OAL 7LH G . -6.14 24.23 -11.13
CAK 7LH G . -5.08 24.13 -10.21
CAY 7LH G . -4.96 22.67 -9.75
CAD 7LH G . -6.14 22.20 -8.90
CAB 7LH G . -5.76 20.89 -8.23
OAC 7LH G . -4.89 20.88 -7.32
OAA 7LH G . -6.31 19.80 -8.59
OAE 7LH G . -7.25 22.00 -9.75
CAF 7LH G . -6.55 23.21 -7.80
CAG 7LH G . -6.64 24.64 -8.33
OAH 7LH G . -6.90 25.53 -7.27
CAI 7LH G . -5.34 25.06 -9.03
OAJ 7LH G . -5.48 26.38 -9.46
C1 EDO H . -7.25 11.64 3.86
O1 EDO H . -6.09 11.31 3.10
C2 EDO H . -8.45 10.88 3.30
O2 EDO H . -8.19 9.47 3.38
C1 EDO I . -15.77 27.94 -13.37
O1 EDO I . -15.62 29.18 -14.07
C2 EDO I . -17.24 27.65 -13.12
O2 EDO I . -17.34 26.77 -11.99
C1 EDO J . -13.29 44.38 -10.58
O1 EDO J . -13.81 44.79 -11.85
C2 EDO J . -11.84 44.82 -10.47
O2 EDO J . -11.34 44.49 -9.17
PA NAD K . -26.06 -1.82 20.78
O1A NAD K . -25.42 -2.39 19.50
O2A NAD K . -26.40 -2.98 21.74
O5B NAD K . -27.46 -1.00 20.40
C5B NAD K . -28.22 -0.44 21.46
C4B NAD K . -29.68 -1.01 21.51
O4B NAD K . -30.48 -0.31 20.74
C3B NAD K . -29.75 -2.46 21.01
O3B NAD K . -30.68 -3.17 21.72
C2B NAD K . -30.23 -2.34 19.55
O2B NAD K . -31.01 -3.56 19.19
C1B NAD K . -31.00 -1.29 19.55
N9A NAD K . -30.89 -0.56 18.29
C8A NAD K . -29.82 -0.40 17.52
N7A NAD K . -30.17 0.36 16.48
C5A NAD K . -31.47 0.66 16.60
C6A NAD K . -32.33 1.42 15.82
N6A NAD K . -32.20 2.14 14.57
N1A NAD K . -33.59 1.56 16.17
C2A NAD K . -34.05 0.99 17.31
N3A NAD K . -33.20 0.27 18.09
C4A NAD K . -31.91 0.11 17.72
O3 NAD K . -25.04 -0.77 21.53
PN NAD K . -24.07 0.32 20.76
O1N NAD K . -24.05 1.61 21.54
O2N NAD K . -24.54 0.57 19.40
O5D NAD K . -22.52 -0.29 20.69
C5D NAD K . -22.08 -1.06 21.81
C4D NAD K . -20.99 -2.08 21.30
O4D NAD K . -20.31 -1.52 20.35
C3D NAD K . -19.99 -2.41 22.43
O3D NAD K . -19.82 -3.77 22.54
C2D NAD K . -18.69 -1.77 21.98
O2D NAD K . -17.52 -2.62 22.43
C1D NAD K . -18.76 -1.76 20.68
N1N NAD K . -17.97 -0.68 20.12
C2N NAD K . -16.98 -0.98 19.24
C3N NAD K . -16.21 0.05 18.69
C7N NAD K . -15.06 -0.28 17.68
O7N NAD K . -15.10 -1.25 17.06
N7N NAD K . -13.95 0.64 17.50
C4N NAD K . -16.44 1.32 19.04
C5N NAD K . -17.44 1.61 19.92
C6N NAD K . -18.20 0.60 20.46
MG MG L . -16.53 5.11 24.18
CAX 7LH M . -11.12 2.99 28.81
CAV 7LH M . -10.35 3.39 29.89
OAW 7LH M . -9.60 4.57 29.82
CAT 7LH M . -10.30 2.61 31.03
OAU 7LH M . -9.52 3.02 32.12
CAS 7LH M . -11.04 1.43 31.10
CAR 7LH M . -11.81 1.05 30.02
CAQ 7LH M . -11.86 1.82 28.88
CAP 7LH M . -12.70 1.40 27.68
CAO 7LH M . -11.90 1.42 26.39
CAM 7LH M . -12.78 1.26 25.15
OAN 7LH M . -13.28 0.22 24.90
OAL 7LH M . -13.00 2.36 24.31
CAK 7LH M . -13.70 2.05 23.13
CAY 7LH M . -12.71 1.96 21.97
CAD 7LH M . -12.10 3.31 21.56
CAB 7LH M . -11.54 3.17 20.15
OAC 7LH M . -12.30 2.86 19.20
OAA 7LH M . -10.31 3.37 19.93
OAE 7LH M . -11.06 3.64 22.45
CAF 7LH M . -13.11 4.49 21.53
CAG 7LH M . -14.10 4.49 22.70
OAH 7LH M . -15.10 5.47 22.46
CAI 7LH M . -14.75 3.12 22.89
OAJ 7LH M . -15.64 3.18 23.99
C1 EDO N . -7.48 8.70 7.18
O1 EDO N . -8.68 8.90 6.41
C2 EDO N . -6.76 10.04 7.36
O2 EDO N . -5.68 10.14 6.42
C1 PEG O . -24.85 -11.91 -12.90
O1 PEG O . -24.08 -10.97 -13.61
C2 PEG O . -26.14 -11.27 -12.41
O2 PEG O . -26.94 -12.24 -11.81
C3 PEG O . -27.57 -11.82 -10.63
C4 PEG O . -29.03 -12.26 -10.65
O4 PEG O . -29.23 -13.24 -9.67
PA NAD P . 22.18 2.81 -28.56
O1A NAD P . 20.74 3.17 -28.15
O2A NAD P . 22.99 4.10 -28.78
O5B NAD P . 22.16 1.93 -29.96
C5B NAD P . 23.36 1.38 -30.44
C4B NAD P . 23.74 1.97 -31.83
O4B NAD P . 23.32 1.17 -32.79
C3B NAD P . 23.07 3.33 -32.08
O3B NAD P . 23.91 4.12 -32.82
C2B NAD P . 21.82 2.97 -32.90
O2B NAD P . 21.40 4.11 -33.76
C1B NAD P . 22.19 1.96 -33.64
N9A NAD P . 21.05 1.06 -33.85
C8A NAD P . 20.14 0.71 -32.95
N7A NAD P . 19.27 -0.10 -33.53
C5A NAD P . 19.62 -0.26 -34.81
C6A NAD P . 19.07 -0.99 -35.84
N6A NAD P . 17.91 -1.86 -35.97
N1A NAD P . 19.63 -0.96 -37.04
C2A NAD P . 20.74 -0.23 -37.26
N3A NAD P . 21.29 0.48 -36.25
C4A NAD P . 20.73 0.46 -35.02
O3 NAD P . 22.88 1.85 -27.40
PN NAD P . 22.08 0.69 -26.54
O1N NAD P . 23.04 -0.43 -26.23
O2N NAD P . 20.94 0.17 -27.29
O5D NAD P . 21.57 1.37 -25.12
C5D NAD P . 22.48 2.14 -24.39
C4D NAD P . 21.71 3.18 -23.52
O4D NAD P . 20.66 2.60 -23.01
C3D NAD P . 22.58 3.66 -22.33
O3D NAD P . 22.42 5.01 -22.14
C2D NAD P . 22.03 2.89 -21.13
O2D NAD P . 22.17 3.74 -19.89
C1D NAD P . 20.75 2.74 -21.41
N1N NAD P . 20.22 1.54 -20.77
C2N NAD P . 19.11 1.64 -20.00
C3N NAD P . 18.59 0.51 -19.38
C7N NAD P . 17.33 0.62 -18.49
O7N NAD P . 16.40 1.21 -18.87
N7N NAD P . 17.28 -0.01 -17.18
C4N NAD P . 19.18 -0.67 -19.56
C5N NAD P . 20.29 -0.77 -20.34
C6N NAD P . 20.81 0.36 -20.96
MG MG Q . 24.39 -2.94 -18.37
CAX 7LH R . 26.67 -0.46 -12.40
CAV 7LH R . 27.82 -0.24 -11.64
OAW 7LH R . 28.12 -1.09 -10.58
CAT 7LH R . 28.67 0.81 -11.96
OAU 7LH R . 29.84 1.02 -11.21
CAS 7LH R . 28.37 1.64 -13.03
CAR 7LH R . 27.23 1.42 -13.78
CAQ 7LH R . 26.38 0.38 -13.46
CAP 7LH R . 25.11 0.13 -14.29
CAO 7LH R . 23.92 0.98 -13.84
CAM 7LH R . 22.81 0.14 -13.19
OAN 7LH R . 22.41 0.43 -12.11
OAL 7LH R . 22.26 -0.97 -13.86
CAK 7LH R . 21.34 -0.65 -14.88
CAY 7LH R . 19.92 -0.73 -14.31
CAD 7LH R . 19.52 -2.15 -13.89
CAB 7LH R . 18.01 -2.16 -13.64
OAC 7LH R . 17.56 -2.27 -12.47
OAA 7LH R . 17.21 -2.05 -14.61
OAE 7LH R . 20.18 -2.48 -12.69
CAF 7LH R . 19.83 -3.23 -14.94
CAG 7LH R . 21.25 -3.11 -15.50
OAH 7LH R . 21.41 -4.00 -16.56
CAI 7LH R . 21.52 -1.68 -16.00
OAJ 7LH R . 22.85 -1.61 -16.48
PA NAD S . -0.41 -33.40 13.84
O1A NAD S . -0.74 -32.67 15.15
O2A NAD S . -1.71 -34.01 13.26
O5B NAD S . 0.67 -34.63 14.15
C5B NAD S . 0.36 -35.93 13.72
C4B NAD S . 0.40 -36.94 14.92
O4B NAD S . 1.64 -37.24 15.23
C3B NAD S . -0.23 -36.33 16.17
O3B NAD S . -0.95 -37.28 16.84
C2B NAD S . 0.97 -35.88 17.02
O2B NAD S . 0.62 -35.93 18.47
C1B NAD S . 1.90 -36.76 16.75
N9A NAD S . 3.22 -36.15 16.85
C8A NAD S . 3.60 -34.94 16.44
N7A NAD S . 4.90 -34.79 16.71
C5A NAD S . 5.33 -35.92 17.29
C6A NAD S . 6.58 -36.29 17.77
N6A NAD S . 7.87 -35.66 17.84
N1A NAD S . 6.74 -37.49 18.31
C2A NAD S . 5.70 -38.34 18.39
N3A NAD S . 4.48 -37.98 17.93
C4A NAD S . 4.31 -36.76 17.38
O3 NAD S . 0.28 -32.37 12.74
PN NAD S . 0.39 -32.68 11.11
O1N NAD S . -0.23 -34.02 10.83
O2N NAD S . 1.78 -32.70 10.68
O5D NAD S . -0.44 -31.52 10.27
C5D NAD S . -1.79 -31.74 9.95
C4D NAD S . -2.66 -30.49 10.30
O4D NAD S . -2.03 -29.39 9.98
C3D NAD S . -3.96 -30.53 9.45
O3D NAD S . -5.06 -30.23 10.22
C2D NAD S . -3.75 -29.47 8.37
O2D NAD S . -5.08 -28.84 8.05
C1D NAD S . -2.94 -28.60 8.92
N1N NAD S . -2.09 -27.96 7.93
C2N NAD S . -1.88 -26.63 7.99
C3N NAD S . -1.05 -26.01 7.04
C7N NAD S . -0.82 -24.48 7.11
O7N NAD S . -0.90 -23.93 8.13
N7N NAD S . -0.53 -23.72 5.89
C4N NAD S . -0.47 -26.74 6.09
C5N NAD S . -0.68 -28.08 6.04
C6N NAD S . -1.49 -28.70 6.97
MG MG T . -1.16 -31.20 1.98
CAX 7LH U . -8.11 -28.19 -0.87
CAV 7LH U . -8.92 -29.20 -1.35
OAW 7LH U . -9.45 -29.07 -2.63
CAT 7LH U . -9.18 -30.31 -0.54
OAU 7LH U . -10.00 -31.37 -0.96
CAS 7LH U . -8.63 -30.39 0.72
CAR 7LH U . -7.82 -29.38 1.17
CAQ 7LH U . -7.56 -28.27 0.39
CAP 7LH U . -6.65 -27.19 0.95
CAO 7LH U . -6.70 -27.19 2.47
CAM 7LH U . -5.33 -27.21 3.14
OAN 7LH U . -5.34 -27.00 4.31
OAL 7LH U . -4.15 -27.49 2.43
CAK 7LH U . -2.93 -27.42 3.16
CAY 7LH U . -2.42 -25.97 2.94
CAD 7LH U . -1.88 -25.67 1.54
CAB 7LH U . -1.29 -24.25 1.42
OAC 7LH U . -0.69 -23.71 2.37
OAA 7LH U . -1.42 -23.55 0.39
OAE 7LH U . -2.93 -25.75 0.62
CAF 7LH U . -0.94 -26.81 1.20
CAG 7LH U . -1.78 -28.09 1.27
OAH 7LH U . -1.27 -29.14 0.51
CAI 7LH U . -1.92 -28.51 2.72
OAJ 7LH U . -2.25 -29.91 2.90
#